data_4WOZ
#
_entry.id   4WOZ
#
_cell.length_a   81.476
_cell.length_b   121.604
_cell.length_c   121.065
_cell.angle_alpha   90.000
_cell.angle_beta   96.120
_cell.angle_gamma   90.000
#
_symmetry.space_group_name_H-M   'P 1 21 1'
#
loop_
_entity.id
_entity.type
_entity.pdbx_description
1 polymer 'N-acetylneuraminate lyase'
2 non-polymer 2-(ACETYLAMINO)-2-DEOXY-D-MANNOSE
3 water water
#
_entity_poly.entity_id   1
_entity_poly.type   'polypeptide(L)'
_entity_poly.pdbx_seq_one_letter_code
;MKIKIGGKDMRTTDMKGIYSALLVSFDKEGNINEKGLRQIIRHNIDVCKVDGLYVGGSTGENFMLSTDEKKRIFEIAKDE
VKEEIKLIAQVGSVNLKEAVELAKFTTDLGYDAISAVTPFYYKFDFEEIKHYYNTIINSVDNRLIIYSIPFLTGVDMSLD
QFGELFENEKIIGVKFTAADFYLLERMRKTFPNKLIFAGFDEMMLPATVLGVDGAIGSTFNVNGVRARQIFELTKNEKIS
EALEVQHVTNDLITDILGNGLYQTIKLLLEEQGVEAGYCRQPMKEATDEMKSRAKEIYRKYF
;
_entity_poly.pdbx_strand_id   A,B,C,D,E,F,G,H
#
# COMPACT_ATOMS: atom_id res chain seq x y z
N THR A 13 0.91 -10.34 34.45
CA THR A 13 2.01 -11.18 35.01
C THR A 13 3.35 -10.83 34.38
N ASP A 14 4.36 -10.60 35.21
CA ASP A 14 5.70 -10.28 34.71
C ASP A 14 6.28 -11.61 34.22
N MET A 15 6.66 -11.68 32.96
CA MET A 15 7.17 -12.92 32.39
C MET A 15 8.68 -13.17 32.45
N LYS A 16 9.43 -12.30 33.10
CA LYS A 16 10.88 -12.50 33.20
C LYS A 16 11.20 -13.74 34.02
N GLY A 17 12.31 -14.40 33.72
CA GLY A 17 12.66 -15.58 34.50
C GLY A 17 13.19 -16.77 33.71
N ILE A 18 13.43 -17.86 34.44
CA ILE A 18 13.94 -19.10 33.87
C ILE A 18 12.78 -20.07 33.62
N TYR A 19 12.61 -20.48 32.37
CA TYR A 19 11.54 -21.40 32.02
C TYR A 19 12.07 -22.72 31.47
N SER A 20 11.48 -23.83 31.92
CA SER A 20 11.87 -25.14 31.41
C SER A 20 10.97 -25.45 30.23
N ALA A 21 11.55 -25.86 29.11
CA ALA A 21 10.75 -26.25 27.96
C ALA A 21 10.30 -27.66 28.38
N LEU A 22 9.06 -27.75 28.85
CA LEU A 22 8.50 -28.99 29.34
C LEU A 22 8.52 -30.20 28.41
N LEU A 23 9.06 -31.31 28.93
CA LEU A 23 9.09 -32.55 28.17
C LEU A 23 7.83 -33.30 28.55
N VAL A 24 7.41 -34.20 27.68
CA VAL A 24 6.20 -34.98 27.94
C VAL A 24 6.59 -36.44 28.15
N SER A 25 5.77 -37.15 28.92
CA SER A 25 6.03 -38.54 29.20
C SER A 25 5.21 -39.41 28.24
N PHE A 26 5.84 -40.44 27.69
CA PHE A 26 5.19 -41.36 26.77
C PHE A 26 5.54 -42.78 27.17
N ASP A 27 4.62 -43.71 26.93
CA ASP A 27 4.90 -45.11 27.24
C ASP A 27 5.57 -45.70 26.00
N LYS A 28 5.86 -47.00 26.04
CA LYS A 28 6.51 -47.64 24.90
C LYS A 28 5.62 -47.68 23.66
N GLU A 29 4.31 -47.60 23.88
CA GLU A 29 3.37 -47.61 22.76
C GLU A 29 3.18 -46.19 22.22
N GLY A 30 3.86 -45.24 22.83
CA GLY A 30 3.77 -43.86 22.37
C GLY A 30 2.60 -43.08 22.93
N ASN A 31 1.90 -43.65 23.91
CA ASN A 31 0.76 -42.97 24.51
C ASN A 31 1.24 -42.08 25.65
N ILE A 32 0.53 -40.97 25.87
CA ILE A 32 0.88 -40.05 26.94
C ILE A 32 0.72 -40.69 28.32
N ASN A 33 1.72 -40.50 29.18
CA ASN A 33 1.70 -41.04 30.54
C ASN A 33 1.38 -39.84 31.45
N GLU A 34 0.11 -39.67 31.81
CA GLU A 34 -0.29 -38.55 32.63
C GLU A 34 0.46 -38.44 33.95
N LYS A 35 0.64 -39.55 34.65
CA LYS A 35 1.35 -39.48 35.92
C LYS A 35 2.76 -38.97 35.66
N GLY A 36 3.43 -39.57 34.67
CA GLY A 36 4.78 -39.17 34.33
C GLY A 36 4.85 -37.69 33.99
N LEU A 37 3.89 -37.22 33.20
CA LEU A 37 3.85 -35.82 32.81
C LEU A 37 3.72 -34.94 34.06
N ARG A 38 2.86 -35.35 34.98
CA ARG A 38 2.68 -34.60 36.22
C ARG A 38 3.94 -34.63 37.08
N GLN A 39 4.69 -35.72 37.02
CA GLN A 39 5.92 -35.83 37.80
C GLN A 39 6.98 -34.89 37.21
N ILE A 40 7.06 -34.82 35.88
CA ILE A 40 8.02 -33.93 35.24
C ILE A 40 7.72 -32.50 35.70
N ILE A 41 6.46 -32.12 35.60
CA ILE A 41 6.01 -30.80 36.00
C ILE A 41 6.38 -30.51 37.45
N ARG A 42 6.01 -31.43 38.34
CA ARG A 42 6.31 -31.30 39.77
C ARG A 42 7.80 -31.20 40.02
N HIS A 43 8.57 -31.95 39.24
CA HIS A 43 10.02 -31.96 39.36
C HIS A 43 10.60 -30.59 39.04
N ASN A 44 10.08 -29.97 37.97
CA ASN A 44 10.56 -28.66 37.56
C ASN A 44 10.22 -27.58 38.60
N ILE A 45 9.06 -27.70 39.22
CA ILE A 45 8.64 -26.71 40.23
C ILE A 45 9.35 -26.92 41.56
N ASP A 46 9.28 -28.13 42.08
CA ASP A 46 9.85 -28.43 43.39
C ASP A 46 11.34 -28.73 43.48
N VAL A 47 11.93 -29.25 42.40
CA VAL A 47 13.35 -29.57 42.44
C VAL A 47 14.19 -28.60 41.64
N CYS A 48 13.80 -28.33 40.40
CA CYS A 48 14.53 -27.41 39.54
C CYS A 48 14.29 -25.97 39.96
N LYS A 49 13.15 -25.70 40.58
CA LYS A 49 12.81 -24.35 41.03
C LYS A 49 12.79 -23.31 39.90
N VAL A 50 12.24 -23.67 38.76
CA VAL A 50 12.17 -22.71 37.66
C VAL A 50 11.06 -21.70 37.91
N ASP A 51 11.10 -20.58 37.20
CA ASP A 51 10.11 -19.54 37.36
C ASP A 51 8.82 -19.86 36.61
N GLY A 52 8.90 -20.82 35.69
CA GLY A 52 7.74 -21.19 34.93
C GLY A 52 8.03 -22.29 33.93
N LEU A 53 7.03 -22.65 33.17
CA LEU A 53 7.17 -23.69 32.17
C LEU A 53 6.75 -23.18 30.81
N TYR A 54 7.43 -23.68 29.78
CA TYR A 54 7.17 -23.34 28.39
C TYR A 54 6.58 -24.66 27.90
N VAL A 55 5.27 -24.66 27.68
CA VAL A 55 4.57 -25.87 27.27
C VAL A 55 4.23 -25.92 25.79
N GLY A 56 4.43 -27.10 25.18
CA GLY A 56 4.13 -27.27 23.77
C GLY A 56 5.27 -26.93 22.85
N GLY A 57 6.47 -26.83 23.39
CA GLY A 57 7.61 -26.50 22.55
C GLY A 57 8.21 -27.71 21.86
N SER A 58 9.26 -27.47 21.09
CA SER A 58 9.96 -28.52 20.36
C SER A 58 10.37 -29.63 21.32
N THR A 59 10.85 -29.22 22.50
CA THR A 59 11.31 -30.15 23.53
C THR A 59 10.18 -31.05 24.05
N GLY A 60 8.94 -30.57 23.93
CA GLY A 60 7.81 -31.37 24.38
C GLY A 60 7.36 -32.30 23.28
N GLU A 61 8.17 -32.39 22.22
CA GLU A 61 7.88 -33.24 21.06
C GLU A 61 6.52 -32.86 20.47
N ASN A 62 6.15 -31.61 20.68
CA ASN A 62 4.89 -31.04 20.22
C ASN A 62 4.51 -31.40 18.78
N PHE A 63 5.44 -31.20 17.86
CA PHE A 63 5.21 -31.46 16.45
C PHE A 63 5.03 -32.91 16.03
N MET A 64 5.00 -33.82 17.00
CA MET A 64 4.80 -35.24 16.75
C MET A 64 3.49 -35.64 17.39
N LEU A 65 2.74 -34.67 17.87
CA LEU A 65 1.48 -34.94 18.56
C LEU A 65 0.25 -34.43 17.82
N SER A 66 -0.89 -35.08 18.06
CA SER A 66 -2.15 -34.69 17.46
C SER A 66 -2.65 -33.49 18.23
N THR A 67 -3.54 -32.70 17.62
CA THR A 67 -4.08 -31.53 18.27
C THR A 67 -4.74 -31.86 19.61
N ASP A 68 -5.41 -33.01 19.71
CA ASP A 68 -6.07 -33.40 20.95
C ASP A 68 -5.04 -33.68 22.05
N GLU A 69 -3.92 -34.27 21.66
CA GLU A 69 -2.88 -34.57 22.63
C GLU A 69 -2.32 -33.25 23.16
N LYS A 70 -2.15 -32.28 22.27
CA LYS A 70 -1.63 -30.97 22.64
C LYS A 70 -2.55 -30.35 23.69
N LYS A 71 -3.86 -30.47 23.46
CA LYS A 71 -4.83 -29.92 24.38
C LYS A 71 -4.76 -30.62 25.74
N ARG A 72 -4.67 -31.95 25.74
CA ARG A 72 -4.60 -32.66 27.01
C ARG A 72 -3.36 -32.23 27.79
N ILE A 73 -2.26 -32.03 27.07
CA ILE A 73 -1.02 -31.59 27.70
C ILE A 73 -1.22 -30.22 28.34
N PHE A 74 -1.85 -29.31 27.61
CA PHE A 74 -2.09 -27.97 28.14
C PHE A 74 -2.97 -28.02 29.39
N GLU A 75 -3.98 -28.89 29.36
CA GLU A 75 -4.88 -29.02 30.50
C GLU A 75 -4.17 -29.61 31.72
N ILE A 76 -3.40 -30.67 31.49
CA ILE A 76 -2.67 -31.28 32.59
C ILE A 76 -1.66 -30.34 33.20
N ALA A 77 -0.95 -29.59 32.37
CA ALA A 77 0.05 -28.66 32.87
C ALA A 77 -0.56 -27.60 33.77
N LYS A 78 -1.65 -26.99 33.30
CA LYS A 78 -2.33 -25.95 34.06
C LYS A 78 -2.93 -26.51 35.35
N ASP A 79 -3.56 -27.67 35.26
CA ASP A 79 -4.16 -28.29 36.45
C ASP A 79 -3.10 -28.59 37.50
N GLU A 80 -2.00 -29.17 37.06
CA GLU A 80 -0.91 -29.54 37.96
C GLU A 80 -0.18 -28.34 38.56
N VAL A 81 0.05 -27.30 37.75
CA VAL A 81 0.76 -26.12 38.22
C VAL A 81 -0.16 -25.18 38.99
N LYS A 82 -1.37 -25.00 38.48
CA LYS A 82 -2.36 -24.12 39.08
C LYS A 82 -1.87 -22.68 38.95
N GLU A 83 -1.43 -22.07 40.02
CA GLU A 83 -0.79 -20.80 40.00
C GLU A 83 0.53 -20.67 40.67
N GLU A 84 1.06 -21.78 40.96
CA GLU A 84 2.37 -21.81 41.62
C GLU A 84 3.46 -21.10 40.79
N ILE A 85 3.53 -21.40 39.50
CA ILE A 85 4.52 -20.74 38.64
C ILE A 85 3.85 -20.24 37.36
N LYS A 86 4.61 -19.49 36.56
CA LYS A 86 4.13 -18.94 35.30
C LYS A 86 4.04 -19.97 34.19
N LEU A 87 3.16 -19.71 33.23
CA LEU A 87 2.95 -20.61 32.13
C LEU A 87 2.92 -19.90 30.77
N ILE A 88 3.71 -20.42 29.84
CA ILE A 88 3.74 -19.89 28.49
C ILE A 88 3.34 -21.05 27.58
N ALA A 89 2.41 -20.81 26.67
CA ALA A 89 1.96 -21.87 25.79
C ALA A 89 2.44 -21.66 24.35
N GLN A 90 3.18 -22.63 23.82
CA GLN A 90 3.65 -22.54 22.44
C GLN A 90 2.47 -23.08 21.64
N VAL A 91 1.84 -22.22 20.85
CA VAL A 91 0.67 -22.66 20.08
C VAL A 91 0.89 -22.73 18.57
N GLY A 92 2.05 -22.31 18.10
CA GLY A 92 2.33 -22.35 16.67
C GLY A 92 2.58 -23.71 16.04
N SER A 93 2.54 -23.73 14.71
CA SER A 93 2.77 -24.94 13.91
C SER A 93 2.50 -24.59 12.46
N VAL A 94 2.72 -25.54 11.55
CA VAL A 94 2.48 -25.28 10.14
C VAL A 94 1.00 -24.99 9.89
N ASN A 95 0.14 -25.56 10.73
CA ASN A 95 -1.31 -25.35 10.61
C ASN A 95 -1.79 -24.16 11.45
N LEU A 96 -2.09 -23.06 10.77
CA LEU A 96 -2.56 -21.85 11.43
C LEU A 96 -3.89 -22.00 12.17
N LYS A 97 -4.87 -22.64 11.54
CA LYS A 97 -6.18 -22.83 12.18
C LYS A 97 -6.00 -23.50 13.52
N GLU A 98 -5.08 -24.47 13.59
CA GLU A 98 -4.81 -25.16 14.84
C GLU A 98 -4.18 -24.19 15.83
N ALA A 99 -3.28 -23.36 15.33
CA ALA A 99 -2.60 -22.39 16.17
C ALA A 99 -3.59 -21.45 16.83
N VAL A 100 -4.52 -20.91 16.04
CA VAL A 100 -5.52 -20.00 16.58
C VAL A 100 -6.42 -20.72 17.57
N GLU A 101 -6.70 -22.00 17.31
CA GLU A 101 -7.55 -22.76 18.22
C GLU A 101 -6.84 -22.98 19.56
N LEU A 102 -5.54 -23.27 19.50
CA LEU A 102 -4.75 -23.51 20.69
C LEU A 102 -4.54 -22.23 21.49
N ALA A 103 -4.45 -21.10 20.81
CA ALA A 103 -4.26 -19.82 21.49
C ALA A 103 -5.51 -19.56 22.31
N LYS A 104 -6.67 -19.91 21.77
CA LYS A 104 -7.95 -19.72 22.45
C LYS A 104 -8.02 -20.67 23.64
N PHE A 105 -7.78 -21.95 23.37
CA PHE A 105 -7.82 -22.98 24.40
C PHE A 105 -6.94 -22.60 25.59
N THR A 106 -5.66 -22.32 25.34
CA THR A 106 -4.74 -21.98 26.41
C THR A 106 -5.08 -20.67 27.12
N THR A 107 -5.51 -19.67 26.36
CA THR A 107 -5.87 -18.40 26.98
C THR A 107 -7.02 -18.61 27.96
N ASP A 108 -7.98 -19.44 27.58
CA ASP A 108 -9.12 -19.72 28.44
C ASP A 108 -8.69 -20.51 29.67
N LEU A 109 -7.64 -21.31 29.52
CA LEU A 109 -7.11 -22.10 30.63
C LEU A 109 -6.34 -21.20 31.60
N GLY A 110 -6.10 -19.96 31.16
CA GLY A 110 -5.39 -19.02 32.01
C GLY A 110 -3.88 -18.97 31.85
N TYR A 111 -3.36 -19.38 30.69
CA TYR A 111 -1.91 -19.30 30.47
C TYR A 111 -1.53 -17.83 30.48
N ASP A 112 -0.41 -17.53 31.14
CA ASP A 112 0.08 -16.16 31.27
C ASP A 112 0.48 -15.51 29.94
N ALA A 113 0.92 -16.34 29.01
CA ALA A 113 1.31 -15.86 27.69
C ALA A 113 1.36 -17.00 26.70
N ILE A 114 1.38 -16.66 25.42
CA ILE A 114 1.47 -17.69 24.40
C ILE A 114 2.71 -17.41 23.55
N SER A 115 3.13 -18.42 22.81
CA SER A 115 4.30 -18.30 21.96
C SER A 115 3.97 -18.98 20.65
N ALA A 116 4.68 -18.59 19.58
CA ALA A 116 4.42 -19.19 18.27
C ALA A 116 5.69 -19.26 17.44
N VAL A 117 6.08 -20.48 17.08
CA VAL A 117 7.26 -20.68 16.26
C VAL A 117 6.94 -20.18 14.86
N THR A 118 7.97 -19.78 14.12
CA THR A 118 7.80 -19.32 12.76
C THR A 118 7.26 -20.50 11.96
N PRO A 119 6.24 -20.27 11.10
CA PRO A 119 5.71 -21.39 10.32
C PRO A 119 6.83 -21.99 9.45
N PHE A 120 6.92 -23.31 9.39
CA PHE A 120 7.98 -23.94 8.61
C PHE A 120 7.55 -24.90 7.50
N TYR A 121 8.54 -25.66 7.02
CA TYR A 121 8.37 -26.61 5.93
C TYR A 121 8.24 -25.84 4.62
N TYR A 122 7.13 -25.10 4.48
CA TYR A 122 6.91 -24.28 3.29
C TYR A 122 7.74 -23.01 3.47
N LYS A 123 8.10 -22.37 2.37
CA LYS A 123 8.89 -21.14 2.43
C LYS A 123 7.99 -19.90 2.41
N PHE A 124 7.46 -19.54 3.57
CA PHE A 124 6.58 -18.37 3.71
C PHE A 124 7.41 -17.09 3.72
N ASP A 125 6.97 -16.07 2.99
CA ASP A 125 7.70 -14.81 2.98
C ASP A 125 7.36 -14.04 4.25
N PHE A 126 7.94 -12.85 4.43
CA PHE A 126 7.69 -12.07 5.64
C PHE A 126 6.25 -11.61 5.84
N GLU A 127 5.60 -11.14 4.77
CA GLU A 127 4.22 -10.68 4.88
C GLU A 127 3.35 -11.79 5.43
N GLU A 128 3.57 -13.00 4.94
CA GLU A 128 2.80 -14.16 5.38
C GLU A 128 3.12 -14.50 6.83
N ILE A 129 4.38 -14.37 7.20
CA ILE A 129 4.81 -14.64 8.58
C ILE A 129 4.21 -13.58 9.51
N LYS A 130 4.22 -12.34 9.06
CA LYS A 130 3.67 -11.23 9.85
C LYS A 130 2.18 -11.41 10.10
N HIS A 131 1.46 -11.86 9.08
CA HIS A 131 0.02 -12.08 9.21
C HIS A 131 -0.25 -13.27 10.12
N TYR A 132 0.64 -14.26 10.05
CA TYR A 132 0.52 -15.45 10.89
C TYR A 132 0.53 -15.04 12.36
N TYR A 133 1.47 -14.19 12.75
CA TYR A 133 1.57 -13.73 14.13
C TYR A 133 0.41 -12.83 14.56
N ASN A 134 0.04 -11.88 13.72
CA ASN A 134 -1.07 -10.98 14.04
C ASN A 134 -2.37 -11.75 14.16
N THR A 135 -2.61 -12.68 13.26
CA THR A 135 -3.83 -13.47 13.30
C THR A 135 -3.92 -14.20 14.64
N ILE A 136 -2.82 -14.82 15.03
CA ILE A 136 -2.78 -15.56 16.29
C ILE A 136 -3.07 -14.70 17.52
N ILE A 137 -2.27 -13.66 17.74
CA ILE A 137 -2.44 -12.81 18.92
C ILE A 137 -3.66 -11.91 18.91
N ASN A 138 -4.15 -11.54 17.73
CA ASN A 138 -5.32 -10.68 17.67
C ASN A 138 -6.60 -11.48 17.95
N SER A 139 -6.49 -12.80 17.84
CA SER A 139 -7.62 -13.69 18.09
C SER A 139 -7.94 -13.87 19.57
N VAL A 140 -7.01 -13.48 20.44
CA VAL A 140 -7.24 -13.65 21.87
C VAL A 140 -6.79 -12.48 22.73
N ASP A 141 -7.19 -12.52 23.99
CA ASP A 141 -6.84 -11.48 24.95
C ASP A 141 -5.65 -12.00 25.75
N ASN A 142 -4.48 -11.99 25.13
CA ASN A 142 -3.27 -12.48 25.76
C ASN A 142 -2.06 -11.70 25.22
N ARG A 143 -0.86 -12.20 25.50
CA ARG A 143 0.37 -11.57 25.04
C ARG A 143 1.20 -12.63 24.34
N LEU A 144 1.89 -12.26 23.25
CA LEU A 144 2.67 -13.26 22.52
C LEU A 144 4.17 -13.03 22.41
N ILE A 145 4.89 -14.14 22.47
CA ILE A 145 6.34 -14.16 22.36
C ILE A 145 6.70 -14.89 21.06
N ILE A 146 7.57 -14.28 20.26
CA ILE A 146 8.01 -14.88 19.00
C ILE A 146 9.01 -16.00 19.30
N TYR A 147 8.95 -17.08 18.52
CA TYR A 147 9.87 -18.22 18.67
C TYR A 147 10.55 -18.49 17.33
N SER A 148 11.77 -17.98 17.17
CA SER A 148 12.53 -18.09 15.92
C SER A 148 13.13 -19.46 15.54
N ILE A 149 13.93 -20.04 16.45
CA ILE A 149 14.57 -21.34 16.22
C ILE A 149 15.00 -21.62 14.77
N PRO A 150 15.86 -20.75 14.20
CA PRO A 150 16.34 -20.91 12.81
C PRO A 150 17.12 -22.21 12.58
N PHE A 151 17.58 -22.82 13.67
CA PHE A 151 18.35 -24.06 13.59
C PHE A 151 17.53 -25.24 13.06
N LEU A 152 16.24 -25.24 13.38
CA LEU A 152 15.36 -26.32 12.94
C LEU A 152 14.33 -25.87 11.89
N THR A 153 14.19 -24.56 11.71
CA THR A 153 13.24 -24.02 10.76
C THR A 153 13.88 -23.53 9.46
N GLY A 154 14.98 -22.80 9.59
CA GLY A 154 15.67 -22.28 8.43
C GLY A 154 15.27 -20.83 8.16
N VAL A 155 14.37 -20.32 8.99
CA VAL A 155 13.88 -18.95 8.86
C VAL A 155 14.79 -17.97 9.59
N ASP A 156 15.36 -17.03 8.83
CA ASP A 156 16.26 -16.01 9.39
C ASP A 156 15.62 -14.62 9.33
N MET A 157 15.09 -14.18 10.47
CA MET A 157 14.44 -12.88 10.57
C MET A 157 15.53 -11.81 10.77
N SER A 158 15.35 -10.65 10.15
CA SER A 158 16.31 -9.55 10.28
C SER A 158 15.85 -8.61 11.39
N LEU A 159 16.72 -7.65 11.76
CA LEU A 159 16.40 -6.69 12.81
C LEU A 159 15.17 -5.85 12.45
N ASP A 160 15.11 -5.41 11.20
CA ASP A 160 13.99 -4.60 10.71
C ASP A 160 12.66 -5.34 10.72
N GLN A 161 12.72 -6.62 10.39
CA GLN A 161 11.51 -7.45 10.36
C GLN A 161 10.96 -7.64 11.77
N PHE A 162 11.86 -7.85 12.73
CA PHE A 162 11.44 -8.01 14.12
C PHE A 162 10.75 -6.72 14.55
N GLY A 163 11.26 -5.60 14.04
CA GLY A 163 10.70 -4.30 14.38
C GLY A 163 9.29 -4.16 13.84
N GLU A 164 9.00 -4.82 12.72
CA GLU A 164 7.67 -4.74 12.13
C GLU A 164 6.67 -5.53 12.98
N LEU A 165 7.11 -6.68 13.48
CA LEU A 165 6.25 -7.51 14.31
C LEU A 165 5.99 -6.82 15.65
N PHE A 166 7.03 -6.26 16.25
CA PHE A 166 6.88 -5.59 17.54
C PHE A 166 5.97 -4.37 17.50
N GLU A 167 5.39 -4.09 16.34
CA GLU A 167 4.48 -2.95 16.21
C GLU A 167 3.25 -3.28 17.03
N ASN A 168 2.88 -4.56 17.04
CA ASN A 168 1.73 -5.05 17.79
C ASN A 168 2.08 -5.04 19.27
N GLU A 169 1.44 -4.15 20.02
CA GLU A 169 1.69 -4.02 21.45
C GLU A 169 1.46 -5.30 22.24
N LYS A 170 0.73 -6.24 21.65
CA LYS A 170 0.47 -7.51 22.33
C LYS A 170 1.60 -8.51 22.11
N ILE A 171 2.52 -8.17 21.20
CA ILE A 171 3.68 -9.01 20.96
C ILE A 171 4.75 -8.38 21.87
N ILE A 172 4.90 -8.97 23.05
CA ILE A 172 5.80 -8.46 24.08
C ILE A 172 7.23 -8.96 24.10
N GLY A 173 7.57 -9.96 23.30
CA GLY A 173 8.93 -10.46 23.33
C GLY A 173 9.30 -11.47 22.27
N VAL A 174 10.46 -12.09 22.45
CA VAL A 174 10.97 -13.08 21.52
C VAL A 174 11.87 -14.10 22.18
N LYS A 175 11.79 -15.36 21.74
CA LYS A 175 12.64 -16.42 22.25
C LYS A 175 13.69 -16.55 21.17
N PHE A 176 14.88 -16.03 21.44
CA PHE A 176 15.99 -16.02 20.50
C PHE A 176 16.78 -17.32 20.59
N THR A 177 16.55 -18.23 19.65
CA THR A 177 17.27 -19.51 19.67
C THR A 177 18.30 -19.62 18.54
N ALA A 178 18.85 -18.48 18.13
CA ALA A 178 19.86 -18.45 17.07
C ALA A 178 21.16 -17.95 17.69
N ALA A 179 22.28 -18.58 17.34
CA ALA A 179 23.57 -18.20 17.90
C ALA A 179 24.21 -16.94 17.32
N ASP A 180 23.39 -15.97 16.93
CA ASP A 180 23.90 -14.72 16.37
C ASP A 180 23.86 -13.67 17.46
N PHE A 181 24.97 -13.51 18.18
CA PHE A 181 25.03 -12.54 19.25
C PHE A 181 25.10 -11.10 18.78
N TYR A 182 25.39 -10.90 17.50
CA TYR A 182 25.42 -9.55 16.94
C TYR A 182 23.96 -9.10 16.91
N LEU A 183 23.11 -9.93 16.31
CA LEU A 183 21.68 -9.63 16.22
C LEU A 183 21.05 -9.56 17.62
N LEU A 184 21.50 -10.41 18.52
CA LEU A 184 20.95 -10.41 19.88
C LEU A 184 21.23 -9.06 20.56
N GLU A 185 22.47 -8.60 20.46
CA GLU A 185 22.88 -7.33 21.03
C GLU A 185 22.08 -6.19 20.40
N ARG A 186 21.90 -6.27 19.09
CA ARG A 186 21.14 -5.26 18.35
C ARG A 186 19.68 -5.25 18.82
N MET A 187 19.12 -6.44 19.02
CA MET A 187 17.74 -6.56 19.50
C MET A 187 17.57 -5.93 20.88
N ARG A 188 18.51 -6.22 21.78
CA ARG A 188 18.45 -5.70 23.16
C ARG A 188 18.46 -4.17 23.16
N LYS A 189 19.36 -3.60 22.38
CA LYS A 189 19.53 -2.16 22.26
C LYS A 189 18.37 -1.50 21.50
N THR A 190 17.89 -2.15 20.45
CA THR A 190 16.80 -1.59 19.65
C THR A 190 15.42 -1.73 20.29
N PHE A 191 15.21 -2.78 21.06
CA PHE A 191 13.91 -3.00 21.70
C PHE A 191 14.06 -3.17 23.22
N PRO A 192 14.44 -2.10 23.92
CA PRO A 192 14.61 -2.14 25.38
C PRO A 192 13.33 -2.35 26.18
N ASN A 193 12.19 -2.26 25.51
CA ASN A 193 10.89 -2.41 26.16
C ASN A 193 10.24 -3.77 25.90
N LYS A 194 10.97 -4.66 25.23
CA LYS A 194 10.46 -5.98 24.92
C LYS A 194 11.27 -7.05 25.67
N LEU A 195 10.67 -8.21 25.89
CA LEU A 195 11.36 -9.28 26.58
C LEU A 195 12.19 -10.09 25.60
N ILE A 196 13.41 -10.44 25.99
CA ILE A 196 14.26 -11.25 25.13
C ILE A 196 14.71 -12.48 25.89
N PHE A 197 14.31 -13.65 25.40
CA PHE A 197 14.65 -14.91 26.06
C PHE A 197 15.71 -15.68 25.28
N ALA A 198 16.70 -16.18 26.00
CA ALA A 198 17.77 -16.97 25.41
C ALA A 198 17.23 -18.40 25.26
N GLY A 199 17.50 -19.01 24.12
CA GLY A 199 17.02 -20.37 23.89
C GLY A 199 18.14 -21.35 23.67
N PHE A 200 19.38 -20.93 23.94
CA PHE A 200 20.55 -21.78 23.76
C PHE A 200 21.22 -22.04 25.11
N ASP A 201 20.80 -23.13 25.76
CA ASP A 201 21.31 -23.51 27.07
C ASP A 201 22.82 -23.47 27.22
N GLU A 202 23.53 -23.96 26.20
CA GLU A 202 24.99 -24.00 26.21
C GLU A 202 25.66 -22.63 26.05
N MET A 203 24.85 -21.59 25.84
CA MET A 203 25.38 -20.25 25.66
C MET A 203 24.65 -19.25 26.57
N MET A 204 24.17 -19.76 27.70
CA MET A 204 23.44 -18.94 28.66
C MET A 204 24.23 -17.75 29.22
N LEU A 205 25.47 -18.00 29.62
CA LEU A 205 26.31 -16.95 30.18
C LEU A 205 26.50 -15.77 29.21
N PRO A 206 26.97 -16.04 27.98
CA PRO A 206 27.15 -14.90 27.06
C PRO A 206 25.85 -14.19 26.70
N ALA A 207 24.74 -14.91 26.70
CA ALA A 207 23.47 -14.28 26.36
C ALA A 207 23.01 -13.39 27.52
N THR A 208 23.24 -13.84 28.74
CA THR A 208 22.84 -13.08 29.91
C THR A 208 23.61 -11.77 29.99
N VAL A 209 24.89 -11.79 29.63
CA VAL A 209 25.69 -10.57 29.67
C VAL A 209 25.18 -9.55 28.64
N LEU A 210 24.43 -10.02 27.65
CA LEU A 210 23.88 -9.13 26.63
C LEU A 210 22.51 -8.59 27.04
N GLY A 211 22.11 -8.88 28.28
CA GLY A 211 20.85 -8.38 28.79
C GLY A 211 19.54 -9.14 28.58
N VAL A 212 19.58 -10.43 28.28
CA VAL A 212 18.33 -11.17 28.10
C VAL A 212 17.51 -11.12 29.39
N ASP A 213 16.19 -11.24 29.24
CA ASP A 213 15.29 -11.17 30.37
C ASP A 213 15.02 -12.50 31.05
N GLY A 214 15.63 -13.56 30.51
CA GLY A 214 15.44 -14.88 31.07
C GLY A 214 15.85 -15.92 30.05
N ALA A 215 15.52 -17.17 30.31
CA ALA A 215 15.90 -18.23 29.39
C ALA A 215 14.85 -19.32 29.37
N ILE A 216 14.70 -19.93 28.20
CA ILE A 216 13.75 -21.02 27.99
C ILE A 216 14.62 -22.14 27.45
N GLY A 217 14.81 -23.19 28.25
CA GLY A 217 15.65 -24.29 27.82
C GLY A 217 15.16 -25.69 28.12
N SER A 218 15.52 -26.60 27.24
CA SER A 218 15.14 -28.00 27.37
C SER A 218 15.93 -28.72 28.47
N THR A 219 17.18 -28.32 28.68
CA THR A 219 18.01 -28.98 29.69
C THR A 219 17.68 -28.55 31.11
N PHE A 220 16.87 -27.51 31.25
CA PHE A 220 16.48 -27.02 32.57
C PHE A 220 15.59 -28.05 33.29
N ASN A 221 14.99 -28.96 32.53
CA ASN A 221 14.17 -30.01 33.14
C ASN A 221 14.98 -30.85 34.11
N VAL A 222 16.30 -30.96 33.86
CA VAL A 222 17.16 -31.75 34.72
C VAL A 222 18.34 -30.96 35.28
N ASN A 223 18.54 -29.74 34.76
CA ASN A 223 19.66 -28.92 35.19
C ASN A 223 19.24 -27.52 35.65
N GLY A 224 17.98 -27.39 36.06
CA GLY A 224 17.44 -26.12 36.50
C GLY A 224 18.24 -25.37 37.56
N VAL A 225 18.82 -26.10 38.49
CA VAL A 225 19.60 -25.48 39.55
C VAL A 225 20.84 -24.75 39.01
N ARG A 226 21.66 -25.44 38.21
CA ARG A 226 22.83 -24.80 37.62
C ARG A 226 22.42 -23.65 36.71
N ALA A 227 21.36 -23.86 35.93
CA ALA A 227 20.90 -22.82 35.01
C ALA A 227 20.63 -21.55 35.80
N ARG A 228 19.95 -21.70 36.94
CA ARG A 228 19.63 -20.55 37.79
C ARG A 228 20.91 -19.93 38.35
N GLN A 229 21.88 -20.77 38.74
CA GLN A 229 23.14 -20.25 39.27
C GLN A 229 23.85 -19.42 38.20
N ILE A 230 23.87 -19.91 36.96
CA ILE A 230 24.53 -19.18 35.88
C ILE A 230 23.88 -17.80 35.70
N PHE A 231 22.56 -17.79 35.59
CA PHE A 231 21.82 -16.55 35.40
C PHE A 231 22.03 -15.58 36.57
N GLU A 232 21.81 -16.07 37.79
CA GLU A 232 21.96 -15.24 38.98
C GLU A 232 23.38 -14.78 39.31
N LEU A 233 24.37 -15.64 39.10
CA LEU A 233 25.75 -15.24 39.34
C LEU A 233 26.10 -14.12 38.36
N THR A 234 25.65 -14.27 37.11
CA THR A 234 25.91 -13.27 36.09
C THR A 234 25.28 -11.93 36.44
N LYS A 235 24.01 -11.93 36.81
CA LYS A 235 23.33 -10.69 37.17
C LYS A 235 24.02 -10.04 38.38
N ASN A 236 24.77 -10.82 39.13
CA ASN A 236 25.50 -10.33 40.30
C ASN A 236 26.95 -10.01 39.94
N GLU A 237 27.25 -10.12 38.65
CA GLU A 237 28.58 -9.84 38.11
C GLU A 237 29.69 -10.76 38.59
N LYS A 238 29.32 -11.95 39.02
CA LYS A 238 30.31 -12.93 39.46
C LYS A 238 30.53 -13.84 38.26
N ILE A 239 31.25 -13.30 37.27
CA ILE A 239 31.53 -13.98 36.01
C ILE A 239 32.44 -15.20 36.06
N SER A 240 33.51 -15.14 36.86
CA SER A 240 34.42 -16.27 36.95
C SER A 240 33.62 -17.47 37.42
N GLU A 241 32.78 -17.25 38.42
CA GLU A 241 31.94 -18.30 38.97
C GLU A 241 30.92 -18.80 37.94
N ALA A 242 30.26 -17.87 37.25
CA ALA A 242 29.26 -18.24 36.25
C ALA A 242 29.89 -19.10 35.16
N LEU A 243 31.07 -18.72 34.72
CA LEU A 243 31.77 -19.46 33.68
C LEU A 243 32.05 -20.90 34.11
N GLU A 244 32.41 -21.09 35.37
CA GLU A 244 32.69 -22.43 35.87
C GLU A 244 31.42 -23.29 35.87
N VAL A 245 30.28 -22.68 36.19
CA VAL A 245 29.03 -23.44 36.19
C VAL A 245 28.63 -23.74 34.74
N GLN A 246 28.94 -22.81 33.83
CA GLN A 246 28.64 -23.00 32.41
C GLN A 246 29.53 -24.10 31.83
N HIS A 247 30.75 -24.22 32.35
CA HIS A 247 31.67 -25.25 31.88
C HIS A 247 31.11 -26.63 32.21
N VAL A 248 30.68 -26.82 33.45
CA VAL A 248 30.11 -28.10 33.86
C VAL A 248 28.81 -28.34 33.10
N THR A 249 28.02 -27.29 32.94
CA THR A 249 26.76 -27.40 32.22
C THR A 249 26.99 -27.88 30.78
N ASN A 250 28.01 -27.34 30.13
CA ASN A 250 28.32 -27.71 28.76
C ASN A 250 28.95 -29.09 28.65
N ASP A 251 29.62 -29.54 29.70
CA ASP A 251 30.18 -30.89 29.70
C ASP A 251 28.99 -31.83 29.64
N LEU A 252 27.97 -31.50 30.43
CA LEU A 252 26.74 -32.28 30.49
C LEU A 252 25.99 -32.24 29.17
N ILE A 253 25.83 -31.03 28.62
CA ILE A 253 25.12 -30.86 27.35
C ILE A 253 25.86 -31.59 26.24
N THR A 254 27.19 -31.57 26.30
CA THR A 254 27.98 -32.23 25.30
C THR A 254 27.72 -33.75 25.35
N ASP A 255 27.72 -34.32 26.55
CA ASP A 255 27.49 -35.76 26.69
C ASP A 255 26.07 -36.12 26.27
N ILE A 256 25.11 -35.28 26.64
CA ILE A 256 23.72 -35.53 26.28
C ILE A 256 23.55 -35.59 24.76
N LEU A 257 24.10 -34.59 24.07
CA LEU A 257 23.98 -34.54 22.61
C LEU A 257 24.62 -35.76 21.94
N GLY A 258 25.77 -36.17 22.46
CA GLY A 258 26.46 -37.33 21.89
C GLY A 258 25.75 -38.65 22.13
N ASN A 259 24.90 -38.72 23.15
CA ASN A 259 24.17 -39.94 23.48
C ASN A 259 22.74 -39.96 22.98
N GLY A 260 22.27 -38.83 22.45
CA GLY A 260 20.90 -38.74 21.96
C GLY A 260 20.19 -37.78 22.89
N LEU A 261 20.02 -36.55 22.41
CA LEU A 261 19.40 -35.48 23.17
C LEU A 261 18.17 -35.81 24.01
N TYR A 262 17.05 -36.01 23.34
CA TYR A 262 15.80 -36.28 24.04
C TYR A 262 15.78 -37.57 24.83
N GLN A 263 16.35 -38.64 24.28
CA GLN A 263 16.38 -39.92 24.98
C GLN A 263 17.16 -39.79 26.28
N THR A 264 18.32 -39.15 26.21
CA THR A 264 19.17 -38.99 27.38
C THR A 264 18.58 -38.07 28.44
N ILE A 265 17.85 -37.03 28.04
CA ILE A 265 17.25 -36.14 29.02
C ILE A 265 16.18 -36.92 29.77
N LYS A 266 15.40 -37.73 29.05
CA LYS A 266 14.37 -38.52 29.71
C LYS A 266 14.97 -39.60 30.62
N LEU A 267 16.07 -40.20 30.18
CA LEU A 267 16.72 -41.22 30.99
C LEU A 267 17.34 -40.57 32.24
N LEU A 268 17.78 -39.32 32.10
CA LEU A 268 18.35 -38.62 33.23
C LEU A 268 17.22 -38.30 34.20
N LEU A 269 16.06 -37.95 33.66
CA LEU A 269 14.89 -37.65 34.49
C LEU A 269 14.49 -38.91 35.26
N GLU A 270 14.54 -40.06 34.58
CA GLU A 270 14.20 -41.34 35.20
C GLU A 270 15.08 -41.54 36.43
N GLU A 271 16.35 -41.17 36.30
CA GLU A 271 17.30 -41.30 37.38
C GLU A 271 17.05 -40.27 38.47
N GLN A 272 16.23 -39.27 38.17
CA GLN A 272 15.89 -38.25 39.15
C GLN A 272 14.54 -38.55 39.81
N GLY A 273 14.02 -39.75 39.54
CA GLY A 273 12.75 -40.17 40.12
C GLY A 273 11.51 -39.76 39.36
N VAL A 274 11.67 -39.48 38.06
CA VAL A 274 10.56 -39.06 37.22
C VAL A 274 10.35 -40.03 36.07
N GLU A 275 9.11 -40.49 35.91
CA GLU A 275 8.78 -41.42 34.82
C GLU A 275 8.67 -40.68 33.49
N ALA A 276 9.80 -40.17 33.01
CA ALA A 276 9.83 -39.44 31.74
C ALA A 276 9.45 -40.37 30.60
N GLY A 277 9.75 -41.65 30.77
CA GLY A 277 9.42 -42.64 29.76
C GLY A 277 10.19 -42.61 28.46
N TYR A 278 9.46 -42.87 27.38
CA TYR A 278 10.01 -42.93 26.02
C TYR A 278 9.75 -41.70 25.17
N CYS A 279 10.53 -41.57 24.10
CA CYS A 279 10.36 -40.50 23.14
C CYS A 279 9.43 -41.13 22.12
N ARG A 280 8.69 -40.31 21.38
CA ARG A 280 7.81 -40.86 20.38
C ARG A 280 8.54 -41.21 19.09
N GLN A 281 8.20 -42.35 18.50
CA GLN A 281 8.82 -42.78 17.25
C GLN A 281 8.50 -41.71 16.20
N PRO A 282 9.33 -41.58 15.15
CA PRO A 282 10.54 -42.35 14.88
C PRO A 282 11.80 -42.04 15.70
N MET A 283 11.65 -41.32 16.81
CA MET A 283 12.81 -41.06 17.66
C MET A 283 13.09 -42.43 18.27
N LYS A 284 14.32 -42.90 18.12
CA LYS A 284 14.70 -44.22 18.60
C LYS A 284 14.58 -44.48 20.10
N GLU A 285 14.19 -45.70 20.43
CA GLU A 285 14.09 -46.13 21.81
C GLU A 285 15.55 -46.25 22.20
N ALA A 286 15.88 -45.89 23.44
CA ALA A 286 17.27 -45.97 23.87
C ALA A 286 17.80 -47.40 23.84
N THR A 287 19.00 -47.57 23.32
CA THR A 287 19.63 -48.89 23.25
C THR A 287 20.27 -49.17 24.61
N ASP A 288 20.72 -50.40 24.80
CA ASP A 288 21.38 -50.75 26.06
C ASP A 288 22.62 -49.87 26.24
N GLU A 289 23.36 -49.65 25.16
CA GLU A 289 24.56 -48.81 25.22
C GLU A 289 24.18 -47.39 25.62
N MET A 290 23.12 -46.87 25.03
CA MET A 290 22.66 -45.53 25.35
C MET A 290 22.22 -45.45 26.81
N LYS A 291 21.58 -46.51 27.29
CA LYS A 291 21.10 -46.55 28.66
C LYS A 291 22.24 -46.56 29.69
N SER A 292 23.29 -47.33 29.42
CA SER A 292 24.41 -47.37 30.37
C SER A 292 25.17 -46.06 30.27
N ARG A 293 25.20 -45.47 29.08
CA ARG A 293 25.88 -44.18 28.92
C ARG A 293 25.14 -43.11 29.68
N ALA A 294 23.81 -43.11 29.59
CA ALA A 294 23.00 -42.12 30.29
C ALA A 294 23.20 -42.22 31.79
N LYS A 295 23.38 -43.44 32.30
CA LYS A 295 23.60 -43.64 33.71
C LYS A 295 25.01 -43.17 34.12
N GLU A 296 25.95 -43.20 33.18
CA GLU A 296 27.30 -42.72 33.47
C GLU A 296 27.19 -41.20 33.59
N ILE A 297 26.44 -40.61 32.66
CA ILE A 297 26.23 -39.17 32.63
C ILE A 297 25.55 -38.75 33.93
N TYR A 298 24.61 -39.57 34.39
CA TYR A 298 23.90 -39.28 35.63
C TYR A 298 24.84 -39.25 36.82
N ARG A 299 25.66 -40.28 36.96
CA ARG A 299 26.60 -40.37 38.07
C ARG A 299 27.63 -39.25 38.03
N LYS A 300 27.93 -38.79 36.81
CA LYS A 300 28.92 -37.74 36.64
C LYS A 300 28.44 -36.36 37.06
N TYR A 301 27.27 -35.95 36.57
CA TYR A 301 26.74 -34.61 36.84
C TYR A 301 25.66 -34.46 37.90
N PHE A 302 25.11 -35.56 38.40
CA PHE A 302 24.05 -35.48 39.40
C PHE A 302 24.26 -36.45 40.56
N THR B 13 57.85 -13.69 24.50
CA THR B 13 56.93 -12.51 24.59
C THR B 13 55.52 -12.98 24.90
N ASP B 14 54.92 -12.46 25.98
CA ASP B 14 53.56 -12.82 26.34
C ASP B 14 52.67 -12.23 25.26
N MET B 15 51.88 -13.09 24.61
CA MET B 15 51.02 -12.67 23.52
C MET B 15 49.59 -12.25 23.84
N LYS B 16 49.23 -12.17 25.11
CA LYS B 16 47.87 -11.79 25.48
C LYS B 16 47.64 -10.32 25.21
N GLY B 17 46.40 -9.95 24.90
CA GLY B 17 46.13 -8.54 24.66
C GLY B 17 45.28 -8.18 23.47
N ILE B 18 45.21 -6.89 23.21
CA ILE B 18 44.42 -6.33 22.12
C ILE B 18 45.31 -6.05 20.90
N TYR B 19 44.96 -6.65 19.77
CA TYR B 19 45.73 -6.44 18.54
C TYR B 19 44.84 -5.86 17.46
N SER B 20 45.36 -4.86 16.74
CA SER B 20 44.61 -4.28 15.65
C SER B 20 45.02 -5.08 14.42
N ALA B 21 44.05 -5.53 13.63
CA ALA B 21 44.36 -6.22 12.38
C ALA B 21 44.74 -5.05 11.50
N LEU B 22 46.03 -4.88 11.26
CA LEU B 22 46.54 -3.75 10.50
C LEU B 22 45.99 -3.53 9.09
N LEU B 23 45.50 -2.31 8.85
CA LEU B 23 44.99 -1.91 7.55
C LEU B 23 46.21 -1.41 6.80
N VAL B 24 46.16 -1.44 5.48
CA VAL B 24 47.30 -0.97 4.67
C VAL B 24 46.83 0.14 3.74
N SER B 25 47.69 1.14 3.56
CA SER B 25 47.38 2.28 2.69
C SER B 25 47.82 2.03 1.25
N PHE B 26 46.93 2.25 0.29
CA PHE B 26 47.24 2.06 -1.12
C PHE B 26 46.89 3.36 -1.88
N ASP B 27 47.65 3.67 -2.92
CA ASP B 27 47.34 4.87 -3.70
C ASP B 27 46.27 4.49 -4.72
N LYS B 28 45.89 5.44 -5.56
CA LYS B 28 44.85 5.20 -6.55
C LYS B 28 45.24 4.14 -7.58
N GLU B 29 46.53 3.86 -7.70
CA GLU B 29 46.98 2.86 -8.66
C GLU B 29 47.11 1.48 -8.03
N GLY B 30 46.78 1.38 -6.74
CA GLY B 30 46.86 0.09 -6.06
C GLY B 30 48.23 -0.18 -5.45
N ASN B 31 49.14 0.77 -5.57
CA ASN B 31 50.46 0.59 -4.99
C ASN B 31 50.45 0.90 -3.51
N ILE B 32 51.33 0.24 -2.78
CA ILE B 32 51.46 0.47 -1.36
C ILE B 32 51.96 1.91 -1.17
N ASN B 33 51.40 2.58 -0.17
CA ASN B 33 51.79 3.95 0.18
C ASN B 33 52.47 3.81 1.54
N GLU B 34 53.79 3.69 1.53
CA GLU B 34 54.53 3.52 2.77
C GLU B 34 54.31 4.65 3.79
N LYS B 35 54.26 5.88 3.30
CA LYS B 35 54.05 7.03 4.16
C LYS B 35 52.73 6.85 4.92
N GLY B 36 51.68 6.48 4.19
CA GLY B 36 50.37 6.28 4.78
C GLY B 36 50.33 5.09 5.73
N LEU B 37 50.99 4.00 5.35
CA LEU B 37 51.02 2.80 6.17
C LEU B 37 51.71 3.10 7.51
N ARG B 38 52.80 3.86 7.47
CA ARG B 38 53.50 4.19 8.71
C ARG B 38 52.63 5.10 9.59
N GLN B 39 51.74 5.88 8.97
CA GLN B 39 50.86 6.77 9.73
C GLN B 39 49.77 5.95 10.42
N ILE B 40 49.31 4.91 9.72
CA ILE B 40 48.29 4.01 10.25
C ILE B 40 48.90 3.28 11.45
N ILE B 41 50.15 2.86 11.30
CA ILE B 41 50.84 2.16 12.39
C ILE B 41 50.98 3.08 13.60
N ARG B 42 51.45 4.30 13.36
CA ARG B 42 51.61 5.28 14.43
C ARG B 42 50.27 5.55 15.14
N HIS B 43 49.20 5.62 14.36
CA HIS B 43 47.88 5.88 14.92
C HIS B 43 47.48 4.77 15.90
N ASN B 44 47.66 3.52 15.47
CA ASN B 44 47.34 2.38 16.31
C ASN B 44 48.15 2.35 17.61
N ILE B 45 49.44 2.66 17.51
CA ILE B 45 50.29 2.65 18.70
C ILE B 45 50.03 3.83 19.63
N ASP B 46 50.12 5.04 19.08
CA ASP B 46 49.99 6.28 19.84
C ASP B 46 48.59 6.74 20.23
N VAL B 47 47.59 6.47 19.39
CA VAL B 47 46.23 6.92 19.69
C VAL B 47 45.32 5.80 20.17
N CYS B 48 45.25 4.71 19.40
CA CYS B 48 44.41 3.57 19.78
C CYS B 48 45.03 2.83 20.96
N LYS B 49 46.34 2.97 21.11
CA LYS B 49 47.10 2.34 22.19
C LYS B 49 46.86 0.83 22.35
N VAL B 50 46.87 0.11 21.23
CA VAL B 50 46.67 -1.34 21.27
C VAL B 50 47.95 -2.04 21.76
N ASP B 51 47.82 -3.28 22.22
CA ASP B 51 48.98 -4.03 22.70
C ASP B 51 49.88 -4.54 21.58
N GLY B 52 49.31 -4.70 20.39
CA GLY B 52 50.10 -5.18 19.28
C GLY B 52 49.37 -5.09 17.96
N LEU B 53 50.04 -5.51 16.89
CA LEU B 53 49.48 -5.49 15.56
C LEU B 53 49.52 -6.88 14.95
N TYR B 54 48.43 -7.23 14.25
CA TYR B 54 48.29 -8.49 13.54
C TYR B 54 48.47 -8.06 12.09
N VAL B 55 49.62 -8.39 11.53
CA VAL B 55 49.95 -7.97 10.18
C VAL B 55 49.77 -9.04 9.12
N GLY B 56 49.21 -8.64 7.97
CA GLY B 56 48.99 -9.56 6.87
C GLY B 56 47.71 -10.37 6.96
N GLY B 57 46.75 -9.89 7.73
CA GLY B 57 45.48 -10.59 7.85
C GLY B 57 44.53 -10.12 6.77
N SER B 58 43.28 -10.59 6.82
CA SER B 58 42.26 -10.22 5.86
C SER B 58 42.12 -8.70 5.75
N THR B 59 42.10 -8.05 6.90
CA THR B 59 41.95 -6.60 7.01
C THR B 59 43.04 -5.83 6.28
N GLY B 60 44.22 -6.42 6.18
CA GLY B 60 45.31 -5.76 5.48
C GLY B 60 45.21 -5.98 3.98
N GLU B 61 44.11 -6.58 3.55
CA GLU B 61 43.86 -6.89 2.13
C GLU B 61 44.95 -7.84 1.59
N ASN B 62 45.56 -8.57 2.52
CA ASN B 62 46.65 -9.51 2.27
C ASN B 62 46.51 -10.44 1.06
N PHE B 63 45.37 -11.10 0.95
CA PHE B 63 45.16 -12.05 -0.13
C PHE B 63 44.98 -11.45 -1.52
N MET B 64 45.05 -10.14 -1.62
CA MET B 64 44.92 -9.46 -2.91
C MET B 64 46.30 -8.98 -3.36
N LEU B 65 47.31 -9.26 -2.54
CA LEU B 65 48.67 -8.81 -2.82
C LEU B 65 49.64 -9.89 -3.29
N SER B 66 50.75 -9.43 -3.89
CA SER B 66 51.79 -10.34 -4.36
C SER B 66 52.66 -10.66 -3.14
N THR B 67 53.48 -11.70 -3.24
CA THR B 67 54.35 -12.06 -2.14
C THR B 67 55.30 -10.93 -1.80
N ASP B 68 55.84 -10.25 -2.81
CA ASP B 68 56.76 -9.14 -2.58
C ASP B 68 56.09 -8.03 -1.79
N GLU B 69 54.83 -7.75 -2.10
CA GLU B 69 54.10 -6.71 -1.39
C GLU B 69 53.85 -7.11 0.06
N LYS B 70 53.52 -8.39 0.29
CA LYS B 70 53.29 -8.86 1.65
C LYS B 70 54.55 -8.66 2.47
N LYS B 71 55.69 -9.02 1.88
CA LYS B 71 56.99 -8.87 2.55
C LYS B 71 57.32 -7.41 2.81
N ARG B 72 57.01 -6.54 1.86
CA ARG B 72 57.30 -5.13 2.04
C ARG B 72 56.53 -4.60 3.27
N ILE B 73 55.26 -4.96 3.35
CA ILE B 73 54.41 -4.56 4.47
C ILE B 73 54.98 -5.11 5.78
N PHE B 74 55.43 -6.36 5.76
CA PHE B 74 56.01 -6.96 6.97
C PHE B 74 57.23 -6.17 7.43
N GLU B 75 58.01 -5.67 6.47
CA GLU B 75 59.22 -4.89 6.77
C GLU B 75 58.86 -3.54 7.38
N ILE B 76 57.93 -2.84 6.73
CA ILE B 76 57.51 -1.53 7.20
C ILE B 76 56.94 -1.59 8.62
N ALA B 77 56.05 -2.54 8.89
CA ALA B 77 55.46 -2.67 10.21
C ALA B 77 56.51 -2.94 11.29
N LYS B 78 57.45 -3.84 11.00
CA LYS B 78 58.48 -4.15 11.98
C LYS B 78 59.37 -2.94 12.22
N ASP B 79 59.72 -2.25 11.13
CA ASP B 79 60.57 -1.08 11.20
C ASP B 79 59.92 0.09 11.97
N GLU B 80 58.68 0.42 11.63
CA GLU B 80 57.99 1.52 12.27
C GLU B 80 57.68 1.24 13.74
N VAL B 81 57.33 -0.01 14.04
CA VAL B 81 56.99 -0.41 15.39
C VAL B 81 58.23 -0.51 16.26
N LYS B 82 59.31 -1.02 15.67
CA LYS B 82 60.55 -1.22 16.40
C LYS B 82 60.28 -2.35 17.40
N GLU B 83 60.25 -2.01 18.67
CA GLU B 83 59.99 -2.97 19.73
C GLU B 83 58.98 -2.40 20.72
N GLU B 84 58.24 -1.38 20.28
CA GLU B 84 57.25 -0.75 21.13
C GLU B 84 56.14 -1.69 21.54
N ILE B 85 55.59 -2.41 20.56
CA ILE B 85 54.50 -3.34 20.81
C ILE B 85 54.71 -4.70 20.12
N LYS B 86 53.88 -5.66 20.50
CA LYS B 86 53.94 -7.03 19.95
C LYS B 86 53.49 -7.08 18.50
N LEU B 87 54.04 -8.05 17.77
CA LEU B 87 53.70 -8.22 16.36
C LEU B 87 53.43 -9.68 16.02
N ILE B 88 52.30 -9.90 15.33
CA ILE B 88 51.90 -11.23 14.90
C ILE B 88 51.84 -11.17 13.38
N ALA B 89 52.46 -12.13 12.70
CA ALA B 89 52.44 -12.15 11.25
C ALA B 89 51.54 -13.26 10.71
N GLN B 90 50.55 -12.89 9.90
CA GLN B 90 49.65 -13.87 9.30
C GLN B 90 50.38 -14.26 8.01
N VAL B 91 50.81 -15.51 7.94
CA VAL B 91 51.57 -15.99 6.80
C VAL B 91 50.87 -17.11 6.03
N GLY B 92 49.64 -17.43 6.43
CA GLY B 92 48.89 -18.49 5.77
C GLY B 92 48.61 -18.20 4.32
N SER B 93 48.39 -19.26 3.53
CA SER B 93 48.12 -19.11 2.11
C SER B 93 47.78 -20.45 1.48
N VAL B 94 47.08 -20.40 0.34
CA VAL B 94 46.74 -21.62 -0.38
C VAL B 94 48.04 -22.21 -0.92
N ASN B 95 49.06 -21.37 -1.05
CA ASN B 95 50.38 -21.80 -1.53
C ASN B 95 51.23 -22.09 -0.30
N LEU B 96 51.36 -23.36 0.06
CA LEU B 96 52.14 -23.74 1.24
C LEU B 96 53.61 -23.33 1.12
N LYS B 97 54.14 -23.30 -0.10
CA LYS B 97 55.53 -22.89 -0.30
C LYS B 97 55.69 -21.44 0.12
N GLU B 98 54.73 -20.61 -0.30
CA GLU B 98 54.75 -19.19 0.05
C GLU B 98 54.58 -19.01 1.56
N ALA B 99 53.71 -19.81 2.17
CA ALA B 99 53.45 -19.71 3.60
C ALA B 99 54.72 -19.97 4.41
N VAL B 100 55.45 -21.01 4.05
CA VAL B 100 56.70 -21.35 4.73
C VAL B 100 57.72 -20.23 4.54
N GLU B 101 57.83 -19.72 3.32
CA GLU B 101 58.77 -18.64 3.02
C GLU B 101 58.44 -17.38 3.84
N LEU B 102 57.15 -17.07 3.95
CA LEU B 102 56.74 -15.90 4.72
C LEU B 102 56.96 -16.16 6.21
N ALA B 103 56.76 -17.39 6.63
CA ALA B 103 56.96 -17.75 8.04
C ALA B 103 58.42 -17.49 8.42
N LYS B 104 59.34 -17.95 7.57
CA LYS B 104 60.77 -17.75 7.82
C LYS B 104 61.13 -16.28 7.75
N PHE B 105 60.60 -15.59 6.74
CA PHE B 105 60.86 -14.18 6.56
C PHE B 105 60.46 -13.37 7.80
N THR B 106 59.22 -13.56 8.27
CA THR B 106 58.75 -12.81 9.43
C THR B 106 59.46 -13.24 10.70
N THR B 107 59.86 -14.50 10.80
CA THR B 107 60.58 -14.97 11.98
C THR B 107 61.94 -14.29 12.02
N ASP B 108 62.61 -14.22 10.87
CA ASP B 108 63.92 -13.57 10.81
C ASP B 108 63.82 -12.07 11.09
N LEU B 109 62.68 -11.46 10.76
CA LEU B 109 62.50 -10.02 11.02
C LEU B 109 62.29 -9.80 12.51
N GLY B 110 61.90 -10.85 13.22
CA GLY B 110 61.68 -10.72 14.65
C GLY B 110 60.23 -10.63 15.10
N TYR B 111 59.28 -11.10 14.30
CA TYR B 111 57.89 -11.07 14.72
C TYR B 111 57.75 -12.02 15.92
N ASP B 112 56.96 -11.62 16.91
CA ASP B 112 56.78 -12.40 18.14
C ASP B 112 56.04 -13.71 17.98
N ALA B 113 55.26 -13.83 16.92
CA ALA B 113 54.51 -15.05 16.64
C ALA B 113 53.96 -14.95 15.23
N ILE B 114 53.58 -16.10 14.68
CA ILE B 114 53.01 -16.12 13.35
C ILE B 114 51.61 -16.71 13.47
N SER B 115 50.84 -16.57 12.40
CA SER B 115 49.48 -17.09 12.36
C SER B 115 49.21 -17.53 10.93
N ALA B 116 48.32 -18.49 10.75
CA ALA B 116 48.00 -18.96 9.40
C ALA B 116 46.55 -19.34 9.26
N VAL B 117 45.90 -18.78 8.23
CA VAL B 117 44.50 -19.08 7.95
C VAL B 117 44.46 -20.52 7.46
N THR B 118 43.34 -21.21 7.69
CA THR B 118 43.23 -22.58 7.20
C THR B 118 43.28 -22.52 5.69
N PRO B 119 43.99 -23.46 5.04
CA PRO B 119 44.08 -23.46 3.58
C PRO B 119 42.68 -23.50 2.95
N PHE B 120 42.42 -22.58 2.02
CA PHE B 120 41.10 -22.50 1.40
C PHE B 120 41.04 -22.76 -0.10
N TYR B 121 39.88 -22.44 -0.68
CA TYR B 121 39.56 -22.66 -2.08
C TYR B 121 39.34 -24.15 -2.30
N TYR B 122 40.42 -24.92 -2.31
CA TYR B 122 40.30 -26.36 -2.46
C TYR B 122 39.71 -26.93 -1.17
N LYS B 123 39.14 -28.13 -1.24
CA LYS B 123 38.54 -28.75 -0.06
C LYS B 123 39.46 -29.78 0.57
N PHE B 124 40.31 -29.32 1.48
CA PHE B 124 41.28 -30.18 2.18
C PHE B 124 40.68 -30.92 3.37
N ASP B 125 41.05 -32.18 3.57
CA ASP B 125 40.54 -32.92 4.73
C ASP B 125 41.45 -32.60 5.92
N PHE B 126 41.05 -33.00 7.12
CA PHE B 126 41.84 -32.70 8.30
C PHE B 126 43.29 -33.17 8.28
N GLU B 127 43.54 -34.32 7.69
CA GLU B 127 44.91 -34.85 7.61
C GLU B 127 45.78 -33.85 6.85
N GLU B 128 45.21 -33.27 5.80
CA GLU B 128 45.91 -32.30 4.97
C GLU B 128 46.09 -30.96 5.68
N ILE B 129 45.08 -30.55 6.44
CA ILE B 129 45.16 -29.29 7.18
C ILE B 129 46.24 -29.39 8.26
N LYS B 130 46.28 -30.54 8.93
CA LYS B 130 47.28 -30.78 9.98
C LYS B 130 48.69 -30.75 9.37
N HIS B 131 48.82 -31.26 8.15
CA HIS B 131 50.10 -31.28 7.46
C HIS B 131 50.53 -29.84 7.14
N TYR B 132 49.55 -29.06 6.70
CA TYR B 132 49.76 -27.65 6.37
C TYR B 132 50.33 -26.90 7.59
N TYR B 133 49.63 -26.97 8.72
CA TYR B 133 50.09 -26.29 9.92
C TYR B 133 51.42 -26.81 10.45
N ASN B 134 51.60 -28.11 10.51
CA ASN B 134 52.86 -28.65 11.02
C ASN B 134 54.05 -28.27 10.13
N THR B 135 53.86 -28.30 8.81
CA THR B 135 54.94 -27.94 7.89
C THR B 135 55.38 -26.49 8.13
N ILE B 136 54.41 -25.62 8.35
CA ILE B 136 54.70 -24.21 8.59
C ILE B 136 55.45 -23.97 9.90
N ILE B 137 54.88 -24.42 11.01
CA ILE B 137 55.52 -24.20 12.29
C ILE B 137 56.80 -24.99 12.53
N ASN B 138 56.94 -26.17 11.92
CA ASN B 138 58.16 -26.97 12.10
C ASN B 138 59.34 -26.41 11.30
N SER B 139 59.06 -25.45 10.41
CA SER B 139 60.11 -24.86 9.59
C SER B 139 60.75 -23.63 10.22
N VAL B 140 60.24 -23.19 11.37
CA VAL B 140 60.77 -22.00 12.01
C VAL B 140 60.86 -22.06 13.53
N ASP B 141 61.74 -21.23 14.08
CA ASP B 141 61.88 -21.14 15.52
C ASP B 141 60.95 -20.02 15.97
N ASN B 142 59.66 -20.33 16.00
CA ASN B 142 58.65 -19.34 16.40
C ASN B 142 57.46 -20.08 17.00
N ARG B 143 56.38 -19.34 17.21
CA ARG B 143 55.15 -19.89 17.76
C ARG B 143 54.01 -19.56 16.79
N LEU B 144 53.11 -20.52 16.62
CA LEU B 144 51.99 -20.39 15.68
C LEU B 144 50.60 -20.26 16.29
N ILE B 145 49.77 -19.41 15.68
CA ILE B 145 48.40 -19.22 16.11
C ILE B 145 47.49 -19.61 14.94
N ILE B 146 46.57 -20.52 15.19
CA ILE B 146 45.64 -20.96 14.15
C ILE B 146 44.60 -19.87 13.86
N TYR B 147 44.30 -19.66 12.59
CA TYR B 147 43.30 -18.67 12.19
C TYR B 147 42.18 -19.43 11.48
N SER B 148 40.97 -19.37 12.03
CA SER B 148 39.83 -20.12 11.48
C SER B 148 38.92 -19.39 10.48
N ILE B 149 38.18 -18.38 10.97
CA ILE B 149 37.25 -17.60 10.14
C ILE B 149 36.45 -18.41 9.10
N PRO B 150 35.57 -19.31 9.58
CA PRO B 150 34.75 -20.13 8.68
C PRO B 150 33.90 -19.30 7.73
N PHE B 151 33.57 -18.09 8.17
CA PHE B 151 32.76 -17.16 7.38
C PHE B 151 33.31 -16.91 5.97
N LEU B 152 34.63 -16.87 5.84
CA LEU B 152 35.27 -16.61 4.56
C LEU B 152 35.86 -17.83 3.85
N THR B 153 36.35 -18.80 4.61
CA THR B 153 36.96 -19.99 4.03
C THR B 153 36.02 -21.19 3.87
N GLY B 154 35.03 -21.28 4.76
CA GLY B 154 34.09 -22.39 4.69
C GLY B 154 34.60 -23.61 5.44
N VAL B 155 35.75 -23.45 6.10
CA VAL B 155 36.38 -24.53 6.87
C VAL B 155 35.98 -24.51 8.35
N ASP B 156 35.07 -25.40 8.73
CA ASP B 156 34.60 -25.50 10.11
C ASP B 156 35.21 -26.71 10.81
N MET B 157 36.24 -26.48 11.61
CA MET B 157 36.92 -27.58 12.32
C MET B 157 36.30 -27.87 13.69
N SER B 158 36.32 -29.15 14.08
CA SER B 158 35.76 -29.59 15.36
C SER B 158 36.75 -29.49 16.51
N LEU B 159 36.26 -29.67 17.74
CA LEU B 159 37.09 -29.60 18.93
C LEU B 159 38.23 -30.61 18.93
N ASP B 160 37.92 -31.85 18.54
CA ASP B 160 38.95 -32.90 18.52
C ASP B 160 40.03 -32.63 17.49
N GLN B 161 39.67 -31.96 16.40
CA GLN B 161 40.64 -31.65 15.37
C GLN B 161 41.59 -30.59 15.94
N PHE B 162 41.03 -29.55 16.54
CA PHE B 162 41.86 -28.52 17.16
C PHE B 162 42.76 -29.19 18.18
N GLY B 163 42.20 -30.13 18.94
CA GLY B 163 42.97 -30.84 19.94
C GLY B 163 44.15 -31.57 19.34
N GLU B 164 43.97 -32.11 18.13
CA GLU B 164 45.05 -32.82 17.46
C GLU B 164 46.13 -31.83 16.99
N LEU B 165 45.70 -30.67 16.53
CA LEU B 165 46.63 -29.64 16.09
C LEU B 165 47.42 -29.13 17.30
N PHE B 166 46.73 -28.89 18.42
CA PHE B 166 47.38 -28.40 19.63
C PHE B 166 48.39 -29.38 20.20
N GLU B 167 48.46 -30.56 19.60
CA GLU B 167 49.43 -31.57 20.06
C GLU B 167 50.81 -30.92 20.03
N ASN B 168 51.07 -30.20 18.94
CA ASN B 168 52.33 -29.50 18.73
C ASN B 168 52.43 -28.36 19.74
N GLU B 169 53.45 -28.42 20.60
CA GLU B 169 53.64 -27.42 21.63
C GLU B 169 54.01 -26.02 21.11
N LYS B 170 54.38 -25.92 19.84
CA LYS B 170 54.71 -24.62 19.26
C LYS B 170 53.45 -23.92 18.73
N ILE B 171 52.36 -24.69 18.61
CA ILE B 171 51.08 -24.12 18.16
C ILE B 171 50.45 -23.67 19.48
N ILE B 172 50.66 -22.40 19.81
CA ILE B 172 50.22 -21.84 21.08
C ILE B 172 48.80 -21.31 21.24
N GLY B 173 48.02 -21.27 20.18
CA GLY B 173 46.67 -20.76 20.34
C GLY B 173 45.86 -20.69 19.07
N VAL B 174 44.70 -20.05 19.17
CA VAL B 174 43.80 -19.94 18.02
C VAL B 174 43.05 -18.62 17.98
N LYS B 175 42.82 -18.13 16.76
CA LYS B 175 42.06 -16.91 16.55
C LYS B 175 40.74 -17.43 16.01
N PHE B 176 39.72 -17.41 16.87
CA PHE B 176 38.41 -17.92 16.53
C PHE B 176 37.52 -16.78 16.03
N THR B 177 37.26 -16.75 14.72
CA THR B 177 36.42 -15.71 14.16
C THR B 177 35.10 -16.28 13.63
N ALA B 178 34.59 -17.29 14.32
CA ALA B 178 33.33 -17.94 13.96
C ALA B 178 32.30 -17.54 15.01
N ALA B 179 31.03 -17.64 14.67
CA ALA B 179 29.98 -17.26 15.62
C ALA B 179 29.50 -18.43 16.47
N ASP B 180 30.39 -19.39 16.73
CA ASP B 180 30.03 -20.54 17.53
C ASP B 180 30.59 -20.40 18.95
N PHE B 181 29.79 -19.85 19.86
CA PHE B 181 30.22 -19.67 21.24
C PHE B 181 30.19 -20.96 22.05
N TYR B 182 29.62 -22.01 21.47
CA TYR B 182 29.58 -23.31 22.12
C TYR B 182 30.98 -23.89 21.96
N LEU B 183 31.50 -23.86 20.73
CA LEU B 183 32.83 -24.36 20.47
C LEU B 183 33.87 -23.51 21.21
N LEU B 184 33.64 -22.20 21.28
CA LEU B 184 34.56 -21.29 21.96
C LEU B 184 34.68 -21.68 23.43
N GLU B 185 33.54 -21.89 24.08
CA GLU B 185 33.51 -22.28 25.48
C GLU B 185 34.20 -23.63 25.64
N ARG B 186 33.95 -24.54 24.71
CA ARG B 186 34.54 -25.87 24.75
C ARG B 186 36.06 -25.82 24.61
N MET B 187 36.56 -24.93 23.76
CA MET B 187 37.99 -24.81 23.58
C MET B 187 38.68 -24.21 24.80
N ARG B 188 38.02 -23.25 25.44
CA ARG B 188 38.54 -22.60 26.64
C ARG B 188 38.71 -23.61 27.76
N LYS B 189 37.70 -24.46 27.90
CA LYS B 189 37.70 -25.48 28.93
C LYS B 189 38.71 -26.58 28.63
N THR B 190 38.70 -27.07 27.40
CA THR B 190 39.57 -28.16 26.97
C THR B 190 41.04 -27.79 26.86
N PHE B 191 41.33 -26.55 26.46
CA PHE B 191 42.72 -26.12 26.29
C PHE B 191 43.05 -24.91 27.17
N PRO B 192 43.07 -25.11 28.50
CA PRO B 192 43.37 -24.03 29.44
C PRO B 192 44.76 -23.43 29.27
N ASN B 193 45.66 -24.19 28.63
CA ASN B 193 47.04 -23.74 28.43
C ASN B 193 47.29 -23.07 27.09
N LYS B 194 46.27 -22.96 26.25
CA LYS B 194 46.40 -22.33 24.93
C LYS B 194 45.75 -20.94 24.93
N LEU B 195 46.21 -20.08 24.03
CA LEU B 195 45.68 -18.73 23.91
C LEU B 195 44.48 -18.78 22.97
N ILE B 196 43.42 -18.06 23.32
CA ILE B 196 42.23 -18.01 22.47
C ILE B 196 41.91 -16.55 22.20
N PHE B 197 41.91 -16.16 20.93
CA PHE B 197 41.62 -14.78 20.54
C PHE B 197 40.27 -14.67 19.86
N ALA B 198 39.51 -13.64 20.23
CA ALA B 198 38.23 -13.39 19.59
C ALA B 198 38.55 -12.60 18.31
N GLY B 199 37.82 -12.87 17.23
CA GLY B 199 38.06 -12.16 15.99
C GLY B 199 36.83 -11.41 15.50
N PHE B 200 35.75 -11.50 16.25
CA PHE B 200 34.48 -10.85 15.92
C PHE B 200 34.26 -9.64 16.84
N ASP B 201 34.65 -8.47 16.34
CA ASP B 201 34.57 -7.21 17.07
C ASP B 201 33.22 -6.89 17.70
N GLU B 202 32.14 -7.17 16.97
CA GLU B 202 30.79 -6.89 17.44
C GLU B 202 30.28 -7.85 18.50
N MET B 203 31.10 -8.86 18.83
CA MET B 203 30.72 -9.85 19.83
C MET B 203 31.82 -10.01 20.87
N MET B 204 32.61 -8.96 21.03
CA MET B 204 33.72 -8.98 21.99
C MET B 204 33.30 -9.24 23.44
N LEU B 205 32.22 -8.63 23.90
CA LEU B 205 31.76 -8.83 25.28
C LEU B 205 31.44 -10.31 25.57
N PRO B 206 30.51 -10.91 24.81
CA PRO B 206 30.23 -12.32 25.12
C PRO B 206 31.44 -13.25 24.97
N ALA B 207 32.40 -12.89 24.14
CA ALA B 207 33.60 -13.71 23.97
C ALA B 207 34.50 -13.61 25.21
N THR B 208 34.63 -12.40 25.74
CA THR B 208 35.46 -12.16 26.90
C THR B 208 34.95 -12.90 28.14
N VAL B 209 33.63 -12.98 28.32
CA VAL B 209 33.12 -13.68 29.50
C VAL B 209 33.37 -15.17 29.38
N LEU B 210 33.71 -15.64 28.19
CA LEU B 210 34.00 -17.06 27.98
C LEU B 210 35.48 -17.37 28.19
N GLY B 211 36.26 -16.34 28.55
CA GLY B 211 37.66 -16.54 28.82
C GLY B 211 38.73 -16.29 27.76
N VAL B 212 38.43 -15.55 26.69
CA VAL B 212 39.46 -15.30 25.69
C VAL B 212 40.61 -14.52 26.31
N ASP B 213 41.80 -14.71 25.74
CA ASP B 213 43.01 -14.07 26.25
C ASP B 213 43.33 -12.74 25.57
N GLY B 214 42.40 -12.28 24.73
CA GLY B 214 42.62 -11.03 24.02
C GLY B 214 41.73 -10.99 22.79
N ALA B 215 41.99 -10.03 21.90
CA ALA B 215 41.19 -9.91 20.70
C ALA B 215 41.99 -9.33 19.55
N ILE B 216 41.60 -9.69 18.33
CA ILE B 216 42.26 -9.22 17.11
C ILE B 216 41.12 -8.70 16.24
N GLY B 217 41.13 -7.41 15.93
CA GLY B 217 40.04 -6.87 15.14
C GLY B 217 40.37 -5.76 14.17
N SER B 218 39.58 -5.71 13.09
CA SER B 218 39.75 -4.70 12.05
C SER B 218 39.32 -3.31 12.50
N THR B 219 38.28 -3.23 13.31
CA THR B 219 37.78 -1.94 13.79
C THR B 219 38.66 -1.27 14.83
N PHE B 220 39.60 -2.03 15.40
CA PHE B 220 40.48 -1.47 16.43
C PHE B 220 41.37 -0.38 15.84
N ASN B 221 41.54 -0.41 14.52
CA ASN B 221 42.36 0.59 13.85
C ASN B 221 41.80 1.99 14.18
N VAL B 222 40.51 2.08 14.44
CA VAL B 222 39.91 3.36 14.80
C VAL B 222 39.19 3.34 16.15
N ASN B 223 38.81 2.15 16.61
CA ASN B 223 38.08 2.03 17.87
C ASN B 223 38.82 1.25 18.95
N GLY B 224 40.16 1.30 18.90
CA GLY B 224 40.98 0.58 19.86
C GLY B 224 40.77 0.88 21.33
N VAL B 225 40.49 2.14 21.67
CA VAL B 225 40.28 2.52 23.07
C VAL B 225 39.02 1.90 23.64
N ARG B 226 37.90 2.02 22.92
CA ARG B 226 36.66 1.42 23.39
C ARG B 226 36.79 -0.10 23.43
N ALA B 227 37.42 -0.67 22.41
CA ALA B 227 37.59 -2.12 22.35
C ALA B 227 38.33 -2.59 23.60
N ARG B 228 39.40 -1.89 23.96
CA ARG B 228 40.16 -2.24 25.15
C ARG B 228 39.24 -2.16 26.37
N GLN B 229 38.43 -1.10 26.43
CA GLN B 229 37.51 -0.92 27.54
C GLN B 229 36.53 -2.08 27.70
N ILE B 230 35.98 -2.57 26.60
CA ILE B 230 35.05 -3.69 26.67
C ILE B 230 35.75 -4.88 27.33
N PHE B 231 36.98 -5.13 26.91
CA PHE B 231 37.79 -6.23 27.44
C PHE B 231 38.13 -6.03 28.91
N GLU B 232 38.73 -4.90 29.25
CA GLU B 232 39.14 -4.62 30.64
C GLU B 232 37.98 -4.47 31.61
N LEU B 233 36.88 -3.86 31.17
CA LEU B 233 35.72 -3.71 32.03
C LEU B 233 35.19 -5.10 32.37
N THR B 234 35.14 -5.97 31.37
CA THR B 234 34.63 -7.33 31.58
C THR B 234 35.56 -8.11 32.51
N LYS B 235 36.86 -7.96 32.34
CA LYS B 235 37.81 -8.65 33.20
C LYS B 235 37.68 -8.11 34.62
N ASN B 236 37.19 -6.88 34.74
CA ASN B 236 37.00 -6.27 36.06
C ASN B 236 35.59 -6.53 36.55
N GLU B 237 34.83 -7.29 35.75
CA GLU B 237 33.45 -7.65 36.06
C GLU B 237 32.44 -6.50 36.08
N LYS B 238 32.74 -5.43 35.36
CA LYS B 238 31.81 -4.29 35.26
C LYS B 238 31.03 -4.51 33.95
N ILE B 239 30.22 -5.56 33.96
CA ILE B 239 29.41 -5.99 32.82
C ILE B 239 28.39 -5.00 32.28
N SER B 240 27.75 -4.25 33.18
CA SER B 240 26.76 -3.29 32.76
C SER B 240 27.41 -2.23 31.89
N GLU B 241 28.53 -1.69 32.38
CA GLU B 241 29.26 -0.68 31.63
C GLU B 241 29.85 -1.27 30.35
N ALA B 242 30.33 -2.50 30.43
CA ALA B 242 30.90 -3.14 29.25
C ALA B 242 29.85 -3.25 28.15
N LEU B 243 28.64 -3.64 28.53
CA LEU B 243 27.56 -3.79 27.56
C LEU B 243 27.25 -2.45 26.87
N GLU B 244 27.23 -1.38 27.65
CA GLU B 244 26.97 -0.06 27.08
C GLU B 244 28.03 0.30 26.04
N VAL B 245 29.29 -0.01 26.33
CA VAL B 245 30.35 0.29 25.39
C VAL B 245 30.21 -0.59 24.15
N GLN B 246 29.76 -1.83 24.34
CA GLN B 246 29.56 -2.74 23.21
C GLN B 246 28.39 -2.22 22.36
N HIS B 247 27.39 -1.64 23.01
CA HIS B 247 26.24 -1.09 22.29
C HIS B 247 26.69 0.04 21.37
N VAL B 248 27.49 0.95 21.93
CA VAL B 248 28.00 2.09 21.17
C VAL B 248 28.92 1.58 20.06
N THR B 249 29.78 0.62 20.41
CA THR B 249 30.69 0.05 19.44
C THR B 249 29.92 -0.57 18.28
N ASN B 250 28.85 -1.28 18.59
CA ASN B 250 28.06 -1.92 17.55
C ASN B 250 27.21 -0.96 16.72
N ASP B 251 26.96 0.23 17.26
CA ASP B 251 26.22 1.24 16.50
C ASP B 251 27.20 1.67 15.41
N LEU B 252 28.45 1.88 15.83
CA LEU B 252 29.53 2.30 14.92
C LEU B 252 29.80 1.23 13.87
N ILE B 253 29.92 -0.03 14.31
CA ILE B 253 30.19 -1.12 13.39
C ILE B 253 29.04 -1.29 12.40
N THR B 254 27.81 -1.13 12.88
CA THR B 254 26.65 -1.26 11.98
C THR B 254 26.72 -0.20 10.89
N ASP B 255 26.99 1.05 11.27
CA ASP B 255 27.08 2.12 10.28
C ASP B 255 28.21 1.89 9.29
N ILE B 256 29.35 1.42 9.79
CA ILE B 256 30.50 1.14 8.96
C ILE B 256 30.22 0.05 7.93
N LEU B 257 29.62 -1.05 8.37
CA LEU B 257 29.30 -2.16 7.47
C LEU B 257 28.31 -1.72 6.39
N GLY B 258 27.38 -0.85 6.76
CA GLY B 258 26.40 -0.39 5.79
C GLY B 258 26.98 0.54 4.75
N ASN B 259 28.09 1.20 5.09
CA ASN B 259 28.72 2.15 4.18
C ASN B 259 29.93 1.57 3.45
N GLY B 260 30.26 0.31 3.73
CA GLY B 260 31.42 -0.32 3.10
C GLY B 260 32.50 -0.40 4.17
N LEU B 261 32.65 -1.58 4.76
CA LEU B 261 33.61 -1.80 5.85
C LEU B 261 35.01 -1.22 5.76
N TYR B 262 35.82 -1.75 4.84
CA TYR B 262 37.19 -1.27 4.73
C TYR B 262 37.32 0.16 4.22
N GLN B 263 36.47 0.55 3.28
CA GLN B 263 36.56 1.91 2.76
C GLN B 263 36.23 2.93 3.86
N THR B 264 35.21 2.63 4.66
CA THR B 264 34.80 3.55 5.72
C THR B 264 35.84 3.67 6.82
N ILE B 265 36.43 2.55 7.24
CA ILE B 265 37.45 2.64 8.29
C ILE B 265 38.60 3.52 7.79
N LYS B 266 38.96 3.37 6.52
CA LYS B 266 40.05 4.17 5.96
C LYS B 266 39.66 5.64 5.89
N LEU B 267 38.40 5.93 5.57
CA LEU B 267 37.93 7.31 5.51
C LEU B 267 37.91 7.91 6.92
N LEU B 268 37.63 7.08 7.94
CA LEU B 268 37.61 7.58 9.32
C LEU B 268 39.03 7.99 9.71
N LEU B 269 40.01 7.22 9.25
CA LEU B 269 41.40 7.52 9.52
C LEU B 269 41.82 8.79 8.76
N GLU B 270 41.38 8.94 7.51
CA GLU B 270 41.70 10.13 6.73
C GLU B 270 41.23 11.37 7.48
N GLU B 271 40.05 11.30 8.08
CA GLU B 271 39.50 12.43 8.85
C GLU B 271 40.43 12.85 9.97
N GLN B 272 41.20 11.90 10.49
CA GLN B 272 42.12 12.17 11.58
C GLN B 272 43.53 12.45 11.07
N GLY B 273 43.64 12.75 9.77
CA GLY B 273 44.95 13.05 9.20
C GLY B 273 45.81 11.84 8.88
N VAL B 274 45.25 10.64 8.99
CA VAL B 274 45.99 9.43 8.66
C VAL B 274 45.66 9.05 7.22
N GLU B 275 46.65 9.18 6.34
CA GLU B 275 46.44 8.88 4.92
C GLU B 275 46.30 7.39 4.62
N ALA B 276 45.16 6.82 5.01
CA ALA B 276 44.89 5.40 4.79
C ALA B 276 44.68 5.12 3.30
N GLY B 277 44.37 6.17 2.54
CA GLY B 277 44.18 6.02 1.11
C GLY B 277 43.05 5.14 0.62
N TYR B 278 43.26 4.52 -0.54
CA TYR B 278 42.25 3.66 -1.16
C TYR B 278 42.36 2.19 -0.78
N CYS B 279 41.34 1.45 -1.21
CA CYS B 279 41.30 0.02 -1.02
C CYS B 279 41.79 -0.55 -2.33
N ARG B 280 42.19 -1.81 -2.30
CA ARG B 280 42.68 -2.47 -3.50
C ARG B 280 41.51 -2.94 -4.37
N GLN B 281 41.51 -2.57 -5.65
CA GLN B 281 40.45 -3.02 -6.56
C GLN B 281 40.51 -4.56 -6.56
N PRO B 282 39.37 -5.24 -6.79
CA PRO B 282 38.03 -4.73 -7.05
C PRO B 282 37.21 -4.17 -5.88
N MET B 283 37.83 -3.89 -4.75
CA MET B 283 37.06 -3.30 -3.66
C MET B 283 36.79 -1.89 -4.20
N LYS B 284 35.52 -1.54 -4.29
CA LYS B 284 35.12 -0.25 -4.85
C LYS B 284 35.76 0.98 -4.22
N GLU B 285 35.84 2.03 -5.03
CA GLU B 285 36.36 3.30 -4.58
C GLU B 285 35.19 3.96 -3.87
N ALA B 286 35.46 4.74 -2.83
CA ALA B 286 34.38 5.40 -2.11
C ALA B 286 33.69 6.48 -2.95
N THR B 287 32.37 6.40 -3.04
CA THR B 287 31.60 7.38 -3.81
C THR B 287 31.49 8.66 -2.96
N ASP B 288 31.05 9.75 -3.58
CA ASP B 288 30.92 10.98 -2.82
C ASP B 288 29.95 10.76 -1.67
N GLU B 289 28.95 9.92 -1.91
CA GLU B 289 27.94 9.60 -0.92
C GLU B 289 28.55 8.83 0.26
N MET B 290 29.42 7.87 -0.04
CA MET B 290 30.08 7.09 1.00
C MET B 290 31.00 8.02 1.79
N LYS B 291 31.60 8.99 1.10
CA LYS B 291 32.48 9.93 1.75
C LYS B 291 31.72 10.80 2.74
N SER B 292 30.56 11.29 2.32
CA SER B 292 29.74 12.13 3.18
C SER B 292 29.23 11.31 4.36
N ARG B 293 28.86 10.07 4.10
CA ARG B 293 28.37 9.19 5.15
C ARG B 293 29.47 8.93 6.18
N ALA B 294 30.70 8.79 5.69
CA ALA B 294 31.83 8.54 6.57
C ALA B 294 32.01 9.72 7.53
N LYS B 295 31.86 10.94 7.03
CA LYS B 295 31.99 12.13 7.85
C LYS B 295 30.95 12.18 8.95
N GLU B 296 29.71 11.82 8.62
CA GLU B 296 28.64 11.82 9.61
C GLU B 296 28.93 10.76 10.68
N ILE B 297 29.46 9.62 10.24
CA ILE B 297 29.79 8.54 11.15
C ILE B 297 30.84 9.02 12.12
N TYR B 298 31.83 9.74 11.59
CA TYR B 298 32.90 10.26 12.42
C TYR B 298 32.35 11.22 13.47
N ARG B 299 31.45 12.10 13.04
CA ARG B 299 30.86 13.09 13.94
C ARG B 299 30.01 12.46 15.04
N LYS B 300 29.37 11.33 14.73
CA LYS B 300 28.54 10.65 15.72
C LYS B 300 29.30 9.85 16.78
N TYR B 301 30.45 9.27 16.42
CA TYR B 301 31.19 8.44 17.36
C TYR B 301 32.58 8.88 17.80
N PHE B 302 33.06 10.01 17.28
CA PHE B 302 34.40 10.48 17.63
C PHE B 302 34.45 11.97 17.98
N ASP C 14 36.42 -20.89 -33.80
CA ASP C 14 35.27 -21.07 -32.86
C ASP C 14 35.73 -21.85 -31.63
N MET C 15 35.30 -21.39 -30.45
CA MET C 15 35.68 -21.99 -29.18
C MET C 15 34.83 -23.16 -28.66
N LYS C 16 33.86 -23.63 -29.43
CA LYS C 16 33.04 -24.74 -28.98
C LYS C 16 33.86 -26.02 -28.92
N GLY C 17 33.39 -26.99 -28.13
CA GLY C 17 34.10 -28.26 -28.05
C GLY C 17 34.43 -28.75 -26.66
N ILE C 18 35.19 -29.84 -26.60
CA ILE C 18 35.59 -30.47 -25.35
C ILE C 18 36.99 -30.03 -24.91
N TYR C 19 37.08 -29.46 -23.72
CA TYR C 19 38.36 -29.00 -23.19
C TYR C 19 38.77 -29.72 -21.90
N SER C 20 40.01 -30.17 -21.84
CA SER C 20 40.50 -30.80 -20.64
C SER C 20 41.02 -29.68 -19.75
N ALA C 21 40.60 -29.66 -18.50
CA ALA C 21 41.11 -28.66 -17.56
C ALA C 21 42.46 -29.28 -17.27
N LEU C 22 43.51 -28.73 -17.89
CA LEU C 22 44.86 -29.25 -17.77
C LEU C 22 45.46 -29.48 -16.40
N LEU C 23 45.84 -30.73 -16.15
CA LEU C 23 46.49 -31.13 -14.90
C LEU C 23 47.96 -30.83 -15.12
N VAL C 24 48.69 -30.48 -14.06
CA VAL C 24 50.11 -30.17 -14.19
C VAL C 24 50.93 -31.22 -13.46
N SER C 25 52.09 -31.56 -13.99
CA SER C 25 52.95 -32.55 -13.36
C SER C 25 53.88 -31.89 -12.36
N PHE C 26 53.84 -32.34 -11.11
CA PHE C 26 54.71 -31.81 -10.07
C PHE C 26 55.52 -32.98 -9.53
N ASP C 27 56.72 -32.72 -9.03
CA ASP C 27 57.53 -33.80 -8.48
C ASP C 27 57.37 -33.89 -6.97
N LYS C 28 58.16 -34.77 -6.35
CA LYS C 28 58.11 -34.97 -4.91
C LYS C 28 58.26 -33.65 -4.15
N GLU C 29 59.11 -32.77 -4.65
CA GLU C 29 59.34 -31.48 -4.01
C GLU C 29 58.24 -30.45 -4.31
N GLY C 30 57.31 -30.81 -5.19
CA GLY C 30 56.23 -29.91 -5.55
C GLY C 30 56.57 -28.99 -6.71
N ASN C 31 57.70 -29.24 -7.35
CA ASN C 31 58.15 -28.45 -8.48
C ASN C 31 57.52 -28.91 -9.78
N ILE C 32 57.36 -27.96 -10.70
CA ILE C 32 56.82 -28.25 -12.02
C ILE C 32 57.78 -29.21 -12.73
N ASN C 33 57.24 -30.27 -13.33
CA ASN C 33 58.04 -31.22 -14.09
C ASN C 33 57.64 -30.98 -15.53
N GLU C 34 58.44 -30.20 -16.25
CA GLU C 34 58.15 -29.85 -17.63
C GLU C 34 57.95 -31.05 -18.55
N LYS C 35 58.83 -32.04 -18.46
CA LYS C 35 58.72 -33.23 -19.28
C LYS C 35 57.37 -33.91 -19.04
N GLY C 36 57.02 -34.07 -17.77
CA GLY C 36 55.77 -34.70 -17.41
C GLY C 36 54.57 -33.87 -17.86
N LEU C 37 54.70 -32.55 -17.79
CA LEU C 37 53.60 -31.68 -18.20
C LEU C 37 53.38 -31.85 -19.70
N ARG C 38 54.48 -31.85 -20.46
CA ARG C 38 54.38 -32.01 -21.91
C ARG C 38 53.81 -33.38 -22.29
N GLN C 39 54.07 -34.40 -21.47
CA GLN C 39 53.51 -35.71 -21.75
C GLN C 39 51.99 -35.69 -21.50
N ILE C 40 51.57 -35.00 -20.45
CA ILE C 40 50.14 -34.88 -20.13
C ILE C 40 49.43 -34.18 -21.29
N ILE C 41 50.07 -33.14 -21.81
CA ILE C 41 49.52 -32.38 -22.92
C ILE C 41 49.41 -33.25 -24.16
N ARG C 42 50.46 -34.00 -24.47
CA ARG C 42 50.47 -34.87 -25.63
C ARG C 42 49.42 -35.98 -25.48
N HIS C 43 49.27 -36.49 -24.26
CA HIS C 43 48.28 -37.53 -24.01
C HIS C 43 46.88 -37.00 -24.29
N ASN C 44 46.61 -35.77 -23.84
CA ASN C 44 45.30 -35.15 -24.05
C ASN C 44 45.00 -34.94 -25.53
N ILE C 45 46.01 -34.53 -26.29
CA ILE C 45 45.84 -34.29 -27.71
C ILE C 45 45.77 -35.58 -28.51
N ASP C 46 46.76 -36.45 -28.31
CA ASP C 46 46.86 -37.69 -29.07
C ASP C 46 46.02 -38.89 -28.64
N VAL C 47 45.74 -39.02 -27.35
CA VAL C 47 44.96 -40.15 -26.86
C VAL C 47 43.53 -39.76 -26.51
N CYS C 48 43.37 -38.69 -25.73
CA CYS C 48 42.03 -38.26 -25.36
C CYS C 48 41.35 -37.52 -26.51
N LYS C 49 42.16 -36.97 -27.40
CA LYS C 49 41.67 -36.25 -28.56
C LYS C 49 40.64 -35.16 -28.26
N VAL C 50 40.95 -34.31 -27.28
CA VAL C 50 40.06 -33.22 -26.91
C VAL C 50 40.23 -32.07 -27.91
N ASP C 51 39.29 -31.12 -27.90
CA ASP C 51 39.35 -30.00 -28.83
C ASP C 51 40.30 -28.88 -28.35
N GLY C 52 40.57 -28.86 -27.05
CA GLY C 52 41.46 -27.84 -26.52
C GLY C 52 41.80 -28.06 -25.06
N LEU C 53 42.64 -27.18 -24.52
CA LEU C 53 43.01 -27.26 -23.12
C LEU C 53 42.60 -25.99 -22.40
N TYR C 54 42.18 -26.16 -21.15
CA TYR C 54 41.79 -25.06 -20.27
C TYR C 54 42.94 -25.05 -19.26
N VAL C 55 43.86 -24.12 -19.47
CA VAL C 55 45.06 -23.99 -18.63
C VAL C 55 44.94 -23.01 -17.48
N GLY C 56 45.42 -23.41 -16.30
CA GLY C 56 45.39 -22.54 -15.14
C GLY C 56 44.12 -22.56 -14.32
N GLY C 57 43.34 -23.63 -14.46
CA GLY C 57 42.11 -23.76 -13.70
C GLY C 57 42.37 -24.45 -12.37
N SER C 58 41.31 -24.73 -11.62
CA SER C 58 41.43 -25.40 -10.34
C SER C 58 42.19 -26.72 -10.53
N THR C 59 41.84 -27.45 -11.58
CA THR C 59 42.46 -28.74 -11.87
C THR C 59 43.98 -28.66 -12.03
N GLY C 60 44.47 -27.54 -12.53
CA GLY C 60 45.91 -27.38 -12.68
C GLY C 60 46.58 -26.99 -11.38
N GLU C 61 45.82 -27.01 -10.27
CA GLU C 61 46.34 -26.65 -8.96
C GLU C 61 46.85 -25.20 -9.00
N ASN C 62 46.29 -24.43 -9.93
CA ASN C 62 46.64 -23.03 -10.15
C ASN C 62 46.77 -22.16 -8.90
N PHE C 63 45.75 -22.18 -8.04
CA PHE C 63 45.75 -21.34 -6.85
C PHE C 63 46.74 -21.70 -5.74
N MET C 64 47.50 -22.77 -5.95
CA MET C 64 48.52 -23.18 -4.99
C MET C 64 49.90 -22.77 -5.54
N LEU C 65 49.89 -22.12 -6.70
CA LEU C 65 51.12 -21.71 -7.36
C LEU C 65 51.49 -20.23 -7.30
N SER C 66 52.77 -19.95 -7.56
CA SER C 66 53.27 -18.58 -7.58
C SER C 66 53.01 -18.04 -8.98
N THR C 67 53.02 -16.72 -9.13
CA THR C 67 52.79 -16.13 -10.44
C THR C 67 53.82 -16.61 -11.45
N ASP C 68 55.07 -16.76 -11.01
CA ASP C 68 56.12 -17.23 -11.93
C ASP C 68 55.81 -18.63 -12.46
N GLU C 69 55.30 -19.49 -11.59
CA GLU C 69 54.98 -20.85 -12.01
C GLU C 69 53.78 -20.86 -12.96
N LYS C 70 52.81 -19.99 -12.69
CA LYS C 70 51.64 -19.90 -13.54
C LYS C 70 52.07 -19.54 -14.96
N LYS C 71 52.96 -18.55 -15.08
CA LYS C 71 53.47 -18.10 -16.37
C LYS C 71 54.24 -19.21 -17.10
N ARG C 72 55.05 -19.95 -16.37
CA ARG C 72 55.82 -21.03 -17.01
C ARG C 72 54.87 -22.07 -17.59
N ILE C 73 53.83 -22.41 -16.83
CA ILE C 73 52.86 -23.40 -17.30
C ILE C 73 52.17 -22.88 -18.57
N PHE C 74 51.79 -21.60 -18.58
CA PHE C 74 51.15 -21.04 -19.76
C PHE C 74 52.06 -21.09 -20.99
N GLU C 75 53.34 -20.81 -20.78
CA GLU C 75 54.30 -20.82 -21.90
C GLU C 75 54.58 -22.25 -22.39
N ILE C 76 54.76 -23.17 -21.47
CA ILE C 76 55.02 -24.56 -21.83
C ILE C 76 53.83 -25.15 -22.61
N ALA C 77 52.62 -24.91 -22.11
CA ALA C 77 51.43 -25.43 -22.78
C ALA C 77 51.33 -24.89 -24.19
N LYS C 78 51.50 -23.58 -24.34
CA LYS C 78 51.42 -22.97 -25.66
C LYS C 78 52.51 -23.52 -26.59
N ASP C 79 53.72 -23.64 -26.07
CA ASP C 79 54.84 -24.15 -26.86
C ASP C 79 54.61 -25.58 -27.35
N GLU C 80 54.11 -26.44 -26.46
CA GLU C 80 53.86 -27.84 -26.81
C GLU C 80 52.69 -27.99 -27.77
N VAL C 81 51.63 -27.22 -27.53
CA VAL C 81 50.44 -27.28 -28.35
C VAL C 81 50.62 -26.60 -29.70
N LYS C 82 51.23 -25.42 -29.68
CA LYS C 82 51.44 -24.65 -30.89
C LYS C 82 50.06 -24.26 -31.40
N GLU C 83 49.68 -24.75 -32.57
CA GLU C 83 48.38 -24.44 -33.15
C GLU C 83 47.53 -25.69 -33.33
N GLU C 84 47.95 -26.79 -32.72
CA GLU C 84 47.24 -28.06 -32.85
C GLU C 84 45.80 -28.06 -32.32
N ILE C 85 45.57 -27.46 -31.15
CA ILE C 85 44.23 -27.39 -30.58
C ILE C 85 44.04 -26.04 -29.91
N LYS C 86 42.82 -25.73 -29.52
CA LYS C 86 42.52 -24.44 -28.89
C LYS C 86 42.99 -24.35 -27.44
N LEU C 87 43.28 -23.13 -27.00
CA LEU C 87 43.76 -22.88 -25.65
C LEU C 87 43.02 -21.73 -24.95
N ILE C 88 42.55 -22.00 -23.73
CA ILE C 88 41.88 -20.99 -22.91
C ILE C 88 42.71 -20.89 -21.63
N ALA C 89 43.08 -19.67 -21.26
CA ALA C 89 43.85 -19.47 -20.05
C ALA C 89 42.98 -18.87 -18.94
N GLN C 90 42.95 -19.56 -17.79
CA GLN C 90 42.20 -19.06 -16.65
C GLN C 90 43.21 -18.16 -15.95
N VAL C 91 42.92 -16.86 -15.90
CA VAL C 91 43.83 -15.90 -15.30
C VAL C 91 43.28 -15.23 -14.04
N GLY C 92 42.10 -15.67 -13.61
CA GLY C 92 41.47 -15.10 -12.43
C GLY C 92 42.27 -15.28 -11.15
N SER C 93 42.09 -14.33 -10.23
CA SER C 93 42.80 -14.34 -8.95
C SER C 93 42.14 -13.32 -8.02
N VAL C 94 42.41 -13.46 -6.72
CA VAL C 94 41.89 -12.54 -5.71
C VAL C 94 42.68 -11.25 -5.92
N ASN C 95 43.85 -11.41 -6.54
CA ASN C 95 44.74 -10.30 -6.84
C ASN C 95 44.46 -9.85 -8.28
N LEU C 96 43.68 -8.79 -8.43
CA LEU C 96 43.34 -8.28 -9.75
C LEU C 96 44.56 -7.86 -10.57
N LYS C 97 45.58 -7.32 -9.90
CA LYS C 97 46.78 -6.91 -10.61
C LYS C 97 47.45 -8.12 -11.25
N GLU C 98 47.45 -9.25 -10.54
CA GLU C 98 48.04 -10.46 -11.08
C GLU C 98 47.21 -10.95 -12.26
N ALA C 99 45.89 -10.91 -12.13
CA ALA C 99 45.00 -11.35 -13.21
C ALA C 99 45.28 -10.55 -14.49
N VAL C 100 45.40 -9.24 -14.35
CA VAL C 100 45.67 -8.39 -15.50
C VAL C 100 47.01 -8.75 -16.13
N GLU C 101 48.03 -8.92 -15.29
CA GLU C 101 49.36 -9.29 -15.80
C GLU C 101 49.29 -10.62 -16.56
N LEU C 102 48.57 -11.60 -16.00
CA LEU C 102 48.42 -12.89 -16.62
C LEU C 102 47.59 -12.84 -17.90
N ALA C 103 46.59 -11.96 -17.93
CA ALA C 103 45.75 -11.83 -19.12
C ALA C 103 46.60 -11.28 -20.27
N LYS C 104 47.46 -10.33 -19.98
CA LYS C 104 48.32 -9.74 -20.99
C LYS C 104 49.35 -10.75 -21.47
N PHE C 105 49.96 -11.45 -20.51
CA PHE C 105 50.98 -12.46 -20.80
C PHE C 105 50.44 -13.57 -21.72
N THR C 106 49.27 -14.12 -21.38
CA THR C 106 48.69 -15.19 -22.18
C THR C 106 48.16 -14.67 -23.51
N THR C 107 47.73 -13.42 -23.54
CA THR C 107 47.22 -12.87 -24.79
C THR C 107 48.40 -12.70 -25.74
N ASP C 108 49.54 -12.27 -25.22
CA ASP C 108 50.72 -12.11 -26.04
C ASP C 108 51.25 -13.47 -26.52
N LEU C 109 50.96 -14.52 -25.75
CA LEU C 109 51.40 -15.88 -26.11
C LEU C 109 50.54 -16.47 -27.20
N GLY C 110 49.36 -15.90 -27.43
CA GLY C 110 48.48 -16.41 -28.46
C GLY C 110 47.31 -17.24 -27.98
N TYR C 111 47.00 -17.19 -26.69
CA TYR C 111 45.86 -17.95 -26.18
C TYR C 111 44.59 -17.44 -26.86
N ASP C 112 43.76 -18.38 -27.30
CA ASP C 112 42.53 -18.08 -28.03
C ASP C 112 41.46 -17.34 -27.24
N ALA C 113 41.50 -17.51 -25.92
CA ALA C 113 40.56 -16.82 -25.04
C ALA C 113 41.09 -16.93 -23.63
N ILE C 114 40.56 -16.10 -22.74
CA ILE C 114 40.95 -16.13 -21.35
C ILE C 114 39.67 -16.32 -20.56
N SER C 115 39.83 -16.76 -19.32
CA SER C 115 38.70 -17.01 -18.44
C SER C 115 39.11 -16.52 -17.05
N ALA C 116 38.14 -16.23 -16.20
CA ALA C 116 38.45 -15.76 -14.86
C ALA C 116 37.42 -16.17 -13.81
N VAL C 117 37.89 -16.85 -12.78
CA VAL C 117 37.01 -17.26 -11.71
C VAL C 117 36.57 -15.99 -10.98
N THR C 118 35.42 -16.05 -10.35
CA THR C 118 34.87 -14.92 -9.60
C THR C 118 35.82 -14.62 -8.42
N PRO C 119 36.16 -13.34 -8.20
CA PRO C 119 37.06 -13.08 -7.08
C PRO C 119 36.47 -13.68 -5.79
N PHE C 120 37.31 -14.37 -5.02
CA PHE C 120 36.83 -15.01 -3.81
C PHE C 120 37.50 -14.55 -2.51
N TYR C 121 37.24 -15.30 -1.44
CA TYR C 121 37.74 -15.02 -0.09
C TYR C 121 36.96 -13.82 0.47
N TYR C 122 37.21 -12.63 -0.08
CA TYR C 122 36.49 -11.44 0.36
C TYR C 122 35.09 -11.50 -0.26
N LYS C 123 34.11 -10.88 0.39
CA LYS C 123 32.74 -10.88 -0.13
C LYS C 123 32.51 -9.63 -0.97
N PHE C 124 32.75 -9.73 -2.27
CA PHE C 124 32.55 -8.61 -3.19
C PHE C 124 31.10 -8.58 -3.66
N ASP C 125 30.54 -7.39 -3.86
CA ASP C 125 29.16 -7.31 -4.34
C ASP C 125 29.17 -7.36 -5.87
N PHE C 126 28.00 -7.34 -6.48
CA PHE C 126 27.92 -7.42 -7.93
C PHE C 126 28.67 -6.31 -8.67
N GLU C 127 28.55 -5.09 -8.18
CA GLU C 127 29.23 -3.96 -8.80
C GLU C 127 30.74 -4.20 -8.88
N GLU C 128 31.30 -4.74 -7.79
CA GLU C 128 32.72 -5.00 -7.74
C GLU C 128 33.13 -6.18 -8.62
N ILE C 129 32.26 -7.18 -8.73
CA ILE C 129 32.55 -8.34 -9.56
C ILE C 129 32.54 -7.93 -11.02
N LYS C 130 31.66 -6.99 -11.36
CA LYS C 130 31.58 -6.49 -12.73
C LYS C 130 32.82 -5.69 -13.08
N HIS C 131 33.30 -4.89 -12.13
CA HIS C 131 34.49 -4.08 -12.35
C HIS C 131 35.68 -5.01 -12.55
N TYR C 132 35.71 -6.08 -11.75
CA TYR C 132 36.77 -7.07 -11.80
C TYR C 132 36.88 -7.63 -13.23
N TYR C 133 35.77 -8.13 -13.74
CA TYR C 133 35.75 -8.69 -15.08
C TYR C 133 36.07 -7.67 -16.16
N ASN C 134 35.44 -6.50 -16.09
CA ASN C 134 35.69 -5.47 -17.09
C ASN C 134 37.16 -5.05 -17.09
N THR C 135 37.73 -4.88 -15.90
CA THR C 135 39.12 -4.50 -15.78
C THR C 135 40.03 -5.50 -16.47
N ILE C 136 39.76 -6.79 -16.27
CA ILE C 136 40.59 -7.83 -16.88
C ILE C 136 40.52 -7.86 -18.41
N ILE C 137 39.32 -7.96 -18.95
CA ILE C 137 39.19 -8.05 -20.39
C ILE C 137 39.42 -6.75 -21.16
N ASN C 138 39.15 -5.61 -20.54
CA ASN C 138 39.38 -4.35 -21.24
C ASN C 138 40.88 -4.03 -21.32
N SER C 139 41.69 -4.79 -20.59
CA SER C 139 43.12 -4.57 -20.58
C SER C 139 43.84 -5.27 -21.74
N VAL C 140 43.13 -6.16 -22.43
CA VAL C 140 43.76 -6.90 -23.51
C VAL C 140 42.88 -7.07 -24.74
N ASP C 141 43.50 -7.41 -25.86
CA ASP C 141 42.78 -7.66 -27.10
C ASP C 141 42.53 -9.16 -27.15
N ASN C 142 41.52 -9.60 -26.40
CA ASN C 142 41.16 -11.01 -26.33
C ASN C 142 39.70 -11.11 -25.93
N ARG C 143 39.23 -12.33 -25.70
CA ARG C 143 37.84 -12.56 -25.31
C ARG C 143 37.81 -13.27 -23.96
N LEU C 144 36.78 -12.98 -23.15
CA LEU C 144 36.66 -13.54 -21.81
C LEU C 144 35.47 -14.45 -21.53
N ILE C 145 35.76 -15.53 -20.82
CA ILE C 145 34.75 -16.50 -20.40
C ILE C 145 34.64 -16.39 -18.89
N ILE C 146 33.42 -16.24 -18.38
CA ILE C 146 33.21 -16.15 -16.93
C ILE C 146 33.23 -17.54 -16.30
N TYR C 147 33.95 -17.66 -15.19
CA TYR C 147 34.05 -18.92 -14.46
C TYR C 147 33.28 -18.75 -13.15
N SER C 148 32.08 -19.33 -13.10
CA SER C 148 31.24 -19.23 -11.90
C SER C 148 31.18 -20.57 -11.18
N ILE C 149 31.91 -20.69 -10.07
CA ILE C 149 31.95 -21.93 -9.30
C ILE C 149 31.56 -21.71 -7.83
N PRO C 150 30.24 -21.71 -7.55
CA PRO C 150 29.75 -21.52 -6.18
C PRO C 150 30.27 -22.58 -5.21
N PHE C 151 30.50 -23.78 -5.73
CA PHE C 151 30.99 -24.90 -4.94
C PHE C 151 32.29 -24.63 -4.19
N LEU C 152 33.20 -23.87 -4.81
CA LEU C 152 34.49 -23.56 -4.18
C LEU C 152 34.63 -22.11 -3.74
N THR C 153 33.91 -21.20 -4.39
CA THR C 153 33.98 -19.79 -4.05
C THR C 153 32.84 -19.34 -3.14
N GLY C 154 31.63 -19.82 -3.41
CA GLY C 154 30.48 -19.45 -2.61
C GLY C 154 29.75 -18.27 -3.19
N VAL C 155 29.89 -18.06 -4.49
CA VAL C 155 29.25 -16.94 -5.18
C VAL C 155 28.30 -17.45 -6.27
N ASP C 156 27.02 -17.17 -6.12
CA ASP C 156 26.01 -17.59 -7.09
C ASP C 156 25.17 -16.41 -7.58
N MET C 157 25.35 -16.05 -8.85
CA MET C 157 24.64 -14.94 -9.45
C MET C 157 23.30 -15.32 -10.08
N SER C 158 22.54 -14.32 -10.50
CA SER C 158 21.24 -14.55 -11.12
C SER C 158 21.29 -14.33 -12.63
N LEU C 159 20.15 -14.54 -13.28
CA LEU C 159 20.04 -14.37 -14.72
C LEU C 159 20.17 -12.90 -15.10
N ASP C 160 19.69 -12.03 -14.22
CA ASP C 160 19.74 -10.60 -14.45
C ASP C 160 21.18 -10.09 -14.36
N GLN C 161 21.90 -10.56 -13.35
CA GLN C 161 23.29 -10.16 -13.16
C GLN C 161 24.12 -10.61 -14.36
N PHE C 162 24.00 -11.89 -14.73
CA PHE C 162 24.73 -12.41 -15.87
C PHE C 162 24.46 -11.52 -17.08
N GLY C 163 23.28 -10.91 -17.10
CA GLY C 163 22.91 -10.04 -18.21
C GLY C 163 23.72 -8.75 -18.25
N GLU C 164 23.90 -8.12 -17.09
CA GLU C 164 24.66 -6.87 -17.04
C GLU C 164 26.12 -7.11 -17.43
N LEU C 165 26.67 -8.25 -17.02
CA LEU C 165 28.04 -8.56 -17.36
C LEU C 165 28.18 -8.66 -18.87
N PHE C 166 27.26 -9.36 -19.51
CA PHE C 166 27.29 -9.53 -20.96
C PHE C 166 27.15 -8.24 -21.74
N GLU C 167 27.13 -7.11 -21.05
CA GLU C 167 27.03 -5.81 -21.70
C GLU C 167 28.39 -5.48 -22.32
N ASN C 168 29.41 -6.19 -21.85
CA ASN C 168 30.76 -6.02 -22.38
C ASN C 168 30.78 -7.04 -23.51
N GLU C 169 30.93 -6.56 -24.74
CA GLU C 169 30.94 -7.41 -25.92
C GLU C 169 32.12 -8.38 -25.96
N LYS C 170 33.14 -8.10 -25.18
CA LYS C 170 34.33 -8.95 -25.14
C LYS C 170 34.17 -10.14 -24.19
N ILE C 171 33.06 -10.18 -23.47
CA ILE C 171 32.78 -11.30 -22.57
C ILE C 171 31.88 -12.17 -23.45
N ILE C 172 32.44 -13.30 -23.90
CA ILE C 172 31.72 -14.17 -24.82
C ILE C 172 31.07 -15.43 -24.27
N GLY C 173 31.19 -15.67 -22.98
CA GLY C 173 30.58 -16.87 -22.46
C GLY C 173 30.78 -17.08 -20.98
N VAL C 174 30.38 -18.26 -20.51
CA VAL C 174 30.47 -18.61 -19.11
C VAL C 174 30.67 -20.11 -18.90
N LYS C 175 31.42 -20.46 -17.85
CA LYS C 175 31.64 -21.86 -17.51
C LYS C 175 30.70 -22.09 -16.34
N PHE C 176 29.70 -22.92 -16.57
CA PHE C 176 28.66 -23.23 -15.58
C PHE C 176 29.06 -24.40 -14.68
N THR C 177 29.09 -24.17 -13.37
CA THR C 177 29.44 -25.24 -12.43
C THR C 177 28.41 -25.40 -11.32
N ALA C 178 27.20 -24.91 -11.57
CA ALA C 178 26.12 -25.01 -10.60
C ALA C 178 25.24 -26.20 -10.95
N ALA C 179 24.64 -26.81 -9.94
CA ALA C 179 23.76 -27.96 -10.18
C ALA C 179 22.37 -27.49 -10.59
N ASP C 180 22.19 -26.19 -10.68
CA ASP C 180 20.90 -25.61 -11.05
C ASP C 180 20.71 -25.65 -12.57
N PHE C 181 20.01 -26.66 -13.05
CA PHE C 181 19.76 -26.77 -14.49
C PHE C 181 18.59 -25.91 -14.92
N TYR C 182 17.82 -25.41 -13.95
CA TYR C 182 16.71 -24.54 -14.26
C TYR C 182 17.35 -23.27 -14.79
N LEU C 183 18.33 -22.78 -14.04
CA LEU C 183 19.09 -21.59 -14.41
C LEU C 183 19.77 -21.81 -15.75
N LEU C 184 20.34 -23.00 -15.95
CA LEU C 184 21.02 -23.31 -17.20
C LEU C 184 20.08 -23.24 -18.39
N GLU C 185 18.89 -23.80 -18.23
CA GLU C 185 17.89 -23.79 -19.29
C GLU C 185 17.50 -22.35 -19.63
N ARG C 186 17.27 -21.55 -18.60
CA ARG C 186 16.90 -20.15 -18.78
C ARG C 186 18.02 -19.37 -19.49
N MET C 187 19.26 -19.56 -19.05
CA MET C 187 20.36 -18.85 -19.66
C MET C 187 20.56 -19.21 -21.14
N ARG C 188 20.41 -20.49 -21.45
CA ARG C 188 20.59 -20.95 -22.84
C ARG C 188 19.65 -20.23 -23.79
N LYS C 189 18.38 -20.15 -23.43
CA LYS C 189 17.39 -19.50 -24.29
C LYS C 189 17.51 -17.98 -24.30
N THR C 190 17.89 -17.41 -23.17
CA THR C 190 18.02 -15.95 -23.07
C THR C 190 19.26 -15.43 -23.80
N PHE C 191 20.37 -16.15 -23.69
CA PHE C 191 21.61 -15.73 -24.33
C PHE C 191 22.06 -16.79 -25.33
N PRO C 192 21.36 -16.90 -26.47
CA PRO C 192 21.74 -17.89 -27.48
C PRO C 192 23.03 -17.53 -28.21
N ASN C 193 23.55 -16.34 -27.98
CA ASN C 193 24.77 -15.93 -28.65
C ASN C 193 26.01 -16.07 -27.78
N LYS C 194 25.85 -16.52 -26.56
CA LYS C 194 26.98 -16.70 -25.64
C LYS C 194 27.37 -18.16 -25.53
N LEU C 195 28.65 -18.40 -25.27
CA LEU C 195 29.15 -19.77 -25.10
C LEU C 195 28.83 -20.20 -23.67
N ILE C 196 28.31 -21.41 -23.51
CA ILE C 196 28.02 -21.92 -22.18
C ILE C 196 28.74 -23.27 -22.09
N PHE C 197 29.66 -23.36 -21.13
CA PHE C 197 30.44 -24.57 -20.93
C PHE C 197 30.03 -25.30 -19.66
N ALA C 198 29.79 -26.61 -19.76
CA ALA C 198 29.43 -27.40 -18.60
C ALA C 198 30.71 -27.66 -17.84
N GLY C 199 30.68 -27.49 -16.52
CA GLY C 199 31.86 -27.71 -15.71
C GLY C 199 31.74 -28.83 -14.70
N PHE C 200 30.73 -29.68 -14.87
CA PHE C 200 30.49 -30.81 -13.97
C PHE C 200 30.48 -32.10 -14.78
N ASP C 201 31.65 -32.72 -14.86
CA ASP C 201 31.83 -33.95 -15.64
C ASP C 201 30.75 -35.02 -15.42
N GLU C 202 30.34 -35.21 -14.16
CA GLU C 202 29.34 -36.22 -13.83
C GLU C 202 27.91 -35.90 -14.28
N MET C 203 27.70 -34.68 -14.76
CA MET C 203 26.37 -34.26 -15.21
C MET C 203 26.43 -33.68 -16.62
N MET C 204 27.41 -34.14 -17.40
CA MET C 204 27.60 -33.69 -18.77
C MET C 204 26.39 -33.95 -19.67
N LEU C 205 25.83 -35.15 -19.58
CA LEU C 205 24.68 -35.50 -20.42
C LEU C 205 23.49 -34.55 -20.26
N PRO C 206 23.01 -34.37 -19.02
CA PRO C 206 21.87 -33.45 -18.87
C PRO C 206 22.21 -32.02 -19.28
N ALA C 207 23.48 -31.66 -19.17
CA ALA C 207 23.93 -30.32 -19.55
C ALA C 207 23.92 -30.18 -21.06
N THR C 208 24.33 -31.23 -21.76
CA THR C 208 24.38 -31.23 -23.22
C THR C 208 22.98 -31.18 -23.84
N VAL C 209 22.02 -31.87 -23.24
CA VAL C 209 20.67 -31.86 -23.76
C VAL C 209 20.06 -30.47 -23.59
N LEU C 210 20.56 -29.71 -22.62
CA LEU C 210 20.07 -28.37 -22.38
C LEU C 210 20.80 -27.31 -23.20
N GLY C 211 21.67 -27.75 -24.12
CA GLY C 211 22.35 -26.81 -24.99
C GLY C 211 23.74 -26.27 -24.74
N VAL C 212 24.51 -26.82 -23.81
CA VAL C 212 25.85 -26.28 -23.60
C VAL C 212 26.63 -26.44 -24.90
N ASP C 213 27.53 -25.51 -25.17
CA ASP C 213 28.34 -25.54 -26.38
C ASP C 213 29.58 -26.39 -26.23
N GLY C 214 29.73 -27.01 -25.07
CA GLY C 214 30.89 -27.85 -24.83
C GLY C 214 31.07 -28.10 -23.35
N ALA C 215 32.24 -28.61 -22.98
CA ALA C 215 32.51 -28.92 -21.59
C ALA C 215 33.98 -28.73 -21.24
N ILE C 216 34.23 -28.42 -19.97
CA ILE C 216 35.57 -28.20 -19.47
C ILE C 216 35.65 -29.07 -18.21
N GLY C 217 36.47 -30.12 -18.25
CA GLY C 217 36.56 -30.99 -17.09
C GLY C 217 37.92 -31.57 -16.79
N SER C 218 38.12 -31.90 -15.51
CA SER C 218 39.36 -32.48 -15.04
C SER C 218 39.50 -33.94 -15.47
N THR C 219 38.39 -34.68 -15.49
CA THR C 219 38.47 -36.09 -15.85
C THR C 219 38.77 -36.38 -17.30
N PHE C 220 38.63 -35.37 -18.17
CA PHE C 220 38.91 -35.58 -19.58
C PHE C 220 40.38 -35.86 -19.83
N ASN C 221 41.23 -35.54 -18.85
CA ASN C 221 42.66 -35.79 -19.00
C ASN C 221 42.91 -37.27 -19.26
N VAL C 222 41.99 -38.13 -18.82
CA VAL C 222 42.10 -39.56 -19.06
C VAL C 222 40.84 -40.12 -19.71
N ASN C 223 39.71 -39.42 -19.55
CA ASN C 223 38.45 -39.89 -20.10
C ASN C 223 37.88 -39.09 -21.27
N GLY C 224 38.74 -38.37 -21.98
CA GLY C 224 38.33 -37.57 -23.11
C GLY C 224 37.51 -38.26 -24.20
N VAL C 225 37.84 -39.51 -24.50
CA VAL C 225 37.09 -40.24 -25.53
C VAL C 225 35.63 -40.47 -25.11
N ARG C 226 35.42 -40.94 -23.88
CA ARG C 226 34.04 -41.16 -23.41
C ARG C 226 33.30 -39.83 -23.33
N ALA C 227 33.99 -38.78 -22.89
CA ALA C 227 33.38 -37.47 -22.75
C ALA C 227 32.86 -36.99 -24.11
N ARG C 228 33.67 -37.19 -25.15
CA ARG C 228 33.28 -36.79 -26.51
C ARG C 228 32.08 -37.61 -26.99
N GLN C 229 32.08 -38.90 -26.68
CA GLN C 229 30.97 -39.76 -27.09
C GLN C 229 29.68 -39.27 -26.43
N ILE C 230 29.74 -38.93 -25.15
CA ILE C 230 28.54 -38.44 -24.46
C ILE C 230 27.98 -37.22 -25.18
N PHE C 231 28.86 -36.27 -25.47
CA PHE C 231 28.48 -35.04 -26.12
C PHE C 231 27.90 -35.25 -27.52
N GLU C 232 28.64 -35.98 -28.35
CA GLU C 232 28.23 -36.24 -29.72
C GLU C 232 27.01 -37.15 -29.85
N LEU C 233 26.90 -38.15 -28.99
CA LEU C 233 25.75 -39.06 -29.02
C LEU C 233 24.50 -38.25 -28.72
N THR C 234 24.60 -37.37 -27.73
CA THR C 234 23.48 -36.53 -27.31
C THR C 234 23.05 -35.60 -28.43
N LYS C 235 24.02 -34.97 -29.10
CA LYS C 235 23.72 -34.06 -30.20
C LYS C 235 23.02 -34.82 -31.32
N ASN C 236 23.26 -36.13 -31.40
CA ASN C 236 22.64 -36.95 -32.43
C ASN C 236 21.40 -37.68 -31.91
N GLU C 237 20.93 -37.25 -30.74
CA GLU C 237 19.74 -37.81 -30.11
C GLU C 237 19.81 -39.28 -29.71
N LYS C 238 21.02 -39.79 -29.50
CA LYS C 238 21.19 -41.16 -29.05
C LYS C 238 21.39 -41.02 -27.54
N ILE C 239 20.34 -40.52 -26.89
CA ILE C 239 20.32 -40.26 -25.45
C ILE C 239 20.50 -41.48 -24.59
N SER C 240 19.90 -42.59 -25.01
CA SER C 240 20.01 -43.83 -24.26
C SER C 240 21.46 -44.26 -24.18
N GLU C 241 22.13 -44.31 -25.33
CA GLU C 241 23.55 -44.71 -25.38
C GLU C 241 24.44 -43.71 -24.65
N ALA C 242 24.11 -42.43 -24.74
CA ALA C 242 24.88 -41.40 -24.05
C ALA C 242 24.74 -41.62 -22.55
N LEU C 243 23.55 -42.00 -22.11
CA LEU C 243 23.32 -42.24 -20.69
C LEU C 243 24.17 -43.41 -20.22
N GLU C 244 24.32 -44.44 -21.05
CA GLU C 244 25.13 -45.59 -20.64
C GLU C 244 26.59 -45.18 -20.50
N VAL C 245 27.08 -44.36 -21.44
CA VAL C 245 28.45 -43.89 -21.36
C VAL C 245 28.61 -43.04 -20.10
N GLN C 246 27.58 -42.26 -19.77
CA GLN C 246 27.63 -41.43 -18.58
C GLN C 246 27.62 -42.32 -17.33
N HIS C 247 26.96 -43.48 -17.40
CA HIS C 247 26.92 -44.41 -16.28
C HIS C 247 28.32 -44.95 -15.98
N VAL C 248 29.00 -45.43 -17.04
CA VAL C 248 30.35 -45.96 -16.90
C VAL C 248 31.29 -44.85 -16.46
N THR C 249 31.12 -43.68 -17.07
CA THR C 249 31.92 -42.51 -16.74
C THR C 249 31.74 -42.13 -15.28
N ASN C 250 30.51 -42.21 -14.80
CA ASN C 250 30.25 -41.86 -13.42
C ASN C 250 30.69 -42.96 -12.45
N ASP C 251 30.89 -44.19 -12.94
CA ASP C 251 31.37 -45.24 -12.05
C ASP C 251 32.84 -44.89 -11.82
N LEU C 252 33.51 -44.49 -12.89
CA LEU C 252 34.92 -44.10 -12.85
C LEU C 252 35.10 -42.86 -11.98
N ILE C 253 34.28 -41.84 -12.22
CA ILE C 253 34.36 -40.61 -11.45
C ILE C 253 34.12 -40.87 -9.96
N THR C 254 33.20 -41.77 -9.66
CA THR C 254 32.90 -42.12 -8.28
C THR C 254 34.10 -42.79 -7.61
N ASP C 255 34.72 -43.74 -8.31
CA ASP C 255 35.89 -44.44 -7.77
C ASP C 255 37.02 -43.44 -7.53
N ILE C 256 37.24 -42.58 -8.52
CA ILE C 256 38.29 -41.57 -8.46
C ILE C 256 38.06 -40.59 -7.31
N LEU C 257 36.84 -40.11 -7.16
CA LEU C 257 36.51 -39.18 -6.09
C LEU C 257 36.73 -39.81 -4.72
N GLY C 258 36.35 -41.08 -4.58
CA GLY C 258 36.53 -41.75 -3.31
C GLY C 258 37.97 -42.13 -3.02
N ASN C 259 38.82 -42.07 -4.04
CA ASN C 259 40.23 -42.45 -3.90
C ASN C 259 41.17 -41.24 -3.89
N GLY C 260 40.63 -40.05 -4.13
CA GLY C 260 41.43 -38.84 -4.20
C GLY C 260 41.46 -38.39 -5.65
N LEU C 261 40.60 -37.41 -5.96
CA LEU C 261 40.45 -36.89 -7.33
C LEU C 261 41.68 -36.60 -8.18
N TYR C 262 42.43 -35.56 -7.83
CA TYR C 262 43.60 -35.21 -8.62
C TYR C 262 44.70 -36.27 -8.55
N GLN C 263 44.92 -36.83 -7.37
CA GLN C 263 45.96 -37.85 -7.23
C GLN C 263 45.66 -39.08 -8.09
N THR C 264 44.41 -39.52 -8.11
CA THR C 264 44.06 -40.71 -8.86
C THR C 264 44.13 -40.52 -10.37
N ILE C 265 43.76 -39.34 -10.85
CA ILE C 265 43.85 -39.11 -12.29
C ILE C 265 45.33 -39.18 -12.68
N LYS C 266 46.19 -38.60 -11.85
CA LYS C 266 47.62 -38.62 -12.16
C LYS C 266 48.14 -40.06 -12.14
N LEU C 267 47.65 -40.86 -11.20
CA LEU C 267 48.08 -42.26 -11.13
C LEU C 267 47.59 -43.00 -12.37
N LEU C 268 46.40 -42.65 -12.86
CA LEU C 268 45.86 -43.30 -14.05
C LEU C 268 46.69 -42.95 -15.27
N LEU C 269 47.26 -41.75 -15.27
CA LEU C 269 48.11 -41.33 -16.37
C LEU C 269 49.47 -42.05 -16.24
N GLU C 270 49.94 -42.18 -15.00
CA GLU C 270 51.22 -42.86 -14.75
C GLU C 270 51.11 -44.31 -15.24
N GLU C 271 49.94 -44.90 -15.07
CA GLU C 271 49.72 -46.28 -15.50
C GLU C 271 49.89 -46.43 -17.00
N GLN C 272 49.76 -45.32 -17.72
CA GLN C 272 49.90 -45.32 -19.18
C GLN C 272 51.24 -44.75 -19.60
N GLY C 273 52.16 -44.62 -18.65
CA GLY C 273 53.48 -44.13 -18.96
C GLY C 273 53.64 -42.62 -19.00
N VAL C 274 52.60 -41.89 -18.64
CA VAL C 274 52.67 -40.43 -18.63
C VAL C 274 53.13 -40.07 -17.21
N GLU C 275 54.19 -39.29 -17.11
CA GLU C 275 54.75 -38.90 -15.82
C GLU C 275 54.00 -37.71 -15.20
N ALA C 276 52.73 -37.94 -14.85
CA ALA C 276 51.88 -36.89 -14.26
C ALA C 276 52.30 -36.52 -12.85
N GLY C 277 53.03 -37.42 -12.19
CA GLY C 277 53.55 -37.16 -10.85
C GLY C 277 52.63 -36.94 -9.68
N TYR C 278 53.04 -36.02 -8.81
CA TYR C 278 52.32 -35.68 -7.58
C TYR C 278 51.47 -34.41 -7.66
N CYS C 279 50.71 -34.19 -6.59
CA CYS C 279 49.91 -32.99 -6.42
C CYS C 279 50.73 -32.15 -5.45
N ARG C 280 50.51 -30.85 -5.42
CA ARG C 280 51.25 -29.99 -4.51
C ARG C 280 50.68 -30.12 -3.09
N GLN C 281 51.56 -30.23 -2.09
CA GLN C 281 51.13 -30.29 -0.70
C GLN C 281 50.43 -28.95 -0.46
N PRO C 282 49.48 -28.88 0.49
CA PRO C 282 48.93 -29.88 1.39
C PRO C 282 48.05 -31.00 0.83
N MET C 283 47.88 -31.09 -0.48
CA MET C 283 47.09 -32.19 -1.02
C MET C 283 47.96 -33.42 -0.75
N LYS C 284 47.39 -34.41 -0.08
CA LYS C 284 48.14 -35.62 0.30
C LYS C 284 48.78 -36.39 -0.85
N GLU C 285 49.83 -37.12 -0.51
CA GLU C 285 50.51 -37.96 -1.48
C GLU C 285 49.68 -39.24 -1.49
N ALA C 286 49.64 -39.92 -2.62
CA ALA C 286 48.85 -41.15 -2.71
C ALA C 286 49.48 -42.22 -1.80
N THR C 287 48.64 -42.84 -0.98
CA THR C 287 49.09 -43.91 -0.09
C THR C 287 49.16 -45.19 -0.91
N ASP C 288 49.66 -46.27 -0.30
CA ASP C 288 49.75 -47.54 -1.01
C ASP C 288 48.36 -48.00 -1.42
N GLU C 289 47.41 -47.84 -0.51
CA GLU C 289 46.03 -48.23 -0.78
C GLU C 289 45.51 -47.46 -1.99
N MET C 290 45.82 -46.16 -2.02
CA MET C 290 45.38 -45.32 -3.13
C MET C 290 46.00 -45.78 -4.45
N LYS C 291 47.28 -46.12 -4.41
CA LYS C 291 47.97 -46.59 -5.62
C LYS C 291 47.39 -47.92 -6.12
N SER C 292 47.12 -48.85 -5.21
CA SER C 292 46.55 -50.14 -5.58
C SER C 292 45.16 -49.93 -6.18
N ARG C 293 44.35 -49.13 -5.51
CA ARG C 293 43.01 -48.83 -5.97
C ARG C 293 43.07 -48.25 -7.38
N ALA C 294 44.05 -47.37 -7.62
CA ALA C 294 44.19 -46.76 -8.94
C ALA C 294 44.48 -47.80 -10.01
N LYS C 295 45.20 -48.86 -9.65
CA LYS C 295 45.50 -49.90 -10.62
C LYS C 295 44.21 -50.66 -10.93
N GLU C 296 43.43 -50.95 -9.89
CA GLU C 296 42.16 -51.63 -10.06
C GLU C 296 41.28 -50.80 -11.00
N ILE C 297 41.21 -49.50 -10.71
CA ILE C 297 40.42 -48.58 -11.51
C ILE C 297 40.86 -48.60 -12.96
N TYR C 298 42.18 -48.55 -13.19
CA TYR C 298 42.69 -48.56 -14.54
C TYR C 298 42.24 -49.81 -15.27
N ARG C 299 42.46 -50.97 -14.65
CA ARG C 299 42.08 -52.24 -15.26
C ARG C 299 40.59 -52.32 -15.62
N LYS C 300 39.75 -51.77 -14.76
CA LYS C 300 38.30 -51.81 -14.97
C LYS C 300 37.75 -50.87 -16.04
N TYR C 301 38.35 -49.69 -16.19
CA TYR C 301 37.83 -48.72 -17.14
C TYR C 301 38.65 -48.40 -18.38
N PHE C 302 39.87 -48.89 -18.45
CA PHE C 302 40.72 -48.60 -19.60
C PHE C 302 41.35 -49.83 -20.25
N THR D 13 4.52 -1.33 -19.52
CA THR D 13 4.73 -1.16 -18.06
C THR D 13 3.41 -1.21 -17.31
N ASP D 14 3.27 -2.17 -16.41
CA ASP D 14 2.05 -2.31 -15.63
C ASP D 14 1.99 -1.09 -14.70
N MET D 15 0.93 -0.31 -14.83
CA MET D 15 0.79 0.92 -14.05
C MET D 15 0.08 0.82 -12.70
N LYS D 16 -0.20 -0.40 -12.24
CA LYS D 16 -0.89 -0.59 -10.97
C LYS D 16 0.02 -0.36 -9.76
N GLY D 17 -0.57 0.00 -8.62
CA GLY D 17 0.24 0.22 -7.43
C GLY D 17 -0.01 1.50 -6.67
N ILE D 18 0.87 1.76 -5.70
CA ILE D 18 0.80 2.93 -4.84
C ILE D 18 1.70 4.06 -5.37
N TYR D 19 1.09 5.22 -5.63
CA TYR D 19 1.83 6.37 -6.15
C TYR D 19 1.71 7.59 -5.25
N SER D 20 2.84 8.20 -4.92
CA SER D 20 2.83 9.40 -4.10
C SER D 20 2.66 10.60 -5.04
N ALA D 21 1.73 11.49 -4.72
CA ALA D 21 1.55 12.68 -5.54
C ALA D 21 2.70 13.57 -5.07
N LEU D 22 3.77 13.59 -5.86
CA LEU D 22 4.99 14.33 -5.55
C LEU D 22 4.88 15.80 -5.16
N LEU D 23 5.36 16.11 -3.95
CA LEU D 23 5.41 17.47 -3.44
C LEU D 23 6.69 18.09 -3.97
N VAL D 24 6.71 19.40 -4.17
CA VAL D 24 7.91 20.06 -4.67
C VAL D 24 8.48 20.97 -3.60
N SER D 25 9.81 21.06 -3.54
CA SER D 25 10.48 21.90 -2.55
C SER D 25 10.66 23.32 -3.11
N PHE D 26 10.30 24.32 -2.32
CA PHE D 26 10.42 25.72 -2.71
C PHE D 26 11.14 26.53 -1.63
N ASP D 27 11.95 27.51 -2.03
CA ASP D 27 12.63 28.34 -1.03
C ASP D 27 11.71 29.49 -0.61
N LYS D 28 12.23 30.41 0.19
CA LYS D 28 11.45 31.53 0.68
C LYS D 28 10.86 32.44 -0.40
N GLU D 29 11.58 32.62 -1.51
CA GLU D 29 11.09 33.46 -2.60
C GLU D 29 10.10 32.73 -3.50
N GLY D 30 10.09 31.40 -3.41
CA GLY D 30 9.19 30.62 -4.23
C GLY D 30 9.91 29.89 -5.35
N ASN D 31 11.23 29.95 -5.34
CA ASN D 31 12.03 29.27 -6.36
C ASN D 31 12.04 27.77 -6.07
N ILE D 32 12.11 26.97 -7.12
CA ILE D 32 12.18 25.52 -6.96
C ILE D 32 13.53 25.20 -6.32
N ASN D 33 13.54 24.30 -5.35
CA ASN D 33 14.77 23.89 -4.68
C ASN D 33 15.11 22.49 -5.21
N GLU D 34 15.99 22.43 -6.21
CA GLU D 34 16.35 21.14 -6.82
C GLU D 34 16.93 20.12 -5.84
N LYS D 35 17.76 20.59 -4.91
CA LYS D 35 18.36 19.69 -3.92
C LYS D 35 17.25 19.08 -3.07
N GLY D 36 16.37 19.95 -2.59
CA GLY D 36 15.26 19.51 -1.75
C GLY D 36 14.29 18.60 -2.48
N LEU D 37 13.99 18.92 -3.74
CA LEU D 37 13.08 18.10 -4.52
C LEU D 37 13.63 16.68 -4.63
N ARG D 38 14.92 16.57 -4.92
CA ARG D 38 15.55 15.27 -5.04
C ARG D 38 15.50 14.53 -3.72
N GLN D 39 15.58 15.26 -2.61
CA GLN D 39 15.52 14.61 -1.30
C GLN D 39 14.10 14.09 -1.07
N ILE D 40 13.12 14.83 -1.55
CA ILE D 40 11.72 14.39 -1.41
C ILE D 40 11.54 13.11 -2.21
N ILE D 41 12.02 13.12 -3.45
CA ILE D 41 11.94 11.98 -4.35
C ILE D 41 12.60 10.74 -3.74
N ARG D 42 13.85 10.91 -3.30
CA ARG D 42 14.61 9.82 -2.69
C ARG D 42 13.88 9.23 -1.49
N HIS D 43 13.30 10.10 -0.66
CA HIS D 43 12.57 9.68 0.52
C HIS D 43 11.38 8.79 0.15
N ASN D 44 10.66 9.19 -0.90
CA ASN D 44 9.50 8.44 -1.36
C ASN D 44 9.92 7.03 -1.79
N ILE D 45 11.04 6.97 -2.50
CA ILE D 45 11.54 5.70 -3.02
C ILE D 45 12.17 4.82 -1.94
N ASP D 46 13.07 5.38 -1.15
CA ASP D 46 13.78 4.61 -0.13
C ASP D 46 13.13 4.46 1.24
N VAL D 47 12.29 5.41 1.63
CA VAL D 47 11.66 5.32 2.94
C VAL D 47 10.18 4.92 2.86
N CYS D 48 9.41 5.62 2.03
CA CYS D 48 8.00 5.31 1.87
C CYS D 48 7.85 4.06 1.00
N LYS D 49 8.88 3.79 0.20
CA LYS D 49 8.90 2.63 -0.69
C LYS D 49 7.65 2.51 -1.55
N VAL D 50 7.28 3.61 -2.21
CA VAL D 50 6.10 3.63 -3.05
C VAL D 50 6.41 2.96 -4.39
N ASP D 51 5.37 2.63 -5.15
CA ASP D 51 5.56 1.99 -6.44
C ASP D 51 5.91 2.98 -7.54
N GLY D 52 5.50 4.23 -7.37
CA GLY D 52 5.80 5.23 -8.38
C GLY D 52 5.48 6.63 -7.92
N LEU D 53 5.64 7.59 -8.81
CA LEU D 53 5.35 8.98 -8.47
C LEU D 53 4.39 9.58 -9.47
N TYR D 54 3.48 10.41 -8.96
CA TYR D 54 2.50 11.12 -9.76
C TYR D 54 3.06 12.53 -9.72
N VAL D 55 3.66 12.96 -10.82
CA VAL D 55 4.28 14.28 -10.90
C VAL D 55 3.42 15.31 -11.62
N GLY D 56 3.42 16.54 -11.10
CA GLY D 56 2.64 17.59 -11.71
C GLY D 56 1.20 17.67 -11.22
N GLY D 57 0.93 17.05 -10.07
CA GLY D 57 -0.42 17.06 -9.55
C GLY D 57 -0.71 18.26 -8.66
N SER D 58 -1.92 18.31 -8.13
CA SER D 58 -2.35 19.39 -7.24
C SER D 58 -1.37 19.50 -6.06
N THR D 59 -0.97 18.34 -5.55
CA THR D 59 -0.06 18.26 -4.41
C THR D 59 1.28 18.92 -4.68
N GLY D 60 1.72 18.88 -5.94
CA GLY D 60 2.98 19.51 -6.28
C GLY D 60 2.82 20.99 -6.55
N GLU D 61 1.65 21.53 -6.19
CA GLU D 61 1.35 22.95 -6.39
C GLU D 61 1.47 23.33 -7.86
N ASN D 62 1.24 22.34 -8.71
CA ASN D 62 1.34 22.47 -10.17
C ASN D 62 0.71 23.72 -10.79
N PHE D 63 -0.52 24.01 -10.43
CA PHE D 63 -1.21 25.15 -11.04
C PHE D 63 -0.78 26.54 -10.61
N MET D 64 0.20 26.61 -9.72
CA MET D 64 0.74 27.89 -9.27
C MET D 64 2.07 28.14 -9.97
N LEU D 65 2.42 27.25 -10.90
CA LEU D 65 3.70 27.32 -11.61
C LEU D 65 3.61 27.64 -13.10
N SER D 66 4.71 28.12 -13.65
CA SER D 66 4.80 28.43 -15.07
C SER D 66 5.13 27.14 -15.80
N THR D 67 4.91 27.15 -17.11
CA THR D 67 5.18 25.98 -17.94
C THR D 67 6.63 25.52 -17.86
N ASP D 68 7.56 26.46 -17.75
CA ASP D 68 8.97 26.07 -17.67
C ASP D 68 9.31 25.45 -16.32
N GLU D 69 8.62 25.89 -15.26
CA GLU D 69 8.87 25.33 -13.94
C GLU D 69 8.31 23.92 -13.92
N LYS D 70 7.16 23.71 -14.53
CA LYS D 70 6.56 22.38 -14.60
C LYS D 70 7.54 21.45 -15.29
N LYS D 71 8.14 21.92 -16.39
CA LYS D 71 9.10 21.13 -17.14
C LYS D 71 10.35 20.80 -16.34
N ARG D 72 10.88 21.78 -15.61
CA ARG D 72 12.08 21.54 -14.81
C ARG D 72 11.82 20.44 -13.79
N ILE D 73 10.63 20.46 -13.18
CA ILE D 73 10.26 19.44 -12.20
C ILE D 73 10.13 18.07 -12.85
N PHE D 74 9.61 18.02 -14.07
CA PHE D 74 9.48 16.75 -14.78
C PHE D 74 10.88 16.19 -15.06
N GLU D 75 11.80 17.06 -15.46
CA GLU D 75 13.17 16.67 -15.77
C GLU D 75 13.87 16.12 -14.53
N ILE D 76 13.75 16.86 -13.43
CA ILE D 76 14.37 16.49 -12.18
C ILE D 76 13.84 15.16 -11.66
N ALA D 77 12.52 14.99 -11.69
CA ALA D 77 11.92 13.76 -11.20
C ALA D 77 12.43 12.56 -11.99
N LYS D 78 12.43 12.68 -13.32
CA LYS D 78 12.89 11.59 -14.17
C LYS D 78 14.38 11.30 -14.01
N ASP D 79 15.19 12.33 -13.79
CA ASP D 79 16.62 12.14 -13.62
C ASP D 79 16.94 11.47 -12.30
N GLU D 80 16.22 11.84 -11.25
CA GLU D 80 16.44 11.26 -9.94
C GLU D 80 15.95 9.81 -9.86
N VAL D 81 14.77 9.56 -10.40
CA VAL D 81 14.18 8.22 -10.39
C VAL D 81 14.82 7.28 -11.40
N LYS D 82 14.91 7.73 -12.64
CA LYS D 82 15.48 6.93 -13.73
C LYS D 82 14.55 5.78 -14.09
N GLU D 83 14.89 4.57 -13.68
CA GLU D 83 14.05 3.41 -13.98
C GLU D 83 13.71 2.60 -12.74
N GLU D 84 14.04 3.13 -11.56
CA GLU D 84 13.76 2.44 -10.32
C GLU D 84 12.28 2.20 -10.10
N ILE D 85 11.48 3.26 -10.21
CA ILE D 85 10.04 3.14 -10.03
C ILE D 85 9.29 3.77 -11.18
N LYS D 86 7.99 3.52 -11.25
CA LYS D 86 7.14 4.05 -12.31
C LYS D 86 6.86 5.55 -12.15
N LEU D 87 6.56 6.22 -13.25
CA LEU D 87 6.27 7.65 -13.25
C LEU D 87 5.08 8.05 -14.12
N ILE D 88 4.19 8.84 -13.54
CA ILE D 88 3.02 9.33 -14.26
C ILE D 88 3.08 10.86 -14.21
N ALA D 89 2.89 11.49 -15.36
CA ALA D 89 2.94 12.95 -15.42
C ALA D 89 1.55 13.57 -15.65
N GLN D 90 1.12 14.41 -14.71
CA GLN D 90 -0.16 15.10 -14.85
C GLN D 90 0.14 16.30 -15.74
N VAL D 91 -0.44 16.33 -16.93
CA VAL D 91 -0.18 17.40 -17.89
C VAL D 91 -1.38 18.28 -18.21
N GLY D 92 -2.53 17.98 -17.60
CA GLY D 92 -3.73 18.73 -17.85
C GLY D 92 -3.61 20.22 -17.56
N SER D 93 -4.46 21.01 -18.19
CA SER D 93 -4.45 22.47 -18.00
C SER D 93 -5.65 23.11 -18.69
N VAL D 94 -6.00 24.32 -18.26
CA VAL D 94 -7.12 25.04 -18.88
C VAL D 94 -6.67 25.38 -20.30
N ASN D 95 -5.36 25.47 -20.50
CA ASN D 95 -4.77 25.78 -21.80
C ASN D 95 -4.41 24.46 -22.50
N LEU D 96 -5.25 24.05 -23.44
CA LEU D 96 -5.06 22.81 -24.16
C LEU D 96 -3.70 22.72 -24.86
N LYS D 97 -3.21 23.85 -25.37
CA LYS D 97 -1.92 23.86 -26.05
C LYS D 97 -0.78 23.57 -25.06
N GLU D 98 -0.96 23.96 -23.81
CA GLU D 98 0.08 23.69 -22.82
C GLU D 98 0.03 22.20 -22.48
N ALA D 99 -1.16 21.64 -22.37
CA ALA D 99 -1.32 20.22 -22.05
C ALA D 99 -0.63 19.35 -23.11
N VAL D 100 -0.89 19.65 -24.38
CA VAL D 100 -0.28 18.91 -25.48
C VAL D 100 1.23 19.04 -25.37
N GLU D 101 1.70 20.27 -25.23
CA GLU D 101 3.12 20.57 -25.11
C GLU D 101 3.75 19.71 -24.01
N LEU D 102 3.13 19.70 -22.83
CA LEU D 102 3.63 18.92 -21.70
C LEU D 102 3.52 17.42 -21.92
N ALA D 103 2.52 17.00 -22.67
CA ALA D 103 2.33 15.59 -22.97
C ALA D 103 3.51 15.09 -23.81
N LYS D 104 3.92 15.90 -24.78
CA LYS D 104 5.03 15.55 -25.64
C LYS D 104 6.35 15.59 -24.88
N PHE D 105 6.51 16.61 -24.05
CA PHE D 105 7.72 16.79 -23.26
C PHE D 105 7.99 15.60 -22.32
N THR D 106 6.98 15.25 -21.52
CA THR D 106 7.12 14.15 -20.58
C THR D 106 7.23 12.80 -21.30
N THR D 107 6.57 12.67 -22.44
CA THR D 107 6.64 11.44 -23.20
C THR D 107 8.07 11.26 -23.71
N ASP D 108 8.65 12.33 -24.23
CA ASP D 108 10.02 12.27 -24.72
C ASP D 108 10.97 11.92 -23.59
N LEU D 109 10.66 12.41 -22.38
CA LEU D 109 11.49 12.12 -21.21
C LEU D 109 11.35 10.66 -20.81
N GLY D 110 10.33 10.00 -21.35
CA GLY D 110 10.11 8.60 -21.04
C GLY D 110 9.15 8.30 -19.91
N TYR D 111 8.27 9.25 -19.57
CA TYR D 111 7.31 8.99 -18.49
C TYR D 111 6.42 7.82 -18.89
N ASP D 112 6.20 6.91 -17.95
CA ASP D 112 5.41 5.71 -18.17
C ASP D 112 3.98 5.96 -18.63
N ALA D 113 3.42 7.11 -18.25
CA ALA D 113 2.06 7.46 -18.63
C ALA D 113 1.79 8.90 -18.27
N ILE D 114 0.71 9.43 -18.84
CA ILE D 114 0.33 10.80 -18.53
C ILE D 114 -1.08 10.84 -17.98
N SER D 115 -1.36 11.89 -17.23
CA SER D 115 -2.67 12.10 -16.62
C SER D 115 -3.08 13.52 -16.98
N ALA D 116 -4.39 13.78 -17.01
CA ALA D 116 -4.88 15.12 -17.33
C ALA D 116 -6.16 15.44 -16.57
N VAL D 117 -6.11 16.50 -15.78
CA VAL D 117 -7.27 16.93 -15.03
C VAL D 117 -8.29 17.45 -16.04
N THR D 118 -9.57 17.33 -15.71
CA THR D 118 -10.61 17.82 -16.60
C THR D 118 -10.43 19.33 -16.73
N PRO D 119 -10.65 19.89 -17.93
CA PRO D 119 -10.47 21.35 -18.04
C PRO D 119 -11.45 22.05 -17.08
N PHE D 120 -10.95 23.04 -16.34
CA PHE D 120 -11.79 23.75 -15.41
C PHE D 120 -11.99 25.25 -15.67
N TYR D 121 -12.39 25.96 -14.64
CA TYR D 121 -12.68 27.40 -14.69
C TYR D 121 -13.88 27.64 -15.61
N TYR D 122 -13.71 27.40 -16.91
CA TYR D 122 -14.79 27.58 -17.86
C TYR D 122 -15.69 26.36 -17.77
N LYS D 123 -16.94 26.51 -18.23
CA LYS D 123 -17.90 25.41 -18.21
C LYS D 123 -17.95 24.73 -19.57
N PHE D 124 -17.24 23.61 -19.69
CA PHE D 124 -17.20 22.85 -20.95
C PHE D 124 -18.22 21.70 -20.89
N ASP D 125 -18.85 21.39 -22.01
CA ASP D 125 -19.80 20.28 -22.01
C ASP D 125 -19.03 19.00 -22.38
N PHE D 126 -19.68 17.85 -22.24
CA PHE D 126 -19.00 16.59 -22.53
C PHE D 126 -18.26 16.55 -23.86
N GLU D 127 -18.92 17.00 -24.93
CA GLU D 127 -18.33 17.01 -26.24
C GLU D 127 -16.96 17.71 -26.22
N GLU D 128 -16.90 18.84 -25.52
CA GLU D 128 -15.67 19.61 -25.44
C GLU D 128 -14.61 18.95 -24.55
N ILE D 129 -15.05 18.28 -23.49
CA ILE D 129 -14.11 17.60 -22.62
C ILE D 129 -13.53 16.39 -23.35
N LYS D 130 -14.34 15.76 -24.18
CA LYS D 130 -13.92 14.60 -24.95
C LYS D 130 -12.85 15.03 -25.96
N HIS D 131 -13.10 16.15 -26.63
CA HIS D 131 -12.17 16.70 -27.59
C HIS D 131 -10.85 16.97 -26.89
N TYR D 132 -10.94 17.56 -25.71
CA TYR D 132 -9.79 17.88 -24.87
C TYR D 132 -8.93 16.64 -24.68
N TYR D 133 -9.53 15.58 -24.16
CA TYR D 133 -8.79 14.35 -23.91
C TYR D 133 -8.24 13.71 -25.19
N ASN D 134 -9.05 13.62 -26.24
CA ASN D 134 -8.57 13.02 -27.49
C ASN D 134 -7.40 13.79 -28.08
N THR D 135 -7.49 15.12 -28.06
CA THR D 135 -6.43 15.95 -28.59
C THR D 135 -5.11 15.67 -27.87
N ILE D 136 -5.18 15.53 -26.55
CA ILE D 136 -3.99 15.28 -25.75
C ILE D 136 -3.37 13.90 -26.05
N ILE D 137 -4.15 12.84 -25.92
CA ILE D 137 -3.63 11.50 -26.14
C ILE D 137 -3.27 11.19 -27.59
N ASN D 138 -3.99 11.76 -28.53
CA ASN D 138 -3.71 11.51 -29.94
C ASN D 138 -2.45 12.23 -30.40
N SER D 139 -1.92 13.12 -29.55
CA SER D 139 -0.72 13.87 -29.91
C SER D 139 0.56 13.18 -29.52
N VAL D 140 0.47 12.13 -28.70
CA VAL D 140 1.66 11.43 -28.26
C VAL D 140 1.56 9.92 -28.26
N ASP D 141 2.71 9.26 -28.24
CA ASP D 141 2.76 7.81 -28.20
C ASP D 141 2.86 7.44 -26.73
N ASN D 142 1.74 7.52 -26.03
CA ASN D 142 1.72 7.20 -24.60
C ASN D 142 0.32 6.73 -24.20
N ARG D 143 0.13 6.55 -22.90
CA ARG D 143 -1.16 6.10 -22.34
C ARG D 143 -1.68 7.20 -21.42
N LEU D 144 -2.99 7.41 -21.44
CA LEU D 144 -3.60 8.47 -20.63
C LEU D 144 -4.59 8.06 -19.54
N ILE D 145 -4.45 8.69 -18.37
CA ILE D 145 -5.34 8.44 -17.25
C ILE D 145 -6.15 9.72 -17.04
N ILE D 146 -7.46 9.59 -16.94
CA ILE D 146 -8.33 10.73 -16.71
C ILE D 146 -8.29 11.10 -15.24
N TYR D 147 -8.17 12.39 -14.95
CA TYR D 147 -8.13 12.89 -13.57
C TYR D 147 -9.50 13.49 -13.31
N SER D 148 -10.06 13.27 -12.12
CA SER D 148 -11.39 13.79 -11.82
C SER D 148 -11.70 14.06 -10.35
N ILE D 149 -12.12 15.28 -10.06
CA ILE D 149 -12.51 15.70 -8.71
C ILE D 149 -13.27 17.02 -8.71
N PRO D 150 -14.61 16.96 -8.82
CA PRO D 150 -15.45 18.16 -8.83
C PRO D 150 -15.24 18.98 -7.55
N PHE D 151 -14.76 18.31 -6.51
CA PHE D 151 -14.48 18.94 -5.24
C PHE D 151 -13.57 20.14 -5.41
N LEU D 152 -12.64 20.03 -6.37
CA LEU D 152 -11.69 21.10 -6.65
C LEU D 152 -11.99 21.78 -7.98
N THR D 153 -12.61 21.05 -8.89
CA THR D 153 -12.95 21.59 -10.21
C THR D 153 -14.45 21.87 -10.36
N GLY D 154 -15.27 20.85 -10.14
CA GLY D 154 -16.71 21.00 -10.26
C GLY D 154 -17.25 20.29 -11.49
N VAL D 155 -16.52 19.29 -11.97
CA VAL D 155 -16.92 18.53 -13.14
C VAL D 155 -17.41 17.13 -12.77
N ASP D 156 -18.74 16.96 -12.76
CA ASP D 156 -19.35 15.68 -12.40
C ASP D 156 -19.76 14.88 -13.65
N MET D 157 -18.89 13.96 -14.06
CA MET D 157 -19.17 13.13 -15.23
C MET D 157 -19.92 11.85 -14.87
N SER D 158 -20.86 11.45 -15.75
CA SER D 158 -21.67 10.26 -15.54
C SER D 158 -20.94 9.01 -16.02
N LEU D 159 -21.59 7.85 -15.86
CA LEU D 159 -21.02 6.58 -16.29
C LEU D 159 -20.99 6.50 -17.80
N ASP D 160 -21.97 7.13 -18.45
CA ASP D 160 -22.08 7.12 -19.90
C ASP D 160 -20.96 7.93 -20.55
N GLN D 161 -20.66 9.09 -19.96
CA GLN D 161 -19.62 9.96 -20.48
C GLN D 161 -18.27 9.27 -20.39
N PHE D 162 -17.90 8.80 -19.20
CA PHE D 162 -16.63 8.10 -19.02
C PHE D 162 -16.54 6.94 -20.02
N GLY D 163 -17.68 6.30 -20.25
CA GLY D 163 -17.72 5.18 -21.17
C GLY D 163 -17.30 5.56 -22.56
N GLU D 164 -17.71 6.76 -23.00
CA GLU D 164 -17.35 7.21 -24.34
C GLU D 164 -15.87 7.56 -24.42
N LEU D 165 -15.33 8.08 -23.33
CA LEU D 165 -13.92 8.43 -23.29
C LEU D 165 -13.06 7.16 -23.45
N PHE D 166 -13.44 6.09 -22.76
CA PHE D 166 -12.70 4.83 -22.82
C PHE D 166 -12.78 4.10 -24.16
N GLU D 167 -13.54 4.63 -25.11
CA GLU D 167 -13.63 3.97 -26.41
C GLU D 167 -12.30 4.14 -27.13
N ASN D 168 -11.45 4.98 -26.55
CA ASN D 168 -10.11 5.24 -27.10
C ASN D 168 -9.18 4.31 -26.31
N GLU D 169 -8.53 3.41 -27.03
CA GLU D 169 -7.64 2.44 -26.39
C GLU D 169 -6.40 2.99 -25.69
N LYS D 170 -5.98 4.21 -26.02
CA LYS D 170 -4.81 4.78 -25.37
C LYS D 170 -5.16 5.41 -24.03
N ILE D 171 -6.45 5.51 -23.75
CA ILE D 171 -6.92 6.04 -22.48
C ILE D 171 -7.12 4.81 -21.61
N ILE D 172 -6.11 4.51 -20.79
CA ILE D 172 -6.12 3.31 -19.96
C ILE D 172 -6.82 3.33 -18.61
N GLY D 173 -7.25 4.49 -18.13
CA GLY D 173 -7.90 4.50 -16.84
C GLY D 173 -8.41 5.84 -16.36
N VAL D 174 -8.81 5.86 -15.10
CA VAL D 174 -9.34 7.08 -14.49
C VAL D 174 -8.90 7.21 -13.03
N LYS D 175 -8.60 8.42 -12.63
CA LYS D 175 -8.21 8.71 -11.25
C LYS D 175 -9.45 9.28 -10.57
N PHE D 176 -10.05 8.47 -9.72
CA PHE D 176 -11.26 8.85 -9.00
C PHE D 176 -10.92 9.30 -7.59
N THR D 177 -11.16 10.58 -7.32
CA THR D 177 -10.89 11.12 -5.99
C THR D 177 -12.09 11.90 -5.45
N ALA D 178 -13.28 11.40 -5.76
CA ALA D 178 -14.54 11.99 -5.31
C ALA D 178 -15.16 11.10 -4.23
N ALA D 179 -16.33 11.48 -3.73
CA ALA D 179 -16.98 10.68 -2.70
C ALA D 179 -18.09 9.80 -3.29
N ASP D 180 -18.13 9.71 -4.61
CA ASP D 180 -19.16 8.90 -5.25
C ASP D 180 -18.76 7.44 -5.37
N PHE D 181 -18.99 6.67 -4.31
CA PHE D 181 -18.64 5.26 -4.34
C PHE D 181 -19.64 4.47 -5.17
N TYR D 182 -20.76 5.10 -5.49
CA TYR D 182 -21.79 4.47 -6.32
C TYR D 182 -21.21 4.41 -7.73
N LEU D 183 -20.73 5.55 -8.21
CA LEU D 183 -20.14 5.66 -9.53
C LEU D 183 -18.86 4.83 -9.63
N LEU D 184 -18.10 4.77 -8.54
CA LEU D 184 -16.87 4.00 -8.51
C LEU D 184 -17.17 2.53 -8.76
N GLU D 185 -18.17 2.02 -8.03
CA GLU D 185 -18.59 0.62 -8.17
C GLU D 185 -19.07 0.36 -9.61
N ARG D 186 -19.82 1.30 -10.16
CA ARG D 186 -20.35 1.18 -11.53
C ARG D 186 -19.20 1.15 -12.55
N MET D 187 -18.18 1.96 -12.32
CA MET D 187 -17.03 2.02 -13.21
C MET D 187 -16.28 0.70 -13.20
N ARG D 188 -15.97 0.20 -11.99
CA ARG D 188 -15.25 -1.05 -11.84
C ARG D 188 -15.93 -2.17 -12.62
N LYS D 189 -17.24 -2.31 -12.44
CA LYS D 189 -18.01 -3.34 -13.12
C LYS D 189 -18.16 -3.13 -14.62
N THR D 190 -18.34 -1.89 -15.03
CA THR D 190 -18.54 -1.59 -16.45
C THR D 190 -17.25 -1.64 -17.27
N PHE D 191 -16.14 -1.26 -16.66
CA PHE D 191 -14.86 -1.24 -17.36
C PHE D 191 -13.82 -2.08 -16.62
N PRO D 192 -13.98 -3.41 -16.66
CA PRO D 192 -13.05 -4.31 -15.97
C PRO D 192 -11.64 -4.31 -16.55
N ASN D 193 -11.49 -3.81 -17.77
CA ASN D 193 -10.18 -3.77 -18.41
C ASN D 193 -9.51 -2.41 -18.33
N LYS D 194 -10.02 -1.54 -17.46
CA LYS D 194 -9.44 -0.21 -17.29
C LYS D 194 -8.92 -0.04 -15.86
N LEU D 195 -7.91 0.81 -15.70
CA LEU D 195 -7.32 1.07 -14.39
C LEU D 195 -8.12 2.13 -13.63
N ILE D 196 -8.35 1.89 -12.34
CA ILE D 196 -9.06 2.85 -11.51
C ILE D 196 -8.23 3.19 -10.27
N PHE D 197 -7.85 4.46 -10.14
CA PHE D 197 -7.06 4.91 -9.00
C PHE D 197 -7.88 5.74 -8.02
N ALA D 198 -7.67 5.49 -6.74
CA ALA D 198 -8.36 6.22 -5.68
C ALA D 198 -7.49 7.43 -5.36
N GLY D 199 -8.13 8.58 -5.08
CA GLY D 199 -7.38 9.78 -4.78
C GLY D 199 -7.78 10.46 -3.48
N PHE D 200 -8.39 9.70 -2.59
CA PHE D 200 -8.86 10.19 -1.30
C PHE D 200 -8.22 9.35 -0.21
N ASP D 201 -7.06 9.79 0.25
CA ASP D 201 -6.28 9.08 1.27
C ASP D 201 -7.07 8.62 2.49
N GLU D 202 -7.94 9.46 3.01
CA GLU D 202 -8.72 9.11 4.19
C GLU D 202 -9.87 8.15 3.93
N MET D 203 -10.00 7.67 2.69
CA MET D 203 -11.05 6.74 2.31
C MET D 203 -10.47 5.62 1.47
N MET D 204 -9.20 5.31 1.70
CA MET D 204 -8.53 4.26 0.94
C MET D 204 -9.17 2.88 1.12
N LEU D 205 -9.51 2.52 2.35
CA LEU D 205 -10.12 1.21 2.64
C LEU D 205 -11.44 0.97 1.92
N PRO D 206 -12.42 1.88 2.08
CA PRO D 206 -13.69 1.68 1.40
C PRO D 206 -13.61 1.71 -0.12
N ALA D 207 -12.61 2.40 -0.66
CA ALA D 207 -12.43 2.48 -2.10
C ALA D 207 -11.77 1.21 -2.61
N THR D 208 -10.79 0.71 -1.86
CA THR D 208 -10.06 -0.49 -2.24
C THR D 208 -10.93 -1.74 -2.30
N VAL D 209 -11.97 -1.81 -1.47
CA VAL D 209 -12.84 -2.96 -1.48
C VAL D 209 -13.69 -2.98 -2.76
N LEU D 210 -13.71 -1.85 -3.47
CA LEU D 210 -14.48 -1.78 -4.72
C LEU D 210 -13.62 -2.14 -5.93
N GLY D 211 -12.41 -2.63 -5.69
CA GLY D 211 -11.55 -3.06 -6.78
C GLY D 211 -10.65 -2.08 -7.51
N VAL D 212 -10.25 -0.99 -6.86
CA VAL D 212 -9.35 -0.04 -7.52
C VAL D 212 -8.00 -0.70 -7.79
N ASP D 213 -7.32 -0.28 -8.85
CA ASP D 213 -6.04 -0.87 -9.23
C ASP D 213 -4.82 -0.21 -8.59
N GLY D 214 -5.07 0.77 -7.73
CA GLY D 214 -3.97 1.47 -7.09
C GLY D 214 -4.46 2.72 -6.41
N ALA D 215 -3.54 3.54 -5.95
CA ALA D 215 -3.89 4.77 -5.27
C ALA D 215 -2.83 5.83 -5.47
N ILE D 216 -3.28 7.08 -5.54
CA ILE D 216 -2.40 8.22 -5.71
C ILE D 216 -2.76 9.19 -4.59
N GLY D 217 -1.81 9.47 -3.70
CA GLY D 217 -2.10 10.36 -2.60
C GLY D 217 -0.99 11.31 -2.18
N SER D 218 -1.39 12.44 -1.60
CA SER D 218 -0.42 13.42 -1.15
C SER D 218 0.24 13.01 0.16
N THR D 219 -0.51 12.34 1.04
CA THR D 219 0.03 11.94 2.32
C THR D 219 1.03 10.79 2.22
N PHE D 220 1.09 10.13 1.05
CA PHE D 220 2.02 9.03 0.86
C PHE D 220 3.47 9.50 0.89
N ASN D 221 3.67 10.80 0.69
CA ASN D 221 5.02 11.39 0.71
C ASN D 221 5.67 11.13 2.07
N VAL D 222 4.85 11.01 3.11
CA VAL D 222 5.37 10.74 4.45
C VAL D 222 4.74 9.51 5.09
N ASN D 223 3.55 9.12 4.62
CA ASN D 223 2.84 7.97 5.19
C ASN D 223 2.70 6.80 4.20
N GLY D 224 3.65 6.72 3.26
CA GLY D 224 3.62 5.67 2.26
C GLY D 224 3.63 4.23 2.75
N VAL D 225 4.22 3.98 3.91
CA VAL D 225 4.27 2.62 4.44
C VAL D 225 2.89 2.16 4.90
N ARG D 226 2.27 2.92 5.79
CA ARG D 226 0.94 2.58 6.27
C ARG D 226 -0.04 2.52 5.09
N ALA D 227 0.11 3.45 4.15
CA ALA D 227 -0.75 3.51 2.98
C ALA D 227 -0.73 2.17 2.26
N ARG D 228 0.46 1.63 2.06
CA ARG D 228 0.62 0.35 1.40
C ARG D 228 -0.02 -0.74 2.25
N GLN D 229 0.13 -0.63 3.56
CA GLN D 229 -0.44 -1.60 4.48
C GLN D 229 -1.95 -1.70 4.28
N ILE D 230 -2.63 -0.55 4.30
CA ILE D 230 -4.08 -0.52 4.11
C ILE D 230 -4.45 -1.14 2.76
N PHE D 231 -3.77 -0.71 1.71
CA PHE D 231 -4.03 -1.20 0.37
C PHE D 231 -3.88 -2.70 0.22
N GLU D 232 -2.71 -3.22 0.56
CA GLU D 232 -2.46 -4.65 0.41
C GLU D 232 -3.26 -5.52 1.37
N LEU D 233 -3.50 -5.02 2.58
CA LEU D 233 -4.28 -5.80 3.54
C LEU D 233 -5.71 -5.95 3.03
N THR D 234 -6.26 -4.88 2.47
CA THR D 234 -7.62 -4.91 1.96
C THR D 234 -7.64 -5.85 0.76
N LYS D 235 -6.63 -5.75 -0.09
CA LYS D 235 -6.54 -6.60 -1.25
C LYS D 235 -6.48 -8.07 -0.84
N ASN D 236 -5.91 -8.33 0.33
CA ASN D 236 -5.81 -9.69 0.85
C ASN D 236 -7.01 -10.05 1.72
N GLU D 237 -7.98 -9.14 1.78
CA GLU D 237 -9.21 -9.32 2.55
C GLU D 237 -9.09 -9.30 4.07
N LYS D 238 -8.01 -8.72 4.59
CA LYS D 238 -7.83 -8.63 6.05
C LYS D 238 -8.37 -7.28 6.49
N ILE D 239 -9.69 -7.12 6.37
CA ILE D 239 -10.38 -5.87 6.70
C ILE D 239 -10.22 -5.32 8.11
N SER D 240 -10.35 -6.18 9.12
CA SER D 240 -10.23 -5.72 10.50
C SER D 240 -8.87 -5.08 10.77
N GLU D 241 -7.82 -5.62 10.17
CA GLU D 241 -6.49 -5.08 10.36
C GLU D 241 -6.33 -3.80 9.53
N ALA D 242 -6.94 -3.79 8.35
CA ALA D 242 -6.87 -2.63 7.47
C ALA D 242 -7.54 -1.44 8.12
N LEU D 243 -8.70 -1.68 8.73
CA LEU D 243 -9.44 -0.62 9.40
C LEU D 243 -8.63 -0.04 10.54
N GLU D 244 -7.73 -0.85 11.11
CA GLU D 244 -6.89 -0.40 12.20
C GLU D 244 -5.90 0.63 11.68
N VAL D 245 -5.23 0.28 10.59
CA VAL D 245 -4.26 1.19 9.98
C VAL D 245 -4.96 2.44 9.46
N GLN D 246 -6.16 2.28 8.92
CA GLN D 246 -6.91 3.42 8.40
C GLN D 246 -7.25 4.37 9.53
N HIS D 247 -7.52 3.81 10.71
CA HIS D 247 -7.85 4.64 11.87
C HIS D 247 -6.66 5.50 12.26
N VAL D 248 -5.48 4.88 12.28
CA VAL D 248 -4.26 5.60 12.64
C VAL D 248 -3.93 6.62 11.55
N THR D 249 -4.01 6.18 10.30
CA THR D 249 -3.73 7.04 9.17
C THR D 249 -4.63 8.26 9.18
N ASN D 250 -5.89 8.06 9.55
CA ASN D 250 -6.83 9.16 9.58
C ASN D 250 -6.67 10.08 10.79
N ASP D 251 -6.01 9.62 11.85
CA ASP D 251 -5.76 10.48 12.99
C ASP D 251 -4.67 11.44 12.50
N LEU D 252 -3.70 10.87 11.80
CA LEU D 252 -2.61 11.64 11.24
C LEU D 252 -3.17 12.67 10.25
N ILE D 253 -3.93 12.19 9.28
CA ILE D 253 -4.52 13.05 8.27
C ILE D 253 -5.35 14.17 8.90
N THR D 254 -6.10 13.83 9.94
CA THR D 254 -6.93 14.81 10.63
C THR D 254 -6.06 15.92 11.23
N ASP D 255 -4.96 15.54 11.88
CA ASP D 255 -4.07 16.52 12.49
C ASP D 255 -3.39 17.35 11.40
N ILE D 256 -2.99 16.67 10.32
CA ILE D 256 -2.34 17.34 9.20
C ILE D 256 -3.26 18.40 8.60
N LEU D 257 -4.52 18.02 8.36
CA LEU D 257 -5.50 18.94 7.79
C LEU D 257 -5.73 20.13 8.71
N GLY D 258 -5.81 19.86 10.01
CA GLY D 258 -6.05 20.92 10.96
C GLY D 258 -4.89 21.90 11.13
N ASN D 259 -3.69 21.47 10.79
CA ASN D 259 -2.50 22.32 10.92
C ASN D 259 -2.03 22.94 9.60
N GLY D 260 -2.71 22.61 8.52
CA GLY D 260 -2.30 23.11 7.21
C GLY D 260 -1.68 21.97 6.43
N LEU D 261 -2.48 21.38 5.54
CA LEU D 261 -2.07 20.23 4.73
C LEU D 261 -0.67 20.23 4.10
N TYR D 262 -0.48 21.05 3.07
CA TYR D 262 0.80 21.08 2.38
C TYR D 262 1.97 21.54 3.24
N GLN D 263 1.74 22.57 4.05
CA GLN D 263 2.81 23.07 4.91
C GLN D 263 3.27 21.99 5.89
N THR D 264 2.32 21.27 6.49
CA THR D 264 2.64 20.25 7.48
C THR D 264 3.36 19.01 6.94
N ILE D 265 2.97 18.55 5.75
CA ILE D 265 3.62 17.37 5.18
C ILE D 265 5.08 17.73 4.90
N LYS D 266 5.33 18.96 4.48
CA LYS D 266 6.69 19.40 4.21
C LYS D 266 7.49 19.51 5.50
N LEU D 267 6.83 19.95 6.57
CA LEU D 267 7.48 20.08 7.86
C LEU D 267 7.83 18.69 8.41
N LEU D 268 6.95 17.72 8.19
CA LEU D 268 7.21 16.37 8.66
C LEU D 268 8.42 15.82 7.92
N LEU D 269 8.60 16.24 6.67
CA LEU D 269 9.75 15.80 5.90
C LEU D 269 11.01 16.48 6.42
N GLU D 270 10.87 17.77 6.77
CA GLU D 270 11.99 18.54 7.31
C GLU D 270 12.50 17.86 8.58
N GLU D 271 11.57 17.43 9.43
CA GLU D 271 11.93 16.74 10.67
C GLU D 271 12.80 15.53 10.40
N GLN D 272 12.65 14.95 9.21
CA GLN D 272 13.42 13.77 8.83
C GLN D 272 14.61 14.09 7.94
N GLY D 273 15.08 15.33 7.98
CA GLY D 273 16.22 15.71 7.16
C GLY D 273 15.92 16.05 5.72
N VAL D 274 14.65 15.96 5.32
CA VAL D 274 14.27 16.28 3.94
C VAL D 274 13.80 17.74 3.91
N GLU D 275 14.53 18.60 3.22
CA GLU D 275 14.12 20.00 3.16
C GLU D 275 13.10 20.29 2.06
N ALA D 276 11.85 19.93 2.35
CA ALA D 276 10.74 20.13 1.43
C ALA D 276 10.45 21.63 1.34
N GLY D 277 10.96 22.36 2.32
CA GLY D 277 10.82 23.81 2.33
C GLY D 277 9.46 24.47 2.43
N TYR D 278 9.30 25.57 1.71
CA TYR D 278 8.06 26.35 1.71
C TYR D 278 7.10 25.96 0.60
N CYS D 279 5.90 26.52 0.70
CA CYS D 279 4.86 26.34 -0.30
C CYS D 279 4.91 27.65 -1.08
N ARG D 280 4.33 27.66 -2.27
CA ARG D 280 4.30 28.86 -3.09
C ARG D 280 3.21 29.80 -2.57
N GLN D 281 3.52 31.09 -2.48
CA GLN D 281 2.54 32.07 -2.06
C GLN D 281 1.46 32.01 -3.14
N PRO D 282 0.22 32.41 -2.84
CA PRO D 282 -0.23 32.93 -1.55
C PRO D 282 -0.54 31.88 -0.48
N MET D 283 -0.02 30.67 -0.64
CA MET D 283 -0.24 29.65 0.39
C MET D 283 0.56 30.07 1.62
N LYS D 284 -0.15 30.12 2.74
CA LYS D 284 0.37 30.50 4.05
C LYS D 284 1.76 29.99 4.40
N GLU D 285 2.59 30.86 4.95
CA GLU D 285 3.92 30.46 5.38
C GLU D 285 3.69 29.84 6.76
N ALA D 286 4.36 28.73 7.04
CA ALA D 286 4.20 28.06 8.33
C ALA D 286 4.52 29.02 9.48
N THR D 287 3.62 29.10 10.45
CA THR D 287 3.82 29.96 11.61
C THR D 287 4.57 29.18 12.69
N ASP D 288 4.98 29.87 13.76
CA ASP D 288 5.71 29.21 14.84
C ASP D 288 4.84 28.07 15.41
N GLU D 289 3.56 28.37 15.62
CA GLU D 289 2.63 27.38 16.13
C GLU D 289 2.56 26.18 15.21
N MET D 290 2.39 26.44 13.92
CA MET D 290 2.31 25.35 12.93
C MET D 290 3.56 24.48 12.97
N LYS D 291 4.71 25.11 13.16
CA LYS D 291 5.96 24.36 13.21
C LYS D 291 6.02 23.53 14.49
N SER D 292 5.52 24.08 15.59
CA SER D 292 5.52 23.35 16.85
C SER D 292 4.50 22.22 16.80
N ARG D 293 3.31 22.53 16.31
CA ARG D 293 2.25 21.54 16.20
C ARG D 293 2.70 20.42 15.27
N ALA D 294 3.47 20.78 14.25
CA ALA D 294 3.98 19.80 13.30
C ALA D 294 4.96 18.85 13.99
N LYS D 295 5.69 19.37 14.96
CA LYS D 295 6.67 18.57 15.70
C LYS D 295 5.95 17.53 16.55
N GLU D 296 4.80 17.92 17.10
CA GLU D 296 4.02 17.03 17.94
C GLU D 296 3.44 15.89 17.11
N ILE D 297 3.04 16.19 15.88
CA ILE D 297 2.47 15.17 14.99
C ILE D 297 3.54 14.17 14.62
N TYR D 298 4.74 14.67 14.36
CA TYR D 298 5.86 13.81 14.00
C TYR D 298 6.17 12.82 15.11
N ARG D 299 6.21 13.30 16.34
CA ARG D 299 6.51 12.47 17.50
C ARG D 299 5.39 11.48 17.79
N LYS D 300 4.16 11.84 17.43
CA LYS D 300 3.01 10.99 17.69
C LYS D 300 2.71 9.91 16.66
N TYR D 301 3.27 10.02 15.45
CA TYR D 301 2.99 9.03 14.42
C TYR D 301 4.20 8.38 13.78
N PHE D 302 5.39 8.94 14.03
CA PHE D 302 6.60 8.39 13.43
C PHE D 302 7.65 8.02 14.47
N THR E 13 -0.52 -52.99 -9.74
CA THR E 13 -0.69 -51.89 -10.74
C THR E 13 0.66 -51.23 -11.01
N ASP E 14 1.08 -51.19 -12.27
CA ASP E 14 2.36 -50.55 -12.56
C ASP E 14 2.19 -49.06 -12.33
N MET E 15 3.12 -48.48 -11.57
CA MET E 15 3.06 -47.09 -11.17
C MET E 15 3.84 -46.05 -11.97
N LYS E 16 4.30 -46.38 -13.17
CA LYS E 16 5.06 -45.44 -13.98
C LYS E 16 4.17 -44.38 -14.63
N GLY E 17 4.76 -43.24 -15.00
CA GLY E 17 3.99 -42.20 -15.65
C GLY E 17 3.95 -40.83 -15.02
N ILE E 18 3.02 -40.00 -15.49
CA ILE E 18 2.86 -38.64 -14.99
C ILE E 18 1.83 -38.58 -13.88
N TYR E 19 2.17 -37.93 -12.78
CA TYR E 19 1.26 -37.79 -11.65
C TYR E 19 1.15 -36.33 -11.24
N SER E 20 -0.07 -35.84 -11.08
CA SER E 20 -0.25 -34.47 -10.62
C SER E 20 -0.22 -34.52 -9.11
N ALA E 21 0.56 -33.63 -8.50
CA ALA E 21 0.59 -33.52 -7.05
C ALA E 21 -0.70 -32.75 -6.80
N LEU E 22 -1.76 -33.49 -6.47
CA LEU E 22 -3.09 -32.93 -6.27
C LEU E 22 -3.25 -31.69 -5.41
N LEU E 23 -3.77 -30.63 -6.02
CA LEU E 23 -4.03 -29.37 -5.31
C LEU E 23 -5.37 -29.54 -4.60
N VAL E 24 -5.50 -28.93 -3.44
CA VAL E 24 -6.74 -29.02 -2.69
C VAL E 24 -7.44 -27.67 -2.64
N SER E 25 -8.76 -27.68 -2.74
CA SER E 25 -9.55 -26.44 -2.70
C SER E 25 -10.00 -26.16 -1.27
N PHE E 26 -9.86 -24.92 -0.83
CA PHE E 26 -10.25 -24.51 0.52
C PHE E 26 -11.18 -23.31 0.46
N ASP E 27 -12.01 -23.12 1.49
CA ASP E 27 -12.89 -21.97 1.53
C ASP E 27 -12.18 -20.82 2.21
N LYS E 28 -12.91 -19.73 2.41
CA LYS E 28 -12.35 -18.53 3.04
C LYS E 28 -11.73 -18.82 4.40
N GLU E 29 -12.42 -19.57 5.23
CA GLU E 29 -11.91 -19.90 6.56
C GLU E 29 -10.88 -21.03 6.55
N GLY E 30 -10.54 -21.53 5.37
CA GLY E 30 -9.55 -22.58 5.27
C GLY E 30 -10.06 -24.01 5.34
N ASN E 31 -11.37 -24.19 5.39
CA ASN E 31 -11.95 -25.52 5.43
C ASN E 31 -11.90 -26.11 4.02
N ILE E 32 -11.86 -27.43 3.95
CA ILE E 32 -11.83 -28.12 2.67
C ILE E 32 -13.11 -27.81 1.89
N ASN E 33 -12.95 -27.55 0.61
CA ASN E 33 -14.09 -27.28 -0.27
C ASN E 33 -14.14 -28.52 -1.16
N GLU E 34 -14.89 -29.54 -0.72
CA GLU E 34 -15.00 -30.78 -1.46
C GLU E 34 -15.50 -30.61 -2.89
N LYS E 35 -16.35 -29.63 -3.12
CA LYS E 35 -16.87 -29.42 -4.47
C LYS E 35 -15.74 -28.96 -5.39
N GLY E 36 -14.85 -28.14 -4.85
CA GLY E 36 -13.73 -27.64 -5.63
C GLY E 36 -12.70 -28.74 -5.82
N LEU E 37 -12.50 -29.54 -4.77
CA LEU E 37 -11.53 -30.64 -4.85
C LEU E 37 -11.94 -31.64 -5.93
N ARG E 38 -13.20 -32.05 -5.93
CA ARG E 38 -13.67 -33.00 -6.93
C ARG E 38 -13.55 -32.42 -8.33
N GLN E 39 -13.75 -31.11 -8.46
CA GLN E 39 -13.61 -30.48 -9.77
C GLN E 39 -12.12 -30.50 -10.19
N ILE E 40 -11.23 -30.21 -9.25
CA ILE E 40 -9.80 -30.23 -9.56
C ILE E 40 -9.42 -31.63 -10.01
N ILE E 41 -9.94 -32.64 -9.31
CA ILE E 41 -9.65 -34.02 -9.63
C ILE E 41 -10.13 -34.37 -11.04
N ARG E 42 -11.37 -34.00 -11.34
CA ARG E 42 -11.96 -34.27 -12.65
C ARG E 42 -11.15 -33.58 -13.74
N HIS E 43 -10.67 -32.38 -13.45
CA HIS E 43 -9.87 -31.63 -14.42
C HIS E 43 -8.59 -32.40 -14.74
N ASN E 44 -7.91 -32.85 -13.70
CA ASN E 44 -6.67 -33.61 -13.88
C ASN E 44 -6.86 -34.85 -14.73
N ILE E 45 -7.98 -35.52 -14.52
CA ILE E 45 -8.30 -36.74 -15.26
C ILE E 45 -8.81 -36.53 -16.69
N ASP E 46 -9.80 -35.65 -16.83
CA ASP E 46 -10.43 -35.40 -18.12
C ASP E 46 -9.73 -34.43 -19.07
N VAL E 47 -9.12 -33.38 -18.52
CA VAL E 47 -8.45 -32.38 -19.33
C VAL E 47 -6.94 -32.61 -19.43
N CYS E 48 -6.28 -32.72 -18.28
CA CYS E 48 -4.84 -32.93 -18.25
C CYS E 48 -4.45 -34.35 -18.63
N LYS E 49 -5.41 -35.28 -18.49
CA LYS E 49 -5.19 -36.67 -18.84
C LYS E 49 -3.94 -37.28 -18.21
N VAL E 50 -3.76 -37.08 -16.91
CA VAL E 50 -2.58 -37.62 -16.24
C VAL E 50 -2.73 -39.11 -15.96
N ASP E 51 -1.60 -39.78 -15.70
CA ASP E 51 -1.62 -41.21 -15.41
C ASP E 51 -2.16 -41.49 -14.02
N GLY E 52 -2.05 -40.52 -13.13
CA GLY E 52 -2.54 -40.71 -11.79
C GLY E 52 -2.42 -39.47 -10.93
N LEU E 53 -2.83 -39.59 -9.68
CA LEU E 53 -2.76 -38.49 -8.73
C LEU E 53 -1.92 -38.85 -7.50
N TYR E 54 -1.10 -37.91 -7.08
CA TYR E 54 -0.26 -38.05 -5.89
C TYR E 54 -0.99 -37.19 -4.86
N VAL E 55 -1.67 -37.86 -3.93
CA VAL E 55 -2.49 -37.21 -2.91
C VAL E 55 -1.83 -37.07 -1.53
N GLY E 56 -1.97 -35.91 -0.93
CA GLY E 56 -1.38 -35.69 0.37
C GLY E 56 0.03 -35.15 0.33
N GLY E 57 0.44 -34.64 -0.82
CA GLY E 57 1.78 -34.10 -0.95
C GLY E 57 1.83 -32.62 -0.58
N SER E 58 3.02 -32.04 -0.69
CA SER E 58 3.21 -30.63 -0.35
C SER E 58 2.26 -29.75 -1.14
N THR E 59 2.08 -30.08 -2.43
CA THR E 59 1.19 -29.32 -3.30
C THR E 59 -0.24 -29.34 -2.79
N GLY E 60 -0.61 -30.42 -2.09
CA GLY E 60 -1.95 -30.51 -1.54
C GLY E 60 -2.03 -29.71 -0.25
N GLU E 61 -0.95 -29.03 0.10
CA GLU E 61 -0.88 -28.22 1.32
C GLU E 61 -1.12 -29.15 2.50
N ASN E 62 -0.84 -30.42 2.28
CA ASN E 62 -1.02 -31.49 3.27
C ASN E 62 -0.50 -31.19 4.67
N PHE E 63 0.71 -30.65 4.75
CA PHE E 63 1.35 -30.39 6.01
C PHE E 63 0.79 -29.21 6.81
N MET E 64 -0.30 -28.63 6.31
CA MET E 64 -0.95 -27.53 6.99
C MET E 64 -2.31 -28.05 7.49
N LEU E 65 -2.57 -29.33 7.26
CA LEU E 65 -3.83 -29.98 7.63
C LEU E 65 -3.79 -30.95 8.80
N SER E 66 -4.95 -31.25 9.38
CA SER E 66 -5.04 -32.19 10.49
C SER E 66 -5.28 -33.59 9.96
N THR E 67 -5.14 -34.59 10.82
CA THR E 67 -5.33 -35.98 10.45
C THR E 67 -6.69 -36.26 9.85
N ASP E 68 -7.73 -35.76 10.50
CA ASP E 68 -9.09 -35.95 10.02
C ASP E 68 -9.28 -35.38 8.62
N GLU E 69 -8.70 -34.20 8.37
CA GLU E 69 -8.81 -33.57 7.06
C GLU E 69 -8.07 -34.41 6.01
N LYS E 70 -6.88 -34.87 6.38
CA LYS E 70 -6.09 -35.70 5.46
C LYS E 70 -6.92 -36.93 5.07
N LYS E 71 -7.58 -37.53 6.06
CA LYS E 71 -8.42 -38.69 5.78
C LYS E 71 -9.57 -38.35 4.85
N ARG E 72 -10.22 -37.21 5.07
CA ARG E 72 -11.32 -36.83 4.21
C ARG E 72 -10.85 -36.63 2.78
N ILE E 73 -9.68 -36.05 2.61
CA ILE E 73 -9.17 -35.82 1.27
C ILE E 73 -8.88 -37.16 0.60
N PHE E 74 -8.30 -38.12 1.33
CA PHE E 74 -8.01 -39.42 0.72
C PHE E 74 -9.30 -40.10 0.26
N GLU E 75 -10.36 -39.97 1.06
CA GLU E 75 -11.66 -40.55 0.70
C GLU E 75 -12.24 -39.88 -0.52
N ILE E 76 -12.20 -38.54 -0.53
CA ILE E 76 -12.72 -37.77 -1.66
C ILE E 76 -12.02 -38.14 -2.96
N ALA E 77 -10.70 -38.17 -2.92
CA ALA E 77 -9.92 -38.51 -4.11
C ALA E 77 -10.25 -39.91 -4.61
N LYS E 78 -10.32 -40.88 -3.71
CA LYS E 78 -10.61 -42.26 -4.11
C LYS E 78 -12.02 -42.39 -4.68
N ASP E 79 -12.99 -41.75 -4.03
CA ASP E 79 -14.37 -41.79 -4.47
C ASP E 79 -14.59 -41.14 -5.84
N GLU E 80 -13.93 -40.01 -6.08
CA GLU E 80 -14.07 -39.31 -7.34
C GLU E 80 -13.34 -40.02 -8.48
N VAL E 81 -12.15 -40.54 -8.20
CA VAL E 81 -11.35 -41.22 -9.21
C VAL E 81 -11.86 -42.62 -9.53
N LYS E 82 -12.32 -43.34 -8.52
CA LYS E 82 -12.78 -44.71 -8.70
C LYS E 82 -11.57 -45.50 -9.17
N GLU E 83 -11.62 -46.05 -10.37
CA GLU E 83 -10.49 -46.82 -10.89
C GLU E 83 -10.04 -46.29 -12.24
N GLU E 84 -10.35 -45.04 -12.54
CA GLU E 84 -9.98 -44.47 -13.83
C GLU E 84 -8.48 -44.23 -13.96
N ILE E 85 -7.82 -43.84 -12.88
CA ILE E 85 -6.38 -43.62 -12.91
C ILE E 85 -5.75 -44.10 -11.62
N LYS E 86 -4.42 -44.13 -11.58
CA LYS E 86 -3.69 -44.57 -10.41
C LYS E 86 -3.66 -43.52 -9.30
N LEU E 87 -3.51 -44.00 -8.07
CA LEU E 87 -3.45 -43.14 -6.89
C LEU E 87 -2.31 -43.52 -5.95
N ILE E 88 -1.54 -42.52 -5.54
CA ILE E 88 -0.46 -42.70 -4.58
C ILE E 88 -0.80 -41.81 -3.39
N ALA E 89 -0.76 -42.37 -2.19
CA ALA E 89 -1.08 -41.56 -1.01
C ALA E 89 0.17 -41.27 -0.18
N GLN E 90 0.42 -39.98 0.04
CA GLN E 90 1.56 -39.58 0.85
C GLN E 90 1.06 -39.59 2.29
N VAL E 91 1.58 -40.51 3.10
CA VAL E 91 1.15 -40.65 4.48
C VAL E 91 2.21 -40.32 5.52
N GLY E 92 3.33 -39.78 5.07
CA GLY E 92 4.40 -39.42 6.00
C GLY E 92 4.19 -38.11 6.73
N SER E 93 4.98 -37.91 7.79
CA SER E 93 4.93 -36.71 8.62
C SER E 93 5.90 -36.87 9.80
N VAL E 94 5.98 -35.85 10.63
CA VAL E 94 6.86 -35.87 11.80
C VAL E 94 6.36 -36.92 12.80
N ASN E 95 5.04 -37.14 12.81
CA ASN E 95 4.42 -38.09 13.71
C ASN E 95 4.20 -39.47 13.06
N LEU E 96 4.99 -40.45 13.48
CA LEU E 96 4.91 -41.81 12.95
C LEU E 96 3.58 -42.49 13.23
N LYS E 97 2.97 -42.16 14.36
CA LYS E 97 1.69 -42.75 14.74
C LYS E 97 0.66 -42.41 13.67
N GLU E 98 0.66 -41.17 13.23
CA GLU E 98 -0.26 -40.71 12.20
C GLU E 98 0.04 -41.41 10.87
N ALA E 99 1.33 -41.61 10.59
CA ALA E 99 1.77 -42.25 9.35
C ALA E 99 1.21 -43.65 9.19
N VAL E 100 1.35 -44.47 10.23
CA VAL E 100 0.84 -45.84 10.19
C VAL E 100 -0.67 -45.81 9.98
N GLU E 101 -1.34 -44.95 10.74
CA GLU E 101 -2.79 -44.81 10.67
C GLU E 101 -3.22 -44.50 9.25
N LEU E 102 -2.58 -43.51 8.63
CA LEU E 102 -2.91 -43.11 7.28
C LEU E 102 -2.57 -44.18 6.24
N ALA E 103 -1.51 -44.93 6.50
CA ALA E 103 -1.10 -45.99 5.59
C ALA E 103 -2.17 -47.07 5.55
N LYS E 104 -2.74 -47.39 6.72
CA LYS E 104 -3.80 -48.39 6.82
C LYS E 104 -5.09 -47.89 6.18
N PHE E 105 -5.45 -46.66 6.52
CA PHE E 105 -6.67 -46.03 6.00
C PHE E 105 -6.65 -46.05 4.48
N THR E 106 -5.54 -45.58 3.92
CA THR E 106 -5.34 -45.48 2.49
C THR E 106 -5.27 -46.84 1.79
N THR E 107 -4.69 -47.83 2.46
CA THR E 107 -4.61 -49.16 1.88
C THR E 107 -6.01 -49.78 1.85
N ASP E 108 -6.81 -49.51 2.88
CA ASP E 108 -8.18 -50.03 2.91
C ASP E 108 -8.99 -49.40 1.79
N LEU E 109 -8.71 -48.13 1.50
CA LEU E 109 -9.40 -47.42 0.46
C LEU E 109 -9.03 -47.93 -0.93
N GLY E 110 -7.93 -48.69 -1.01
CA GLY E 110 -7.52 -49.23 -2.29
C GLY E 110 -6.47 -48.42 -3.04
N TYR E 111 -5.77 -47.52 -2.37
CA TYR E 111 -4.72 -46.75 -3.05
C TYR E 111 -3.70 -47.74 -3.60
N ASP E 112 -3.21 -47.46 -4.80
CA ASP E 112 -2.27 -48.36 -5.46
C ASP E 112 -0.89 -48.43 -4.84
N ALA E 113 -0.50 -47.37 -4.15
CA ALA E 113 0.79 -47.32 -3.47
C ALA E 113 0.77 -46.17 -2.49
N ILE E 114 1.63 -46.22 -1.48
CA ILE E 114 1.73 -45.13 -0.51
C ILE E 114 3.13 -44.57 -0.57
N SER E 115 3.29 -43.35 -0.08
CA SER E 115 4.56 -42.65 -0.08
C SER E 115 4.76 -42.00 1.29
N ALA E 116 6.00 -41.79 1.70
CA ALA E 116 6.24 -41.17 2.99
C ALA E 116 7.47 -40.26 2.97
N VAL E 117 7.24 -38.98 3.23
CA VAL E 117 8.33 -38.00 3.24
C VAL E 117 9.22 -38.30 4.43
N THR E 118 10.49 -37.95 4.31
CA THR E 118 11.43 -38.18 5.41
C THR E 118 10.99 -37.31 6.59
N PRO E 119 10.92 -37.89 7.79
CA PRO E 119 10.50 -37.11 8.96
C PRO E 119 11.39 -35.86 9.10
N PHE E 120 10.77 -34.70 9.27
CA PHE E 120 11.53 -33.46 9.37
C PHE E 120 11.48 -32.72 10.71
N TYR E 121 11.90 -31.46 10.68
CA TYR E 121 11.96 -30.60 11.85
C TYR E 121 13.08 -31.10 12.76
N TYR E 122 12.84 -32.24 13.42
CA TYR E 122 13.84 -32.82 14.28
C TYR E 122 14.92 -33.42 13.37
N LYS E 123 16.13 -33.55 13.89
CA LYS E 123 17.23 -34.09 13.10
C LYS E 123 17.43 -35.60 13.32
N PHE E 124 16.59 -36.39 12.67
CA PHE E 124 16.65 -37.85 12.78
C PHE E 124 17.87 -38.40 12.03
N ASP E 125 18.39 -39.54 12.49
CA ASP E 125 19.53 -40.15 11.81
C ASP E 125 19.02 -41.28 10.93
N PHE E 126 19.93 -41.96 10.23
CA PHE E 126 19.53 -43.04 9.33
C PHE E 126 18.78 -44.19 9.98
N GLU E 127 19.26 -44.64 11.13
CA GLU E 127 18.64 -45.74 11.86
C GLU E 127 17.16 -45.46 12.10
N GLU E 128 16.87 -44.24 12.54
CA GLU E 128 15.51 -43.83 12.84
C GLU E 128 14.69 -43.68 11.56
N ILE E 129 15.30 -43.11 10.52
CA ILE E 129 14.62 -42.94 9.24
C ILE E 129 14.26 -44.33 8.69
N LYS E 130 15.16 -45.29 8.91
CA LYS E 130 14.94 -46.66 8.45
C LYS E 130 13.79 -47.33 9.20
N HIS E 131 13.80 -47.19 10.53
CA HIS E 131 12.75 -47.77 11.36
C HIS E 131 11.39 -47.15 10.98
N TYR E 132 11.42 -45.88 10.63
CA TYR E 132 10.22 -45.14 10.22
C TYR E 132 9.61 -45.76 8.96
N TYR E 133 10.43 -45.94 7.93
CA TYR E 133 9.93 -46.52 6.69
C TYR E 133 9.52 -47.97 6.83
N ASN E 134 10.31 -48.78 7.53
CA ASN E 134 9.96 -50.18 7.71
C ASN E 134 8.67 -50.36 8.52
N THR E 135 8.50 -49.56 9.56
CA THR E 135 7.30 -49.64 10.38
C THR E 135 6.06 -49.35 9.54
N ILE E 136 6.13 -48.29 8.74
CA ILE E 136 5.00 -47.93 7.89
C ILE E 136 4.62 -49.02 6.90
N ILE E 137 5.58 -49.45 6.08
CA ILE E 137 5.27 -50.46 5.07
C ILE E 137 5.04 -51.88 5.60
N ASN E 138 5.65 -52.23 6.72
CA ASN E 138 5.46 -53.58 7.28
C ASN E 138 4.09 -53.70 7.94
N SER E 139 3.40 -52.57 8.10
CA SER E 139 2.09 -52.56 8.73
C SER E 139 0.93 -52.79 7.77
N VAL E 140 1.18 -52.67 6.47
CA VAL E 140 0.10 -52.85 5.50
C VAL E 140 0.46 -53.71 4.30
N ASP E 141 -0.56 -54.13 3.57
CA ASP E 141 -0.38 -54.93 2.37
C ASP E 141 -0.37 -53.94 1.21
N ASN E 142 0.72 -53.20 1.06
CA ASN E 142 0.82 -52.22 -0.01
C ASN E 142 2.28 -52.08 -0.42
N ARG E 143 2.58 -51.06 -1.22
CA ARG E 143 3.94 -50.80 -1.67
C ARG E 143 4.31 -49.36 -1.30
N LEU E 144 5.57 -49.14 -0.96
CA LEU E 144 6.01 -47.81 -0.53
C LEU E 144 7.06 -47.10 -1.41
N ILE E 145 6.86 -45.79 -1.56
CA ILE E 145 7.75 -44.92 -2.33
C ILE E 145 8.32 -43.89 -1.35
N ILE E 146 9.65 -43.79 -1.28
CA ILE E 146 10.31 -42.83 -0.40
C ILE E 146 10.20 -41.41 -0.97
N TYR E 147 9.93 -40.44 -0.11
CA TYR E 147 9.80 -39.03 -0.52
C TYR E 147 10.91 -38.24 0.18
N SER E 148 11.80 -37.62 -0.61
CA SER E 148 12.96 -36.88 -0.08
C SER E 148 12.81 -35.40 0.33
N ILE E 149 12.57 -34.54 -0.64
CA ILE E 149 12.41 -33.09 -0.40
C ILE E 149 13.61 -32.44 0.30
N PRO E 150 14.81 -32.58 -0.26
CA PRO E 150 16.00 -31.98 0.35
C PRO E 150 15.92 -30.45 0.49
N PHE E 151 15.06 -29.83 -0.31
CA PHE E 151 14.90 -28.37 -0.29
C PHE E 151 14.04 -27.84 0.85
N LEU E 152 13.00 -28.57 1.22
CA LEU E 152 12.11 -28.13 2.29
C LEU E 152 12.42 -28.77 3.64
N THR E 153 12.83 -30.04 3.63
CA THR E 153 13.15 -30.76 4.85
C THR E 153 14.64 -30.67 5.20
N GLY E 154 15.48 -30.60 4.18
CA GLY E 154 16.91 -30.52 4.42
C GLY E 154 17.51 -31.89 4.68
N VAL E 155 16.90 -32.92 4.11
CA VAL E 155 17.36 -34.30 4.27
C VAL E 155 18.00 -34.81 2.98
N ASP E 156 19.33 -34.93 2.99
CA ASP E 156 20.07 -35.40 1.83
C ASP E 156 20.78 -36.75 2.07
N MET E 157 20.03 -37.83 1.91
CA MET E 157 20.59 -39.17 2.11
C MET E 157 21.55 -39.56 0.99
N SER E 158 22.47 -40.47 1.31
CA SER E 158 23.46 -40.93 0.35
C SER E 158 22.99 -42.18 -0.38
N LEU E 159 23.84 -42.67 -1.27
CA LEU E 159 23.54 -43.85 -2.07
C LEU E 159 23.56 -45.13 -1.24
N ASP E 160 24.47 -45.21 -0.28
CA ASP E 160 24.60 -46.40 0.55
C ASP E 160 23.38 -46.65 1.45
N GLN E 161 22.77 -45.58 1.96
CA GLN E 161 21.61 -45.77 2.82
C GLN E 161 20.37 -46.14 2.01
N PHE E 162 20.11 -45.40 0.93
CA PHE E 162 18.97 -45.71 0.07
C PHE E 162 19.02 -47.21 -0.21
N GLY E 163 20.22 -47.72 -0.43
CA GLY E 163 20.41 -49.13 -0.72
C GLY E 163 19.94 -50.00 0.42
N GLU E 164 20.11 -49.52 1.64
CA GLU E 164 19.67 -50.27 2.81
C GLU E 164 18.15 -50.28 2.85
N LEU E 165 17.55 -49.11 2.65
CA LEU E 165 16.11 -48.99 2.65
C LEU E 165 15.51 -49.98 1.65
N PHE E 166 16.05 -49.98 0.42
CA PHE E 166 15.56 -50.87 -0.63
C PHE E 166 15.73 -52.35 -0.35
N GLU E 167 16.31 -52.68 0.79
CA GLU E 167 16.47 -54.09 1.14
C GLU E 167 15.07 -54.67 1.31
N ASN E 168 14.13 -53.82 1.75
CA ASN E 168 12.74 -54.25 1.92
C ASN E 168 12.10 -54.24 0.53
N GLU E 169 11.68 -55.42 0.08
CA GLU E 169 11.09 -55.56 -1.24
C GLU E 169 9.77 -54.80 -1.47
N LYS E 170 9.13 -54.35 -0.40
CA LYS E 170 7.87 -53.62 -0.54
C LYS E 170 8.11 -52.12 -0.68
N ILE E 171 9.37 -51.73 -0.64
CA ILE E 171 9.77 -50.34 -0.81
C ILE E 171 10.21 -50.36 -2.28
N ILE E 172 9.26 -50.03 -3.15
CA ILE E 172 9.45 -50.08 -4.59
C ILE E 172 10.10 -48.92 -5.32
N GLY E 173 10.30 -47.80 -4.65
CA GLY E 173 10.90 -46.67 -5.33
C GLY E 173 11.17 -45.47 -4.47
N VAL E 174 11.55 -44.37 -5.13
CA VAL E 174 11.86 -43.14 -4.43
C VAL E 174 11.49 -41.92 -5.27
N LYS E 175 11.08 -40.86 -4.59
CA LYS E 175 10.70 -39.61 -5.25
C LYS E 175 11.80 -38.58 -5.02
N PHE E 176 12.47 -38.21 -6.11
CA PHE E 176 13.55 -37.25 -6.09
C PHE E 176 13.02 -35.86 -6.41
N THR E 177 12.91 -35.00 -5.40
CA THR E 177 12.43 -33.65 -5.63
C THR E 177 13.57 -32.66 -5.39
N ALA E 178 14.78 -33.12 -5.72
CA ALA E 178 16.01 -32.32 -5.59
C ALA E 178 16.78 -32.45 -6.91
N ALA E 179 17.32 -31.34 -7.39
CA ALA E 179 18.06 -31.32 -8.65
C ALA E 179 19.46 -31.98 -8.65
N ASP E 180 19.78 -32.73 -7.60
CA ASP E 180 21.09 -33.40 -7.55
C ASP E 180 21.11 -34.48 -8.62
N PHE E 181 21.53 -34.12 -9.83
CA PHE E 181 21.56 -35.08 -10.91
C PHE E 181 22.67 -36.13 -10.84
N TYR E 182 23.66 -35.91 -9.99
CA TYR E 182 24.73 -36.88 -9.86
C TYR E 182 24.12 -38.04 -9.06
N LEU E 183 23.50 -37.72 -7.93
CA LEU E 183 22.88 -38.74 -7.10
C LEU E 183 21.76 -39.44 -7.86
N LEU E 184 21.02 -38.67 -8.68
CA LEU E 184 19.93 -39.25 -9.46
C LEU E 184 20.49 -40.30 -10.40
N GLU E 185 21.53 -39.93 -11.14
CA GLU E 185 22.16 -40.86 -12.07
C GLU E 185 22.68 -42.08 -11.32
N ARG E 186 23.27 -41.88 -10.14
CA ARG E 186 23.80 -42.99 -9.36
C ARG E 186 22.67 -43.93 -8.91
N MET E 187 21.54 -43.35 -8.53
CA MET E 187 20.38 -44.14 -8.11
C MET E 187 19.84 -44.98 -9.24
N ARG E 188 19.77 -44.38 -10.42
CA ARG E 188 19.26 -45.08 -11.61
C ARG E 188 20.10 -46.31 -11.91
N LYS E 189 21.41 -46.10 -11.93
CA LYS E 189 22.37 -47.15 -12.23
C LYS E 189 22.42 -48.23 -11.14
N THR E 190 22.36 -47.80 -9.89
CA THR E 190 22.44 -48.73 -8.76
C THR E 190 21.17 -49.53 -8.50
N PHE E 191 20.01 -48.94 -8.76
CA PHE E 191 18.75 -49.62 -8.52
C PHE E 191 17.89 -49.69 -9.77
N PRO E 192 18.30 -50.52 -10.74
CA PRO E 192 17.53 -50.64 -11.97
C PRO E 192 16.17 -51.31 -11.72
N ASN E 193 16.04 -51.94 -10.56
CA ASN E 193 14.83 -52.65 -10.18
C ASN E 193 13.86 -51.82 -9.32
N LYS E 194 14.14 -50.53 -9.17
CA LYS E 194 13.26 -49.68 -8.36
C LYS E 194 12.76 -48.51 -9.21
N LEU E 195 11.65 -47.91 -8.79
CA LEU E 195 11.10 -46.76 -9.53
C LEU E 195 11.72 -45.48 -9.02
N ILE E 196 11.95 -44.54 -9.92
CA ILE E 196 12.50 -43.25 -9.56
C ILE E 196 11.61 -42.17 -10.17
N PHE E 197 11.07 -41.30 -9.33
CA PHE E 197 10.20 -40.21 -9.79
C PHE E 197 10.83 -38.84 -9.63
N ALA E 198 10.76 -38.04 -10.69
CA ALA E 198 11.28 -36.67 -10.66
C ALA E 198 10.20 -35.80 -10.03
N GLY E 199 10.58 -34.94 -9.10
CA GLY E 199 9.62 -34.07 -8.45
C GLY E 199 9.78 -32.59 -8.75
N PHE E 200 10.68 -32.27 -9.67
CA PHE E 200 10.96 -30.88 -10.05
C PHE E 200 10.50 -30.59 -11.48
N ASP E 201 9.29 -30.07 -11.58
CA ASP E 201 8.65 -29.74 -12.84
C ASP E 201 9.56 -29.11 -13.91
N GLU E 202 10.25 -28.04 -13.55
CA GLU E 202 11.13 -27.35 -14.50
C GLU E 202 12.38 -28.09 -14.93
N MET E 203 12.65 -29.25 -14.34
CA MET E 203 13.82 -30.03 -14.70
C MET E 203 13.47 -31.49 -14.98
N MET E 204 12.21 -31.75 -15.31
CA MET E 204 11.81 -33.12 -15.58
C MET E 204 12.43 -33.65 -16.87
N LEU E 205 12.79 -32.75 -17.80
CA LEU E 205 13.39 -33.18 -19.06
C LEU E 205 14.79 -33.79 -18.80
N PRO E 206 15.69 -33.05 -18.15
CA PRO E 206 17.01 -33.63 -17.90
C PRO E 206 16.94 -34.83 -16.95
N ALA E 207 15.91 -34.87 -16.11
CA ALA E 207 15.74 -35.98 -15.18
C ALA E 207 15.28 -37.23 -15.96
N THR E 208 14.47 -37.02 -16.99
CA THR E 208 13.98 -38.13 -17.81
C THR E 208 15.13 -38.65 -18.66
N VAL E 209 16.01 -37.76 -19.08
CA VAL E 209 17.17 -38.15 -19.86
C VAL E 209 18.03 -39.09 -19.00
N LEU E 210 17.93 -38.94 -17.68
CA LEU E 210 18.70 -39.77 -16.76
C LEU E 210 17.95 -41.05 -16.33
N GLY E 211 16.81 -41.31 -16.97
CA GLY E 211 16.08 -42.53 -16.69
C GLY E 211 14.93 -42.61 -15.68
N VAL E 212 14.40 -41.48 -15.22
CA VAL E 212 13.29 -41.57 -14.26
C VAL E 212 12.10 -42.29 -14.88
N ASP E 213 11.32 -42.94 -14.03
CA ASP E 213 10.16 -43.71 -14.47
C ASP E 213 8.87 -42.90 -14.50
N GLY E 214 8.97 -41.64 -14.09
CA GLY E 214 7.80 -40.80 -14.10
C GLY E 214 8.09 -39.46 -13.45
N ALA E 215 7.05 -38.66 -13.30
CA ALA E 215 7.19 -37.35 -12.71
C ALA E 215 5.96 -37.02 -11.87
N ILE E 216 6.20 -36.31 -10.77
CA ILE E 216 5.15 -35.89 -9.85
C ILE E 216 5.30 -34.38 -9.74
N GLY E 217 4.32 -33.63 -10.22
CA GLY E 217 4.45 -32.19 -10.16
C GLY E 217 3.19 -31.40 -9.86
N SER E 218 3.38 -30.22 -9.31
CA SER E 218 2.28 -29.33 -8.96
C SER E 218 1.70 -28.64 -10.19
N THR E 219 2.54 -28.33 -11.19
CA THR E 219 2.04 -27.65 -12.38
C THR E 219 1.27 -28.55 -13.32
N PHE E 220 1.35 -29.87 -13.11
CA PHE E 220 0.63 -30.82 -13.96
C PHE E 220 -0.88 -30.70 -13.74
N ASN E 221 -1.26 -30.03 -12.65
CA ASN E 221 -2.67 -29.82 -12.36
C ASN E 221 -3.31 -29.06 -13.52
N VAL E 222 -2.51 -28.25 -14.21
CA VAL E 222 -3.02 -27.49 -15.35
C VAL E 222 -2.24 -27.70 -16.65
N ASN E 223 -1.01 -28.19 -16.54
CA ASN E 223 -0.16 -28.40 -17.72
C ASN E 223 0.19 -29.87 -17.95
N GLY E 224 -0.73 -30.77 -17.61
CA GLY E 224 -0.48 -32.20 -17.77
C GLY E 224 -0.23 -32.69 -19.19
N VAL E 225 -0.83 -32.04 -20.17
CA VAL E 225 -0.63 -32.44 -21.55
C VAL E 225 0.81 -32.19 -21.99
N ARG E 226 1.31 -30.98 -21.76
CA ARG E 226 2.70 -30.69 -22.14
C ARG E 226 3.67 -31.55 -21.33
N ALA E 227 3.39 -31.69 -20.04
CA ALA E 227 4.25 -32.50 -19.18
C ALA E 227 4.40 -33.92 -19.72
N ARG E 228 3.28 -34.53 -20.14
CA ARG E 228 3.31 -35.88 -20.69
C ARG E 228 4.13 -35.91 -21.98
N GLN E 229 3.98 -34.86 -22.80
CA GLN E 229 4.71 -34.78 -24.05
C GLN E 229 6.21 -34.79 -23.77
N ILE E 230 6.64 -33.93 -22.85
CA ILE E 230 8.05 -33.85 -22.51
C ILE E 230 8.56 -35.21 -22.03
N PHE E 231 7.82 -35.83 -21.12
CA PHE E 231 8.23 -37.12 -20.58
C PHE E 231 8.35 -38.19 -21.66
N GLU E 232 7.26 -38.43 -22.38
CA GLU E 232 7.24 -39.44 -23.42
C GLU E 232 8.15 -39.16 -24.60
N LEU E 233 8.19 -37.92 -25.07
CA LEU E 233 9.06 -37.59 -26.18
C LEU E 233 10.52 -37.82 -25.78
N THR E 234 10.86 -37.49 -24.54
CA THR E 234 12.24 -37.69 -24.10
C THR E 234 12.50 -39.20 -23.97
N LYS E 235 11.52 -39.94 -23.46
CA LYS E 235 11.63 -41.39 -23.31
C LYS E 235 11.86 -42.02 -24.69
N ASN E 236 11.21 -41.45 -25.70
CA ASN E 236 11.32 -41.96 -27.07
C ASN E 236 12.55 -41.42 -27.79
N GLU E 237 13.37 -40.66 -27.08
CA GLU E 237 14.59 -40.09 -27.63
C GLU E 237 14.35 -38.98 -28.64
N LYS E 238 13.16 -38.38 -28.59
CA LYS E 238 12.86 -37.29 -29.50
C LYS E 238 13.16 -36.01 -28.72
N ILE E 239 14.44 -35.82 -28.42
CA ILE E 239 14.93 -34.68 -27.64
C ILE E 239 14.60 -33.31 -28.19
N SER E 240 14.93 -33.07 -29.46
CA SER E 240 14.66 -31.77 -30.06
C SER E 240 13.17 -31.44 -29.99
N GLU E 241 12.33 -32.47 -30.06
CA GLU E 241 10.90 -32.27 -29.97
C GLU E 241 10.50 -32.04 -28.52
N ALA E 242 11.11 -32.78 -27.60
CA ALA E 242 10.83 -32.62 -26.17
C ALA E 242 11.27 -31.23 -25.71
N LEU E 243 12.42 -30.79 -26.21
CA LEU E 243 12.94 -29.47 -25.86
C LEU E 243 12.01 -28.34 -26.25
N GLU E 244 11.37 -28.45 -27.41
CA GLU E 244 10.43 -27.43 -27.88
C GLU E 244 9.32 -27.24 -26.83
N VAL E 245 8.76 -28.35 -26.35
CA VAL E 245 7.70 -28.30 -25.35
C VAL E 245 8.24 -27.77 -24.03
N GLN E 246 9.47 -28.16 -23.69
CA GLN E 246 10.08 -27.69 -22.44
C GLN E 246 10.32 -26.18 -22.46
N HIS E 247 10.60 -25.62 -23.64
CA HIS E 247 10.85 -24.17 -23.76
C HIS E 247 9.62 -23.39 -23.30
N VAL E 248 8.46 -23.75 -23.86
CA VAL E 248 7.20 -23.10 -23.55
C VAL E 248 6.77 -23.37 -22.10
N THR E 249 6.93 -24.62 -21.67
CA THR E 249 6.58 -25.01 -20.31
C THR E 249 7.39 -24.26 -19.25
N ASN E 250 8.68 -24.07 -19.49
CA ASN E 250 9.49 -23.36 -18.51
C ASN E 250 9.21 -21.87 -18.53
N ASP E 251 8.68 -21.36 -19.64
CA ASP E 251 8.32 -19.94 -19.70
C ASP E 251 7.06 -19.84 -18.83
N LEU E 252 6.18 -20.83 -18.97
CA LEU E 252 4.95 -20.90 -18.17
C LEU E 252 5.24 -21.02 -16.68
N ILE E 253 6.16 -21.92 -16.32
CA ILE E 253 6.50 -22.12 -14.93
C ILE E 253 7.17 -20.88 -14.32
N THR E 254 7.94 -20.17 -15.12
CA THR E 254 8.60 -18.96 -14.65
C THR E 254 7.54 -17.89 -14.34
N ASP E 255 6.54 -17.76 -15.20
CA ASP E 255 5.48 -16.79 -14.97
C ASP E 255 4.66 -17.19 -13.74
N ILE E 256 4.41 -18.48 -13.59
CA ILE E 256 3.67 -18.99 -12.44
C ILE E 256 4.44 -18.73 -11.16
N LEU E 257 5.73 -19.06 -11.15
CA LEU E 257 6.56 -18.85 -9.97
C LEU E 257 6.62 -17.39 -9.56
N GLY E 258 6.68 -16.49 -10.55
CA GLY E 258 6.75 -15.08 -10.24
C GLY E 258 5.44 -14.47 -9.76
N ASN E 259 4.33 -15.14 -10.03
CA ASN E 259 3.02 -14.62 -9.62
C ASN E 259 2.49 -15.31 -8.37
N GLY E 260 3.22 -16.32 -7.89
CA GLY E 260 2.78 -17.06 -6.71
C GLY E 260 2.40 -18.45 -7.16
N LEU E 261 3.28 -19.41 -6.92
CA LEU E 261 3.07 -20.79 -7.35
C LEU E 261 1.70 -21.43 -7.17
N TYR E 262 1.35 -21.74 -5.94
CA TYR E 262 0.09 -22.39 -5.66
C TYR E 262 -1.12 -21.53 -6.00
N GLN E 263 -1.04 -20.24 -5.72
CA GLN E 263 -2.15 -19.34 -6.01
C GLN E 263 -2.44 -19.27 -7.50
N THR E 264 -1.40 -19.10 -8.30
CA THR E 264 -1.53 -18.99 -9.75
C THR E 264 -2.06 -20.26 -10.41
N ILE E 265 -1.60 -21.42 -9.96
CA ILE E 265 -2.10 -22.66 -10.55
C ILE E 265 -3.61 -22.74 -10.31
N LYS E 266 -4.03 -22.34 -9.10
CA LYS E 266 -5.45 -22.37 -8.78
C LYS E 266 -6.23 -21.34 -9.59
N LEU E 267 -5.62 -20.18 -9.84
CA LEU E 267 -6.27 -19.14 -10.64
C LEU E 267 -6.41 -19.60 -12.09
N LEU E 268 -5.42 -20.35 -12.58
CA LEU E 268 -5.47 -20.86 -13.95
C LEU E 268 -6.59 -21.89 -14.05
N LEU E 269 -6.85 -22.60 -12.95
CA LEU E 269 -7.93 -23.58 -12.93
C LEU E 269 -9.28 -22.84 -12.95
N GLU E 270 -9.38 -21.76 -12.18
CA GLU E 270 -10.63 -21.00 -12.15
C GLU E 270 -10.97 -20.45 -13.53
N GLU E 271 -9.95 -20.06 -14.28
CA GLU E 271 -10.14 -19.54 -15.62
C GLU E 271 -10.82 -20.58 -16.51
N GLN E 272 -10.81 -21.83 -16.06
CA GLN E 272 -11.41 -22.90 -16.83
C GLN E 272 -12.66 -23.48 -16.18
N GLY E 273 -13.24 -22.72 -15.26
CA GLY E 273 -14.45 -23.17 -14.59
C GLY E 273 -14.22 -24.06 -13.39
N VAL E 274 -12.99 -24.11 -12.90
CA VAL E 274 -12.68 -24.96 -11.74
C VAL E 274 -12.60 -24.10 -10.48
N GLU E 275 -13.52 -24.34 -9.55
CA GLU E 275 -13.56 -23.60 -8.30
C GLU E 275 -12.44 -24.07 -7.36
N ALA E 276 -11.19 -23.82 -7.77
CA ALA E 276 -10.02 -24.24 -7.00
C ALA E 276 -9.95 -23.57 -5.63
N GLY E 277 -10.72 -22.49 -5.46
CA GLY E 277 -10.77 -21.80 -4.18
C GLY E 277 -9.53 -21.13 -3.63
N TYR E 278 -9.52 -20.98 -2.30
CA TYR E 278 -8.42 -20.34 -1.59
C TYR E 278 -7.28 -21.29 -1.26
N CYS E 279 -6.21 -20.69 -0.74
CA CYS E 279 -5.05 -21.43 -0.28
C CYS E 279 -5.18 -21.34 1.23
N ARG E 280 -4.54 -22.24 1.96
CA ARG E 280 -4.63 -22.23 3.42
C ARG E 280 -3.68 -21.23 4.07
N GLN E 281 -4.22 -20.27 4.82
CA GLN E 281 -3.38 -19.28 5.50
C GLN E 281 -2.37 -20.04 6.35
N PRO E 282 -1.20 -19.45 6.64
CA PRO E 282 -0.68 -18.13 6.28
C PRO E 282 -0.30 -17.87 4.82
N MET E 283 -0.58 -18.81 3.92
CA MET E 283 -0.27 -18.57 2.51
C MET E 283 -1.14 -17.41 2.06
N LYS E 284 -0.53 -16.41 1.43
CA LYS E 284 -1.29 -15.25 0.96
C LYS E 284 -2.39 -15.59 -0.03
N GLU E 285 -3.48 -14.82 0.03
CA GLU E 285 -4.60 -15.03 -0.87
C GLU E 285 -4.25 -14.46 -2.22
N ALA E 286 -5.00 -14.90 -3.23
CA ALA E 286 -4.79 -14.41 -4.59
C ALA E 286 -5.46 -13.03 -4.65
N THR E 287 -4.70 -12.00 -5.01
CA THR E 287 -5.22 -10.65 -5.10
C THR E 287 -5.83 -10.36 -6.47
N ASP E 288 -6.42 -9.19 -6.63
CA ASP E 288 -7.02 -8.81 -7.91
C ASP E 288 -5.90 -8.75 -8.94
N GLU E 289 -4.74 -8.28 -8.50
CA GLU E 289 -3.58 -8.16 -9.38
C GLU E 289 -3.09 -9.55 -9.82
N MET E 290 -3.01 -10.48 -8.87
CA MET E 290 -2.59 -11.83 -9.21
C MET E 290 -3.61 -12.44 -10.14
N LYS E 291 -4.89 -12.10 -9.94
CA LYS E 291 -5.94 -12.62 -10.80
C LYS E 291 -5.75 -12.07 -12.21
N SER E 292 -5.48 -10.77 -12.31
CA SER E 292 -5.28 -10.12 -13.60
C SER E 292 -4.08 -10.73 -14.31
N ARG E 293 -2.99 -10.92 -13.57
CA ARG E 293 -1.78 -11.51 -14.13
C ARG E 293 -2.04 -12.93 -14.61
N ALA E 294 -2.68 -13.73 -13.77
CA ALA E 294 -3.00 -15.12 -14.13
C ALA E 294 -3.80 -15.17 -15.42
N LYS E 295 -4.64 -14.16 -15.63
CA LYS E 295 -5.45 -14.10 -16.85
C LYS E 295 -4.56 -13.96 -18.07
N GLU E 296 -3.49 -13.19 -17.93
CA GLU E 296 -2.55 -12.99 -19.03
C GLU E 296 -1.79 -14.29 -19.29
N ILE E 297 -1.42 -14.98 -18.21
CA ILE E 297 -0.70 -16.23 -18.33
C ILE E 297 -1.62 -17.23 -19.01
N TYR E 298 -2.89 -17.20 -18.65
CA TYR E 298 -3.86 -18.10 -19.24
C TYR E 298 -3.96 -17.90 -20.75
N ARG E 299 -4.12 -16.65 -21.18
CA ARG E 299 -4.21 -16.38 -22.61
C ARG E 299 -2.95 -16.75 -23.39
N LYS E 300 -1.80 -16.61 -22.76
CA LYS E 300 -0.54 -16.92 -23.40
C LYS E 300 -0.19 -18.41 -23.57
N TYR E 301 -0.59 -19.25 -22.62
CA TYR E 301 -0.23 -20.67 -22.70
C TYR E 301 -1.37 -21.65 -22.85
N PHE E 302 -2.61 -21.18 -22.83
CA PHE E 302 -3.74 -22.09 -22.97
C PHE E 302 -4.77 -21.58 -23.97
N THR F 13 -6.84 58.91 -13.59
CA THR F 13 -7.94 58.83 -14.60
C THR F 13 -9.20 58.28 -13.93
N ASP F 14 -10.34 58.96 -14.10
CA ASP F 14 -11.57 58.49 -13.51
C ASP F 14 -12.03 57.24 -14.25
N MET F 15 -12.18 56.15 -13.50
CA MET F 15 -12.54 54.87 -14.08
C MET F 15 -14.02 54.54 -14.23
N LYS F 16 -14.90 55.46 -13.85
CA LYS F 16 -16.33 55.20 -13.99
C LYS F 16 -16.68 54.98 -15.46
N GLY F 17 -17.71 54.18 -15.72
CA GLY F 17 -18.09 53.96 -17.11
C GLY F 17 -18.47 52.56 -17.55
N ILE F 18 -18.72 52.42 -18.85
CA ILE F 18 -19.10 51.16 -19.47
C ILE F 18 -17.89 50.52 -20.12
N TYR F 19 -17.51 49.34 -19.64
CA TYR F 19 -16.35 48.61 -20.18
C TYR F 19 -16.73 47.29 -20.84
N SER F 20 -16.27 47.08 -22.06
CA SER F 20 -16.52 45.81 -22.72
C SER F 20 -15.44 44.83 -22.27
N ALA F 21 -15.85 43.63 -21.85
CA ALA F 21 -14.88 42.62 -21.46
C ALA F 21 -14.43 42.13 -22.84
N LEU F 22 -13.29 42.64 -23.31
CA LEU F 22 -12.78 42.33 -24.65
C LEU F 22 -12.68 40.86 -25.06
N LEU F 23 -13.32 40.56 -26.19
CA LEU F 23 -13.28 39.23 -26.78
C LEU F 23 -12.01 39.18 -27.62
N VAL F 24 -11.46 37.98 -27.81
CA VAL F 24 -10.25 37.86 -28.60
C VAL F 24 -10.51 37.01 -29.84
N SER F 25 -9.93 37.41 -30.97
CA SER F 25 -10.10 36.69 -32.22
C SER F 25 -9.04 35.62 -32.38
N PHE F 26 -9.47 34.39 -32.70
CA PHE F 26 -8.56 33.25 -32.89
C PHE F 26 -8.86 32.58 -34.24
N ASP F 27 -7.82 32.08 -34.93
CA ASP F 27 -8.07 31.39 -36.19
C ASP F 27 -8.43 29.95 -35.85
N LYS F 28 -8.75 29.13 -36.86
CA LYS F 28 -9.15 27.75 -36.62
C LYS F 28 -8.14 26.87 -35.88
N GLU F 29 -6.86 27.25 -35.92
CA GLU F 29 -5.84 26.46 -35.23
C GLU F 29 -5.56 27.00 -33.84
N GLY F 30 -6.23 28.09 -33.47
CA GLY F 30 -6.03 28.65 -32.15
C GLY F 30 -5.04 29.79 -32.05
N ASN F 31 -4.43 30.20 -33.16
CA ASN F 31 -3.50 31.31 -33.12
C ASN F 31 -4.30 32.58 -32.90
N ILE F 32 -3.71 33.55 -32.22
CA ILE F 32 -4.37 34.82 -32.01
C ILE F 32 -4.41 35.48 -33.39
N ASN F 33 -5.55 36.06 -33.74
CA ASN F 33 -5.69 36.75 -35.02
C ASN F 33 -5.61 38.24 -34.69
N GLU F 34 -4.42 38.82 -34.84
CA GLU F 34 -4.21 40.22 -34.51
C GLU F 34 -5.09 41.17 -35.31
N LYS F 35 -5.22 40.91 -36.60
CA LYS F 35 -6.06 41.72 -37.48
C LYS F 35 -7.48 41.69 -36.95
N GLY F 36 -7.94 40.49 -36.62
CA GLY F 36 -9.29 40.34 -36.10
C GLY F 36 -9.50 41.02 -34.76
N LEU F 37 -8.50 40.91 -33.88
CA LEU F 37 -8.59 41.51 -32.55
C LEU F 37 -8.67 43.03 -32.64
N ARG F 38 -7.86 43.62 -33.50
CA ARG F 38 -7.88 45.06 -33.66
C ARG F 38 -9.23 45.50 -34.21
N GLN F 39 -9.87 44.65 -35.02
CA GLN F 39 -11.19 44.98 -35.56
C GLN F 39 -12.23 44.95 -34.43
N ILE F 40 -12.11 43.98 -33.54
CA ILE F 40 -13.04 43.87 -32.41
C ILE F 40 -12.88 45.11 -31.55
N ILE F 41 -11.64 45.54 -31.40
CA ILE F 41 -11.31 46.72 -30.61
C ILE F 41 -11.89 47.97 -31.27
N ARG F 42 -11.71 48.10 -32.58
CA ARG F 42 -12.23 49.25 -33.33
C ARG F 42 -13.76 49.30 -33.26
N HIS F 43 -14.38 48.13 -33.34
CA HIS F 43 -15.84 48.06 -33.28
C HIS F 43 -16.32 48.58 -31.93
N ASN F 44 -15.66 48.12 -30.86
CA ASN F 44 -16.02 48.55 -29.51
C ASN F 44 -15.91 50.07 -29.37
N ILE F 45 -14.80 50.63 -29.84
CA ILE F 45 -14.57 52.06 -29.75
C ILE F 45 -15.46 52.91 -30.65
N ASP F 46 -15.47 52.58 -31.94
CA ASP F 46 -16.22 53.33 -32.94
C ASP F 46 -17.71 53.05 -33.07
N VAL F 47 -18.13 51.82 -32.80
CA VAL F 47 -19.54 51.49 -32.94
C VAL F 47 -20.29 51.43 -31.61
N CYS F 48 -19.79 50.63 -30.67
CA CYS F 48 -20.43 50.49 -29.36
C CYS F 48 -20.18 51.71 -28.48
N LYS F 49 -19.19 52.51 -28.85
CA LYS F 49 -18.86 53.73 -28.12
C LYS F 49 -18.62 53.52 -26.63
N VAL F 50 -18.02 52.38 -26.26
CA VAL F 50 -17.77 52.10 -24.85
C VAL F 50 -16.73 53.06 -24.26
N ASP F 51 -16.71 53.14 -22.94
CA ASP F 51 -15.76 54.04 -22.26
C ASP F 51 -14.38 53.44 -22.05
N GLY F 52 -14.28 52.12 -22.14
CA GLY F 52 -13.00 51.45 -21.95
C GLY F 52 -13.12 49.97 -22.19
N LEU F 53 -11.99 49.27 -22.15
CA LEU F 53 -11.99 47.82 -22.36
C LEU F 53 -11.42 47.13 -21.13
N TYR F 54 -12.02 46.00 -20.77
CA TYR F 54 -11.56 45.20 -19.65
C TYR F 54 -10.84 44.06 -20.40
N VAL F 55 -9.52 44.13 -20.43
CA VAL F 55 -8.71 43.15 -21.15
C VAL F 55 -8.16 42.03 -20.27
N GLY F 56 -8.16 40.81 -20.79
CA GLY F 56 -7.63 39.68 -20.03
C GLY F 56 -8.62 39.00 -19.11
N GLY F 57 -9.91 39.29 -19.28
CA GLY F 57 -10.92 38.68 -18.45
C GLY F 57 -11.39 37.33 -18.97
N SER F 58 -12.39 36.76 -18.31
CA SER F 58 -12.94 35.46 -18.70
C SER F 58 -13.37 35.49 -20.16
N THR F 59 -14.01 36.58 -20.55
CA THR F 59 -14.51 36.78 -21.91
C THR F 59 -13.40 36.73 -22.95
N GLY F 60 -12.20 37.13 -22.56
CA GLY F 60 -11.08 37.12 -23.47
C GLY F 60 -10.45 35.75 -23.59
N GLU F 61 -11.06 34.75 -22.96
CA GLU F 61 -10.55 33.38 -22.97
C GLU F 61 -9.13 33.39 -22.40
N ASN F 62 -8.92 34.36 -21.52
CA ASN F 62 -7.64 34.58 -20.86
C ASN F 62 -6.97 33.36 -20.25
N PHE F 63 -7.72 32.56 -19.52
CA PHE F 63 -7.14 31.40 -18.85
C PHE F 63 -6.81 30.19 -19.70
N MET F 64 -7.08 30.30 -21.00
CA MET F 64 -6.75 29.21 -21.92
C MET F 64 -5.45 29.57 -22.66
N LEU F 65 -4.91 30.75 -22.35
CA LEU F 65 -3.71 31.24 -23.02
C LEU F 65 -2.41 31.18 -22.23
N SER F 66 -1.30 31.27 -22.95
CA SER F 66 0.03 31.27 -22.33
C SER F 66 0.31 32.69 -21.85
N THR F 67 1.30 32.83 -20.98
CA THR F 67 1.65 34.14 -20.45
C THR F 67 2.04 35.14 -21.53
N ASP F 68 2.78 34.69 -22.54
CA ASP F 68 3.19 35.60 -23.60
C ASP F 68 2.04 35.97 -24.53
N GLU F 69 1.04 35.10 -24.65
CA GLU F 69 -0.12 35.41 -25.49
C GLU F 69 -0.93 36.48 -24.76
N LYS F 70 -1.03 36.36 -23.44
CA LYS F 70 -1.76 37.33 -22.64
C LYS F 70 -1.07 38.69 -22.83
N LYS F 71 0.25 38.71 -22.75
CA LYS F 71 1.02 39.95 -22.94
C LYS F 71 0.76 40.55 -24.32
N ARG F 72 0.69 39.71 -25.35
CA ARG F 72 0.46 40.20 -26.70
C ARG F 72 -0.90 40.91 -26.78
N ILE F 73 -1.92 40.28 -26.20
CA ILE F 73 -3.25 40.85 -26.18
C ILE F 73 -3.23 42.20 -25.47
N PHE F 74 -2.50 42.30 -24.36
CA PHE F 74 -2.42 43.58 -23.64
C PHE F 74 -1.76 44.64 -24.51
N GLU F 75 -0.71 44.25 -25.24
CA GLU F 75 0.01 45.14 -26.13
C GLU F 75 -0.91 45.63 -27.25
N ILE F 76 -1.55 44.68 -27.92
CA ILE F 76 -2.44 45.02 -29.02
C ILE F 76 -3.56 45.96 -28.60
N ALA F 77 -4.20 45.67 -27.46
CA ALA F 77 -5.29 46.50 -26.99
C ALA F 77 -4.82 47.94 -26.75
N LYS F 78 -3.67 48.08 -26.11
CA LYS F 78 -3.10 49.39 -25.82
C LYS F 78 -2.78 50.16 -27.09
N ASP F 79 -2.09 49.50 -28.02
CA ASP F 79 -1.72 50.14 -29.27
C ASP F 79 -2.90 50.55 -30.15
N GLU F 80 -3.87 49.66 -30.27
CA GLU F 80 -5.03 49.95 -31.12
C GLU F 80 -5.89 51.06 -30.53
N VAL F 81 -6.07 51.01 -29.21
CA VAL F 81 -6.86 52.00 -28.50
C VAL F 81 -6.16 53.34 -28.55
N LYS F 82 -4.84 53.28 -28.43
CA LYS F 82 -4.01 54.48 -28.38
C LYS F 82 -4.37 55.12 -27.04
N GLU F 83 -5.05 56.26 -27.10
CA GLU F 83 -5.45 56.97 -25.89
C GLU F 83 -6.93 57.39 -25.97
N GLU F 84 -7.66 56.76 -26.89
CA GLU F 84 -9.07 57.06 -27.11
C GLU F 84 -10.02 56.72 -25.95
N ILE F 85 -9.78 55.59 -25.28
CA ILE F 85 -10.62 55.17 -24.16
C ILE F 85 -9.78 54.54 -23.05
N LYS F 86 -10.41 54.28 -21.91
CA LYS F 86 -9.73 53.70 -20.76
C LYS F 86 -9.42 52.22 -20.93
N LEU F 87 -8.44 51.74 -20.16
CA LEU F 87 -8.02 50.35 -20.22
C LEU F 87 -7.75 49.77 -18.83
N ILE F 88 -8.37 48.62 -18.55
CA ILE F 88 -8.18 47.92 -17.28
C ILE F 88 -7.62 46.55 -17.61
N ALA F 89 -6.54 46.15 -16.94
CA ALA F 89 -5.93 44.85 -17.20
C ALA F 89 -6.21 43.82 -16.11
N GLN F 90 -6.87 42.73 -16.47
CA GLN F 90 -7.14 41.67 -15.50
C GLN F 90 -5.87 40.83 -15.53
N VAL F 91 -5.13 40.84 -14.42
CA VAL F 91 -3.87 40.11 -14.37
C VAL F 91 -3.87 38.97 -13.35
N GLY F 92 -5.03 38.69 -12.78
CA GLY F 92 -5.15 37.63 -11.79
C GLY F 92 -4.78 36.25 -12.32
N SER F 93 -4.28 35.40 -11.44
CA SER F 93 -3.86 34.05 -11.82
C SER F 93 -3.66 33.18 -10.58
N VAL F 94 -3.72 31.86 -10.77
CA VAL F 94 -3.50 30.92 -9.66
C VAL F 94 -2.01 31.00 -9.35
N ASN F 95 -1.25 31.49 -10.33
CA ASN F 95 0.19 31.67 -10.22
C ASN F 95 0.45 33.14 -9.87
N LEU F 96 0.61 33.43 -8.58
CA LEU F 96 0.87 34.79 -8.13
C LEU F 96 2.07 35.44 -8.83
N LYS F 97 3.10 34.67 -9.11
CA LYS F 97 4.26 35.22 -9.80
C LYS F 97 3.87 35.75 -11.18
N GLU F 98 3.02 35.02 -11.89
CA GLU F 98 2.59 35.47 -13.22
C GLU F 98 1.74 36.74 -13.06
N ALA F 99 0.89 36.76 -12.06
CA ALA F 99 0.03 37.92 -11.81
C ALA F 99 0.88 39.16 -11.61
N VAL F 100 1.95 39.03 -10.84
CA VAL F 100 2.84 40.15 -10.57
C VAL F 100 3.53 40.59 -11.87
N GLU F 101 4.03 39.62 -12.63
CA GLU F 101 4.69 39.92 -13.89
C GLU F 101 3.76 40.67 -14.85
N LEU F 102 2.50 40.25 -14.90
CA LEU F 102 1.54 40.91 -15.78
C LEU F 102 1.15 42.29 -15.27
N ALA F 103 1.10 42.45 -13.94
CA ALA F 103 0.77 43.73 -13.34
C ALA F 103 1.85 44.75 -13.72
N LYS F 104 3.11 44.34 -13.62
CA LYS F 104 4.23 45.21 -13.96
C LYS F 104 4.20 45.54 -15.45
N PHE F 105 4.01 44.51 -16.26
CA PHE F 105 3.97 44.66 -17.71
C PHE F 105 2.89 45.65 -18.14
N THR F 106 1.66 45.38 -17.71
CA THR F 106 0.53 46.22 -18.06
C THR F 106 0.65 47.64 -17.50
N THR F 107 1.29 47.79 -16.35
CA THR F 107 1.47 49.13 -15.80
C THR F 107 2.52 49.85 -16.66
N ASP F 108 3.52 49.10 -17.13
CA ASP F 108 4.55 49.67 -17.98
C ASP F 108 3.95 50.09 -19.33
N LEU F 109 2.84 49.46 -19.71
CA LEU F 109 2.18 49.78 -20.97
C LEU F 109 1.25 50.99 -20.80
N GLY F 110 1.07 51.41 -19.56
CA GLY F 110 0.22 52.56 -19.30
C GLY F 110 -1.25 52.23 -19.09
N TYR F 111 -1.56 51.03 -18.60
CA TYR F 111 -2.96 50.69 -18.35
C TYR F 111 -3.43 51.55 -17.18
N ASP F 112 -4.65 52.07 -17.29
CA ASP F 112 -5.22 52.96 -16.29
C ASP F 112 -5.46 52.31 -14.93
N ALA F 113 -5.66 50.99 -14.93
CA ALA F 113 -5.88 50.26 -13.70
C ALA F 113 -5.74 48.78 -13.98
N ILE F 114 -5.58 48.00 -12.92
CA ILE F 114 -5.48 46.56 -13.08
C ILE F 114 -6.56 45.91 -12.24
N SER F 115 -6.82 44.64 -12.51
CA SER F 115 -7.83 43.90 -11.79
C SER F 115 -7.32 42.48 -11.59
N ALA F 116 -7.87 41.79 -10.60
CA ALA F 116 -7.42 40.42 -10.35
C ALA F 116 -8.52 39.55 -9.75
N VAL F 117 -8.81 38.46 -10.44
CA VAL F 117 -9.80 37.51 -9.97
C VAL F 117 -9.24 36.88 -8.69
N THR F 118 -10.13 36.35 -7.85
CA THR F 118 -9.69 35.72 -6.61
C THR F 118 -8.97 34.43 -6.98
N PRO F 119 -7.85 34.12 -6.29
CA PRO F 119 -7.15 32.88 -6.63
C PRO F 119 -8.09 31.69 -6.49
N PHE F 120 -8.11 30.83 -7.50
CA PHE F 120 -8.99 29.67 -7.46
C PHE F 120 -8.29 28.32 -7.47
N TYR F 121 -9.06 27.29 -7.78
CA TYR F 121 -8.60 25.90 -7.82
C TYR F 121 -8.28 25.45 -6.39
N TYR F 122 -7.16 25.93 -5.85
CA TYR F 122 -6.79 25.59 -4.49
C TYR F 122 -7.70 26.40 -3.59
N LYS F 123 -7.92 25.93 -2.36
CA LYS F 123 -8.77 26.64 -1.43
C LYS F 123 -7.93 27.49 -0.49
N PHE F 124 -7.92 28.80 -0.72
CA PHE F 124 -7.16 29.74 0.09
C PHE F 124 -8.07 30.40 1.10
N ASP F 125 -7.56 30.71 2.30
CA ASP F 125 -8.39 31.39 3.28
C ASP F 125 -8.26 32.89 3.05
N PHE F 126 -9.02 33.69 3.80
CA PHE F 126 -8.97 35.13 3.61
C PHE F 126 -7.58 35.73 3.79
N GLU F 127 -6.86 35.25 4.79
CA GLU F 127 -5.51 35.74 5.07
C GLU F 127 -4.62 35.60 3.84
N GLU F 128 -4.77 34.49 3.14
CA GLU F 128 -3.98 34.22 1.95
C GLU F 128 -4.46 35.04 0.76
N ILE F 129 -5.77 35.26 0.69
CA ILE F 129 -6.35 36.06 -0.39
C ILE F 129 -5.86 37.50 -0.26
N LYS F 130 -5.84 38.00 0.98
CA LYS F 130 -5.40 39.37 1.24
C LYS F 130 -3.94 39.51 0.83
N HIS F 131 -3.14 38.50 1.15
CA HIS F 131 -1.72 38.52 0.80
C HIS F 131 -1.60 38.57 -0.72
N TYR F 132 -2.45 37.78 -1.39
CA TYR F 132 -2.50 37.71 -2.86
C TYR F 132 -2.65 39.11 -3.46
N TYR F 133 -3.72 39.79 -3.06
CA TYR F 133 -4.00 41.13 -3.56
C TYR F 133 -2.96 42.17 -3.17
N ASN F 134 -2.50 42.15 -1.91
CA ASN F 134 -1.50 43.12 -1.49
C ASN F 134 -0.18 42.93 -2.23
N THR F 135 0.16 41.68 -2.51
CA THR F 135 1.41 41.37 -3.21
C THR F 135 1.35 41.92 -4.63
N ILE F 136 0.19 41.77 -5.27
CA ILE F 136 0.03 42.25 -6.64
C ILE F 136 0.07 43.78 -6.70
N ILE F 137 -0.79 44.45 -5.94
CA ILE F 137 -0.83 45.91 -6.00
C ILE F 137 0.40 46.63 -5.43
N ASN F 138 1.00 46.09 -4.38
CA ASN F 138 2.19 46.71 -3.80
C ASN F 138 3.39 46.57 -4.72
N SER F 139 3.26 45.77 -5.77
CA SER F 139 4.37 45.57 -6.70
C SER F 139 4.40 46.62 -7.81
N VAL F 140 3.36 47.42 -7.91
CA VAL F 140 3.30 48.44 -8.98
C VAL F 140 2.67 49.77 -8.57
N ASP F 141 2.96 50.79 -9.38
CA ASP F 141 2.41 52.12 -9.16
C ASP F 141 1.15 52.18 -9.99
N ASN F 142 0.11 51.50 -9.54
CA ASN F 142 -1.15 51.47 -10.27
C ASN F 142 -2.28 51.32 -9.24
N ARG F 143 -3.49 51.13 -9.74
CA ARG F 143 -4.66 50.97 -8.88
C ARG F 143 -5.31 49.64 -9.22
N LEU F 144 -5.82 48.94 -8.22
CA LEU F 144 -6.42 47.64 -8.44
C LEU F 144 -7.91 47.51 -8.11
N ILE F 145 -8.61 46.78 -8.97
CA ILE F 145 -10.02 46.51 -8.81
C ILE F 145 -10.19 45.01 -8.55
N ILE F 146 -10.92 44.67 -7.51
CA ILE F 146 -11.14 43.27 -7.15
C ILE F 146 -12.12 42.61 -8.13
N TYR F 147 -11.79 41.37 -8.53
CA TYR F 147 -12.62 40.60 -9.45
C TYR F 147 -13.16 39.41 -8.67
N SER F 148 -14.44 39.46 -8.31
CA SER F 148 -15.06 38.41 -7.51
C SER F 148 -15.51 37.15 -8.28
N ILE F 149 -16.59 37.26 -9.04
CA ILE F 149 -17.14 36.16 -9.83
C ILE F 149 -17.11 34.78 -9.16
N PRO F 150 -17.87 34.61 -8.06
CA PRO F 150 -17.92 33.33 -7.35
C PRO F 150 -18.58 32.21 -8.16
N PHE F 151 -19.19 32.60 -9.28
CA PHE F 151 -19.87 31.66 -10.18
C PHE F 151 -18.91 30.66 -10.81
N LEU F 152 -17.68 31.09 -11.07
CA LEU F 152 -16.68 30.22 -11.68
C LEU F 152 -15.55 29.82 -10.73
N THR F 153 -15.35 30.61 -9.67
CA THR F 153 -14.30 30.32 -8.70
C THR F 153 -14.85 29.72 -7.41
N GLY F 154 -16.15 29.88 -7.20
CA GLY F 154 -16.77 29.35 -6.00
C GLY F 154 -16.27 30.08 -4.76
N VAL F 155 -15.66 31.24 -4.98
CA VAL F 155 -15.12 32.04 -3.88
C VAL F 155 -16.02 33.25 -3.60
N ASP F 156 -16.67 33.25 -2.44
CA ASP F 156 -17.54 34.34 -2.05
C ASP F 156 -16.99 35.01 -0.79
N MET F 157 -16.86 36.33 -0.84
CA MET F 157 -16.33 37.08 0.29
C MET F 157 -17.40 37.95 0.96
N SER F 158 -17.28 38.14 2.27
CA SER F 158 -18.25 38.94 3.01
C SER F 158 -17.95 40.44 2.98
N LEU F 159 -18.88 41.23 3.49
CA LEU F 159 -18.70 42.68 3.53
C LEU F 159 -17.46 43.08 4.32
N ASP F 160 -17.26 42.44 5.46
CA ASP F 160 -16.11 42.74 6.31
C ASP F 160 -14.78 42.37 5.66
N GLN F 161 -14.77 41.25 4.95
CA GLN F 161 -13.56 40.82 4.28
C GLN F 161 -13.16 41.89 3.25
N PHE F 162 -14.14 42.38 2.49
CA PHE F 162 -13.89 43.42 1.51
C PHE F 162 -13.33 44.64 2.24
N GLY F 163 -13.82 44.87 3.45
CA GLY F 163 -13.36 46.00 4.23
C GLY F 163 -11.86 45.97 4.48
N GLU F 164 -11.35 44.80 4.85
CA GLU F 164 -9.91 44.68 5.09
C GLU F 164 -9.15 44.97 3.81
N LEU F 165 -9.57 44.35 2.72
CA LEU F 165 -8.93 44.57 1.44
C LEU F 165 -8.92 46.07 1.13
N PHE F 166 -10.08 46.71 1.29
CA PHE F 166 -10.21 48.13 1.02
C PHE F 166 -9.39 49.01 1.93
N GLU F 167 -8.65 48.41 2.86
CA GLU F 167 -7.80 49.19 3.76
C GLU F 167 -6.65 49.77 2.95
N ASN F 168 -6.27 49.08 1.87
CA ASN F 168 -5.20 49.53 1.00
C ASN F 168 -5.81 50.60 0.08
N GLU F 169 -5.27 51.81 0.14
CA GLU F 169 -5.79 52.91 -0.66
C GLU F 169 -5.61 52.68 -2.17
N LYS F 170 -4.76 51.73 -2.55
CA LYS F 170 -4.54 51.45 -3.96
C LYS F 170 -5.56 50.49 -4.53
N ILE F 171 -6.32 49.83 -3.65
CA ILE F 171 -7.37 48.92 -4.10
C ILE F 171 -8.59 49.83 -4.13
N ILE F 172 -8.88 50.37 -5.31
CA ILE F 172 -9.96 51.34 -5.51
C ILE F 172 -11.37 50.83 -5.79
N GLY F 173 -11.54 49.53 -5.96
CA GLY F 173 -12.88 49.03 -6.23
C GLY F 173 -13.01 47.54 -6.46
N VAL F 174 -14.20 47.15 -6.89
CA VAL F 174 -14.51 45.75 -7.13
C VAL F 174 -15.44 45.54 -8.32
N LYS F 175 -15.21 44.45 -9.04
CA LYS F 175 -16.06 44.08 -10.15
C LYS F 175 -17.00 43.08 -9.52
N PHE F 176 -18.25 43.49 -9.36
CA PHE F 176 -19.24 42.64 -8.72
C PHE F 176 -20.00 41.83 -9.76
N THR F 177 -19.65 40.55 -9.86
CA THR F 177 -20.32 39.67 -10.81
C THR F 177 -21.01 38.53 -10.06
N ALA F 178 -21.93 38.91 -9.18
CA ALA F 178 -22.70 37.99 -8.36
C ALA F 178 -24.11 38.60 -8.18
N ALA F 179 -25.13 37.75 -8.20
CA ALA F 179 -26.50 38.21 -8.09
C ALA F 179 -26.96 38.58 -6.67
N ASP F 180 -26.04 38.92 -5.79
CA ASP F 180 -26.41 39.28 -4.42
C ASP F 180 -26.58 40.79 -4.29
N PHE F 181 -27.80 41.28 -4.52
CA PHE F 181 -28.06 42.71 -4.45
C PHE F 181 -28.10 43.24 -3.02
N TYR F 182 -28.16 42.35 -2.05
CA TYR F 182 -28.17 42.77 -0.64
C TYR F 182 -26.72 43.16 -0.33
N LEU F 183 -25.77 42.30 -0.71
CA LEU F 183 -24.36 42.59 -0.50
C LEU F 183 -23.95 43.82 -1.31
N LEU F 184 -24.46 43.92 -2.53
CA LEU F 184 -24.15 45.05 -3.39
C LEU F 184 -24.60 46.34 -2.71
N GLU F 185 -25.81 46.30 -2.14
CA GLU F 185 -26.34 47.47 -1.45
C GLU F 185 -25.50 47.80 -0.21
N ARG F 186 -25.06 46.76 0.50
CA ARG F 186 -24.23 46.92 1.69
C ARG F 186 -22.85 47.50 1.34
N MET F 187 -22.32 47.08 0.19
CA MET F 187 -21.01 47.55 -0.28
C MET F 187 -21.06 49.02 -0.68
N ARG F 188 -22.12 49.41 -1.36
CA ARG F 188 -22.28 50.79 -1.81
C ARG F 188 -22.29 51.75 -0.62
N LYS F 189 -23.13 51.44 0.36
CA LYS F 189 -23.28 52.25 1.56
C LYS F 189 -22.05 52.25 2.46
N THR F 190 -21.42 51.09 2.61
CA THR F 190 -20.26 50.97 3.48
C THR F 190 -18.97 51.52 2.89
N PHE F 191 -18.87 51.53 1.56
CA PHE F 191 -17.66 52.03 0.88
C PHE F 191 -18.04 53.06 -0.18
N PRO F 192 -18.49 54.25 0.26
CA PRO F 192 -18.89 55.33 -0.64
C PRO F 192 -17.76 55.88 -1.51
N ASN F 193 -16.53 55.68 -1.07
CA ASN F 193 -15.36 56.17 -1.79
C ASN F 193 -14.75 55.16 -2.76
N LYS F 194 -15.33 53.98 -2.87
CA LYS F 194 -14.79 52.96 -3.76
C LYS F 194 -15.65 52.74 -5.01
N LEU F 195 -15.02 52.27 -6.07
CA LEU F 195 -15.75 52.01 -7.31
C LEU F 195 -16.39 50.63 -7.27
N ILE F 196 -17.63 50.55 -7.75
CA ILE F 196 -18.35 49.28 -7.80
C ILE F 196 -18.84 49.08 -9.22
N PHE F 197 -18.36 48.02 -9.87
CA PHE F 197 -18.76 47.72 -11.24
C PHE F 197 -19.70 46.52 -11.28
N ALA F 198 -20.79 46.66 -12.03
CA ALA F 198 -21.74 45.60 -12.21
C ALA F 198 -21.15 44.66 -13.26
N GLY F 199 -21.24 43.34 -13.02
CA GLY F 199 -20.69 42.39 -13.97
C GLY F 199 -21.71 41.48 -14.62
N PHE F 200 -22.99 41.76 -14.40
CA PHE F 200 -24.08 40.95 -14.97
C PHE F 200 -24.94 41.79 -15.93
N ASP F 201 -24.61 41.67 -17.21
CA ASP F 201 -25.27 42.38 -18.29
C ASP F 201 -26.79 42.35 -18.22
N GLU F 202 -27.36 41.19 -17.88
CA GLU F 202 -28.82 41.05 -17.83
C GLU F 202 -29.47 41.67 -16.59
N MET F 203 -28.66 42.26 -15.71
CA MET F 203 -29.20 42.87 -14.49
C MET F 203 -28.62 44.27 -14.26
N MET F 204 -28.30 44.97 -15.34
CA MET F 204 -27.73 46.31 -15.26
C MET F 204 -28.65 47.31 -14.57
N LEU F 205 -29.94 47.28 -14.91
CA LEU F 205 -30.90 48.20 -14.31
C LEU F 205 -30.99 48.05 -12.80
N PRO F 206 -31.26 46.82 -12.29
CA PRO F 206 -31.35 46.67 -10.84
C PRO F 206 -30.05 47.02 -10.12
N ALA F 207 -28.92 46.80 -10.78
CA ALA F 207 -27.64 47.12 -10.16
C ALA F 207 -27.42 48.63 -10.16
N THR F 208 -27.81 49.29 -11.26
CA THR F 208 -27.61 50.72 -11.35
C THR F 208 -28.39 51.55 -10.32
N VAL F 209 -29.61 51.12 -9.97
CA VAL F 209 -30.38 51.88 -8.99
C VAL F 209 -29.75 51.75 -7.61
N LEU F 210 -28.84 50.80 -7.46
CA LEU F 210 -28.16 50.60 -6.19
C LEU F 210 -26.85 51.41 -6.13
N GLY F 211 -26.63 52.22 -7.15
CA GLY F 211 -25.46 53.09 -7.19
C GLY F 211 -24.13 52.62 -7.77
N VAL F 212 -24.13 51.60 -8.61
CA VAL F 212 -22.86 51.15 -9.20
C VAL F 212 -22.26 52.25 -10.06
N ASP F 213 -20.93 52.28 -10.13
CA ASP F 213 -20.23 53.31 -10.90
C ASP F 213 -20.02 52.99 -12.37
N GLY F 214 -20.51 51.83 -12.79
CA GLY F 214 -20.37 51.45 -14.17
C GLY F 214 -20.61 49.97 -14.29
N ALA F 215 -20.22 49.40 -15.43
CA ALA F 215 -20.41 47.98 -15.65
C ALA F 215 -19.38 47.44 -16.61
N ILE F 216 -19.04 46.17 -16.44
CA ILE F 216 -18.08 45.48 -17.27
C ILE F 216 -18.83 44.26 -17.80
N GLY F 217 -19.02 44.18 -19.11
CA GLY F 217 -19.75 43.06 -19.66
C GLY F 217 -19.23 42.52 -20.97
N SER F 218 -19.53 41.25 -21.22
CA SER F 218 -19.08 40.60 -22.44
C SER F 218 -20.00 40.95 -23.60
N THR F 219 -21.28 41.13 -23.34
CA THR F 219 -22.21 41.44 -24.43
C THR F 219 -22.04 42.86 -24.98
N PHE F 220 -21.27 43.69 -24.29
CA PHE F 220 -21.04 45.07 -24.73
C PHE F 220 -20.24 45.11 -26.04
N ASN F 221 -19.56 44.00 -26.37
CA ASN F 221 -18.79 43.93 -27.61
C ASN F 221 -19.71 44.13 -28.82
N VAL F 222 -21.00 43.86 -28.65
CA VAL F 222 -21.97 44.04 -29.73
C VAL F 222 -23.15 44.93 -29.32
N ASN F 223 -23.42 45.00 -28.01
CA ASN F 223 -24.57 45.79 -27.52
C ASN F 223 -24.21 46.96 -26.59
N GLY F 224 -23.01 47.53 -26.77
CA GLY F 224 -22.58 48.64 -25.93
C GLY F 224 -23.44 49.88 -25.90
N VAL F 225 -24.14 50.17 -27.00
CA VAL F 225 -24.99 51.35 -27.04
C VAL F 225 -26.20 51.15 -26.12
N ARG F 226 -26.86 50.00 -26.23
CA ARG F 226 -28.01 49.72 -25.38
C ARG F 226 -27.57 49.64 -23.92
N ALA F 227 -26.39 49.07 -23.68
CA ALA F 227 -25.88 48.97 -22.32
C ALA F 227 -25.72 50.37 -21.73
N ARG F 228 -25.19 51.29 -22.52
CA ARG F 228 -24.99 52.65 -22.03
C ARG F 228 -26.32 53.34 -21.75
N GLN F 229 -27.30 53.12 -22.62
CA GLN F 229 -28.63 53.73 -22.43
C GLN F 229 -29.23 53.27 -21.11
N ILE F 230 -29.23 51.96 -20.88
CA ILE F 230 -29.77 51.41 -19.64
C ILE F 230 -29.10 52.10 -18.47
N PHE F 231 -27.78 52.24 -18.53
CA PHE F 231 -27.03 52.86 -17.45
C PHE F 231 -27.37 54.35 -17.27
N GLU F 232 -27.28 55.12 -18.36
CA GLU F 232 -27.55 56.54 -18.31
C GLU F 232 -29.02 56.87 -18.02
N LEU F 233 -29.92 56.18 -18.70
CA LEU F 233 -31.34 56.39 -18.48
C LEU F 233 -31.67 56.15 -17.01
N THR F 234 -31.04 55.13 -16.42
CA THR F 234 -31.29 54.80 -15.03
C THR F 234 -30.75 55.89 -14.12
N LYS F 235 -29.57 56.40 -14.44
CA LYS F 235 -28.95 57.45 -13.63
C LYS F 235 -29.79 58.74 -13.67
N ASN F 236 -30.47 58.98 -14.78
CA ASN F 236 -31.30 60.17 -14.93
C ASN F 236 -32.71 59.87 -14.44
N GLU F 237 -32.86 58.72 -13.77
CA GLU F 237 -34.13 58.30 -13.20
C GLU F 237 -35.28 58.17 -14.19
N LYS F 238 -34.97 57.66 -15.39
CA LYS F 238 -35.96 57.45 -16.44
C LYS F 238 -36.12 55.93 -16.53
N ILE F 239 -36.71 55.37 -15.48
CA ILE F 239 -36.90 53.93 -15.34
C ILE F 239 -37.71 53.17 -16.38
N SER F 240 -38.88 53.68 -16.73
CA SER F 240 -39.70 52.99 -17.72
C SER F 240 -38.90 52.75 -18.98
N GLU F 241 -38.15 53.77 -19.41
CA GLU F 241 -37.32 53.64 -20.60
C GLU F 241 -36.15 52.69 -20.34
N ALA F 242 -35.52 52.80 -19.17
CA ALA F 242 -34.41 51.93 -18.82
C ALA F 242 -34.87 50.47 -18.85
N LEU F 243 -36.02 50.19 -18.26
CA LEU F 243 -36.55 48.83 -18.26
C LEU F 243 -36.80 48.33 -19.69
N GLU F 244 -37.33 49.19 -20.53
CA GLU F 244 -37.60 48.80 -21.92
C GLU F 244 -36.35 48.36 -22.68
N VAL F 245 -35.24 49.04 -22.45
CA VAL F 245 -33.98 48.68 -23.13
C VAL F 245 -33.45 47.39 -22.53
N GLN F 246 -33.65 47.21 -21.23
CA GLN F 246 -33.18 45.99 -20.55
C GLN F 246 -33.97 44.79 -21.07
N HIS F 247 -35.24 45.02 -21.45
CA HIS F 247 -36.09 43.95 -21.97
C HIS F 247 -35.55 43.48 -23.31
N VAL F 248 -35.28 44.44 -24.20
CA VAL F 248 -34.76 44.11 -25.52
C VAL F 248 -33.36 43.51 -25.38
N THR F 249 -32.59 44.09 -24.47
CA THR F 249 -31.23 43.63 -24.20
C THR F 249 -31.27 42.18 -23.73
N ASN F 250 -32.21 41.87 -22.85
CA ASN F 250 -32.31 40.52 -22.34
C ASN F 250 -32.91 39.53 -23.34
N ASP F 251 -33.64 40.03 -24.34
CA ASP F 251 -34.17 39.15 -25.37
C ASP F 251 -32.95 38.68 -26.15
N LEU F 252 -32.05 39.62 -26.42
CA LEU F 252 -30.82 39.35 -27.16
C LEU F 252 -29.91 38.39 -26.41
N ILE F 253 -29.66 38.69 -25.15
CA ILE F 253 -28.80 37.86 -24.32
C ILE F 253 -29.36 36.45 -24.18
N THR F 254 -30.68 36.33 -24.10
CA THR F 254 -31.31 35.01 -23.98
C THR F 254 -31.02 34.18 -25.22
N ASP F 255 -31.16 34.78 -26.40
CA ASP F 255 -30.91 34.07 -27.66
C ASP F 255 -29.43 33.72 -27.78
N ILE F 256 -28.57 34.65 -27.36
CA ILE F 256 -27.13 34.46 -27.42
C ILE F 256 -26.74 33.28 -26.54
N LEU F 257 -27.26 33.29 -25.32
CA LEU F 257 -26.98 32.24 -24.34
C LEU F 257 -27.45 30.88 -24.86
N GLY F 258 -28.64 30.86 -25.43
CA GLY F 258 -29.19 29.63 -25.96
C GLY F 258 -28.45 29.09 -27.17
N ASN F 259 -27.76 29.96 -27.90
CA ASN F 259 -27.03 29.53 -29.10
C ASN F 259 -25.55 29.25 -28.84
N GLY F 260 -25.06 29.69 -27.67
CA GLY F 260 -23.66 29.50 -27.33
C GLY F 260 -23.07 30.89 -27.24
N LEU F 261 -22.89 31.36 -26.01
CA LEU F 261 -22.39 32.71 -25.71
C LEU F 261 -21.20 33.27 -26.48
N TYR F 262 -20.03 32.70 -26.26
CA TYR F 262 -18.82 33.19 -26.92
C TYR F 262 -18.90 33.09 -28.44
N GLN F 263 -19.25 31.92 -28.95
CA GLN F 263 -19.32 31.74 -30.39
C GLN F 263 -20.34 32.68 -31.04
N THR F 264 -21.50 32.86 -30.41
CA THR F 264 -22.53 33.72 -30.98
C THR F 264 -22.13 35.20 -31.03
N ILE F 265 -21.51 35.70 -29.97
CA ILE F 265 -21.09 37.10 -30.00
C ILE F 265 -20.09 37.28 -31.13
N LYS F 266 -19.18 36.33 -31.29
CA LYS F 266 -18.19 36.42 -32.37
C LYS F 266 -18.87 36.34 -33.73
N LEU F 267 -19.87 35.48 -33.87
CA LEU F 267 -20.58 35.38 -35.14
C LEU F 267 -21.34 36.68 -35.43
N LEU F 268 -21.85 37.33 -34.39
CA LEU F 268 -22.57 38.59 -34.56
C LEU F 268 -21.62 39.68 -35.03
N LEU F 269 -20.35 39.55 -34.64
CA LEU F 269 -19.37 40.53 -35.07
C LEU F 269 -19.00 40.22 -36.52
N GLU F 270 -18.88 38.93 -36.84
CA GLU F 270 -18.55 38.49 -38.20
C GLU F 270 -19.60 39.00 -39.18
N GLU F 271 -20.86 38.98 -38.76
CA GLU F 271 -21.96 39.47 -39.60
C GLU F 271 -21.78 40.94 -39.98
N GLN F 272 -20.99 41.66 -39.19
CA GLN F 272 -20.74 43.07 -39.45
C GLN F 272 -19.35 43.36 -40.03
N GLY F 273 -18.66 42.30 -40.45
CA GLY F 273 -17.35 42.49 -41.03
C GLY F 273 -16.17 42.37 -40.09
N VAL F 274 -16.44 42.17 -38.80
CA VAL F 274 -15.37 42.03 -37.82
C VAL F 274 -15.00 40.55 -37.75
N GLU F 275 -13.75 40.22 -38.05
CA GLU F 275 -13.32 38.83 -38.03
C GLU F 275 -13.01 38.38 -36.61
N ALA F 276 -14.06 38.22 -35.80
CA ALA F 276 -13.90 37.79 -34.41
C ALA F 276 -13.42 36.35 -34.32
N GLY F 277 -13.52 35.65 -35.46
CA GLY F 277 -13.06 34.28 -35.56
C GLY F 277 -13.64 33.18 -34.70
N TYR F 278 -12.76 32.25 -34.33
CA TYR F 278 -13.09 31.09 -33.53
C TYR F 278 -12.79 31.30 -32.06
N CYS F 279 -13.24 30.35 -31.25
CA CYS F 279 -12.94 30.34 -29.83
C CYS F 279 -11.78 29.35 -29.76
N ARG F 280 -11.08 29.37 -28.64
CA ARG F 280 -9.95 28.49 -28.42
C ARG F 280 -10.44 27.10 -27.99
N GLN F 281 -9.97 26.06 -28.65
CA GLN F 281 -10.38 24.70 -28.25
C GLN F 281 -9.97 24.55 -26.78
N PRO F 282 -10.66 23.69 -26.02
CA PRO F 282 -11.79 22.82 -26.36
C PRO F 282 -13.16 23.46 -26.54
N MET F 283 -13.25 24.79 -26.56
CA MET F 283 -14.55 25.40 -26.80
C MET F 283 -14.85 24.98 -28.24
N LYS F 284 -16.06 24.47 -28.46
CA LYS F 284 -16.45 23.97 -29.77
C LYS F 284 -16.59 25.00 -30.88
N GLU F 285 -16.35 24.52 -32.10
CA GLU F 285 -16.48 25.32 -33.29
C GLU F 285 -17.98 25.50 -33.49
N ALA F 286 -18.39 26.66 -34.00
CA ALA F 286 -19.80 26.90 -34.23
C ALA F 286 -20.29 25.96 -35.33
N THR F 287 -21.38 25.25 -35.08
CA THR F 287 -21.94 24.34 -36.07
C THR F 287 -22.73 25.18 -37.07
N ASP F 288 -23.23 24.54 -38.11
CA ASP F 288 -24.01 25.25 -39.13
C ASP F 288 -25.31 25.77 -38.52
N GLU F 289 -25.90 24.99 -37.62
CA GLU F 289 -27.14 25.41 -36.96
C GLU F 289 -26.88 26.68 -36.17
N MET F 290 -25.76 26.71 -35.46
CA MET F 290 -25.40 27.89 -34.66
C MET F 290 -25.19 29.10 -35.56
N LYS F 291 -24.56 28.89 -36.72
CA LYS F 291 -24.30 29.99 -37.64
C LYS F 291 -25.59 30.54 -38.24
N SER F 292 -26.51 29.66 -38.59
CA SER F 292 -27.78 30.09 -39.15
C SER F 292 -28.55 30.86 -38.09
N ARG F 293 -28.51 30.37 -36.86
CA ARG F 293 -29.20 31.02 -35.76
C ARG F 293 -28.63 32.42 -35.50
N ALA F 294 -27.30 32.55 -35.59
CA ALA F 294 -26.66 33.84 -35.35
C ALA F 294 -27.15 34.86 -36.37
N LYS F 295 -27.42 34.39 -37.58
CA LYS F 295 -27.92 35.23 -38.67
C LYS F 295 -29.27 35.80 -38.25
N GLU F 296 -30.17 34.91 -37.82
CA GLU F 296 -31.50 35.32 -37.39
C GLU F 296 -31.44 36.31 -36.24
N ILE F 297 -30.56 36.04 -35.27
CA ILE F 297 -30.39 36.92 -34.12
C ILE F 297 -29.92 38.30 -34.58
N TYR F 298 -28.97 38.31 -35.51
CA TYR F 298 -28.43 39.56 -36.03
C TYR F 298 -29.53 40.40 -36.69
N ARG F 299 -30.31 39.79 -37.56
CA ARG F 299 -31.37 40.50 -38.25
C ARG F 299 -32.51 40.93 -37.33
N LYS F 300 -32.65 40.25 -36.19
CA LYS F 300 -33.71 40.57 -35.25
C LYS F 300 -33.41 41.73 -34.31
N TYR F 301 -32.15 41.96 -33.98
CA TYR F 301 -31.79 43.03 -33.05
C TYR F 301 -30.90 44.13 -33.61
N PHE F 302 -30.34 43.92 -34.80
CA PHE F 302 -29.47 44.93 -35.37
C PHE F 302 -29.96 45.50 -36.70
N THR G 13 -32.88 -4.19 24.25
CA THR G 13 -33.06 -4.73 22.87
C THR G 13 -31.89 -4.30 21.98
N ASP G 14 -31.04 -5.26 21.61
CA ASP G 14 -29.90 -4.94 20.75
C ASP G 14 -30.40 -4.58 19.36
N MET G 15 -30.17 -3.32 18.98
CA MET G 15 -30.63 -2.80 17.71
C MET G 15 -29.78 -3.05 16.47
N LYS G 16 -28.74 -3.87 16.58
CA LYS G 16 -27.90 -4.15 15.41
C LYS G 16 -28.64 -4.99 14.38
N GLY G 17 -28.33 -4.79 13.10
CA GLY G 17 -29.00 -5.57 12.07
C GLY G 17 -29.40 -4.82 10.81
N ILE G 18 -30.10 -5.54 9.93
CA ILE G 18 -30.59 -5.03 8.66
C ILE G 18 -32.05 -4.56 8.77
N TYR G 19 -32.29 -3.29 8.47
CA TYR G 19 -33.65 -2.74 8.55
C TYR G 19 -34.14 -2.23 7.21
N SER G 20 -35.39 -2.53 6.88
CA SER G 20 -35.97 -2.02 5.65
C SER G 20 -36.72 -0.73 6.02
N ALA G 21 -36.48 0.34 5.27
CA ALA G 21 -37.21 1.59 5.52
C ALA G 21 -38.57 1.24 4.94
N LEU G 22 -39.51 0.91 5.81
CA LEU G 22 -40.86 0.48 5.40
C LEU G 22 -41.60 1.36 4.41
N LEU G 23 -41.96 0.75 3.28
CA LEU G 23 -42.71 1.38 2.21
C LEU G 23 -44.18 1.30 2.63
N VAL G 24 -44.99 2.27 2.20
CA VAL G 24 -46.42 2.25 2.55
C VAL G 24 -47.29 2.09 1.30
N SER G 25 -48.37 1.34 1.43
CA SER G 25 -49.27 1.11 0.32
C SER G 25 -50.41 2.12 0.32
N PHE G 26 -50.63 2.78 -0.82
CA PHE G 26 -51.71 3.76 -0.95
C PHE G 26 -52.61 3.34 -2.10
N ASP G 27 -53.91 3.67 -2.01
CA ASP G 27 -54.83 3.33 -3.09
C ASP G 27 -54.70 4.41 -4.17
N LYS G 28 -55.54 4.32 -5.20
CA LYS G 28 -55.48 5.27 -6.31
C LYS G 28 -55.79 6.71 -5.90
N GLU G 29 -56.53 6.85 -4.79
CA GLU G 29 -56.91 8.16 -4.27
C GLU G 29 -55.83 8.75 -3.36
N GLY G 30 -54.79 7.96 -3.06
CA GLY G 30 -53.71 8.43 -2.22
C GLY G 30 -53.87 8.14 -0.75
N ASN G 31 -54.90 7.38 -0.39
CA ASN G 31 -55.15 7.04 1.00
C ASN G 31 -54.55 5.67 1.33
N ILE G 32 -54.17 5.49 2.59
CA ILE G 32 -53.54 4.24 3.04
C ILE G 32 -54.35 2.97 2.81
N ASN G 33 -53.71 1.98 2.18
CA ASN G 33 -54.34 0.68 1.94
C ASN G 33 -53.75 -0.20 3.03
N GLU G 34 -54.47 -0.34 4.13
CA GLU G 34 -53.98 -1.11 5.28
C GLU G 34 -53.68 -2.58 5.02
N LYS G 35 -54.47 -3.23 4.16
CA LYS G 35 -54.20 -4.64 3.85
C LYS G 35 -52.86 -4.67 3.12
N GLY G 36 -52.70 -3.77 2.16
CA GLY G 36 -51.46 -3.69 1.41
C GLY G 36 -50.28 -3.41 2.32
N LEU G 37 -50.45 -2.50 3.28
CA LEU G 37 -49.36 -2.19 4.20
C LEU G 37 -48.95 -3.45 4.96
N ARG G 38 -49.92 -4.20 5.43
CA ARG G 38 -49.63 -5.40 6.17
C ARG G 38 -48.89 -6.41 5.30
N GLN G 39 -49.22 -6.44 4.01
CA GLN G 39 -48.54 -7.36 3.09
C GLN G 39 -47.10 -6.96 2.87
N ILE G 40 -46.83 -5.65 2.79
CA ILE G 40 -45.46 -5.19 2.61
C ILE G 40 -44.65 -5.60 3.85
N ILE G 41 -45.26 -5.45 5.02
CA ILE G 41 -44.62 -5.80 6.29
C ILE G 41 -44.30 -7.29 6.31
N ARG G 42 -45.30 -8.12 6.01
CA ARG G 42 -45.12 -9.57 5.99
C ARG G 42 -44.06 -10.00 4.99
N HIS G 43 -43.99 -9.29 3.86
CA HIS G 43 -43.01 -9.61 2.82
C HIS G 43 -41.59 -9.33 3.32
N ASN G 44 -41.40 -8.20 3.99
CA ASN G 44 -40.10 -7.85 4.51
C ASN G 44 -39.63 -8.91 5.50
N ILE G 45 -40.55 -9.35 6.34
CA ILE G 45 -40.22 -10.35 7.35
C ILE G 45 -40.04 -11.77 6.79
N ASP G 46 -41.06 -12.24 6.08
CA ASP G 46 -41.05 -13.60 5.54
C ASP G 46 -40.20 -13.88 4.30
N VAL G 47 -40.09 -12.89 3.42
CA VAL G 47 -39.31 -13.09 2.20
C VAL G 47 -37.95 -12.39 2.22
N CYS G 48 -37.93 -11.14 2.66
CA CYS G 48 -36.67 -10.40 2.70
C CYS G 48 -35.81 -10.75 3.90
N LYS G 49 -36.40 -11.40 4.89
CA LYS G 49 -35.68 -11.82 6.09
C LYS G 49 -35.01 -10.68 6.86
N VAL G 50 -35.62 -9.50 6.86
CA VAL G 50 -35.02 -8.37 7.58
C VAL G 50 -35.04 -8.55 9.10
N ASP G 51 -34.05 -7.95 9.78
CA ASP G 51 -33.96 -8.00 11.23
C ASP G 51 -34.97 -7.06 11.89
N GLY G 52 -35.37 -6.04 11.15
CA GLY G 52 -36.30 -5.08 11.72
C GLY G 52 -36.89 -4.14 10.67
N LEU G 53 -37.73 -3.23 11.12
CA LEU G 53 -38.35 -2.25 10.22
C LEU G 53 -38.15 -0.83 10.74
N TYR G 54 -37.82 0.08 9.84
CA TYR G 54 -37.63 1.49 10.19
C TYR G 54 -38.94 2.10 9.67
N VAL G 55 -39.85 2.41 10.58
CA VAL G 55 -41.17 2.94 10.22
C VAL G 55 -41.26 4.47 10.28
N GLY G 56 -41.92 5.06 9.28
CA GLY G 56 -42.10 6.51 9.26
C GLY G 56 -40.99 7.31 8.62
N GLY G 57 -40.17 6.64 7.82
CA GLY G 57 -39.07 7.31 7.16
C GLY G 57 -39.43 7.95 5.83
N SER G 58 -38.43 8.51 5.17
CA SER G 58 -38.60 9.15 3.89
C SER G 58 -39.22 8.18 2.89
N THR G 59 -38.76 6.94 2.94
CA THR G 59 -39.21 5.87 2.06
C THR G 59 -40.69 5.55 2.21
N GLY G 60 -41.22 5.76 3.40
CA GLY G 60 -42.62 5.50 3.65
C GLY G 60 -43.48 6.68 3.24
N GLU G 61 -42.87 7.65 2.55
CA GLU G 61 -43.57 8.85 2.10
C GLU G 61 -44.17 9.57 3.31
N ASN G 62 -43.48 9.44 4.44
CA ASN G 62 -43.90 10.01 5.71
C ASN G 62 -44.20 11.50 5.74
N PHE G 63 -43.35 12.30 5.11
CA PHE G 63 -43.53 13.73 5.15
C PHE G 63 -44.65 14.31 4.29
N MET G 64 -45.38 13.43 3.60
CA MET G 64 -46.52 13.84 2.79
C MET G 64 -47.81 13.48 3.51
N LEU G 65 -47.67 12.90 4.70
CA LEU G 65 -48.81 12.44 5.50
C LEU G 65 -49.22 13.31 6.69
N SER G 66 -50.45 13.12 7.15
CA SER G 66 -50.96 13.86 8.29
C SER G 66 -50.57 13.06 9.52
N THR G 67 -50.68 13.69 10.69
CA THR G 67 -50.31 13.04 11.94
C THR G 67 -51.15 11.80 12.21
N ASP G 68 -52.42 11.85 11.85
CA ASP G 68 -53.31 10.71 12.05
C ASP G 68 -52.88 9.49 11.23
N GLU G 69 -52.48 9.74 9.98
CA GLU G 69 -52.03 8.64 9.12
C GLU G 69 -50.72 8.06 9.65
N LYS G 70 -49.81 8.91 10.10
CA LYS G 70 -48.54 8.45 10.65
C LYS G 70 -48.82 7.50 11.82
N LYS G 71 -49.75 7.90 12.69
CA LYS G 71 -50.11 7.08 13.86
C LYS G 71 -50.70 5.75 13.42
N ARG G 72 -51.62 5.79 12.44
CA ARG G 72 -52.22 4.56 11.94
C ARG G 72 -51.13 3.61 11.43
N ILE G 73 -50.15 4.14 10.71
CA ILE G 73 -49.07 3.30 10.20
C ILE G 73 -48.25 2.69 11.35
N PHE G 74 -47.93 3.50 12.37
CA PHE G 74 -47.18 2.99 13.51
C PHE G 74 -47.93 1.87 14.22
N GLU G 75 -49.25 2.03 14.35
CA GLU G 75 -50.08 1.02 14.99
C GLU G 75 -50.13 -0.26 14.16
N ILE G 76 -50.26 -0.11 12.85
CA ILE G 76 -50.33 -1.27 11.97
C ILE G 76 -49.04 -2.08 11.98
N ALA G 77 -47.92 -1.39 11.90
CA ALA G 77 -46.62 -2.04 11.89
C ALA G 77 -46.43 -2.87 13.17
N LYS G 78 -46.72 -2.26 14.32
CA LYS G 78 -46.57 -2.94 15.59
C LYS G 78 -47.52 -4.12 15.73
N ASP G 79 -48.76 -3.95 15.32
CA ASP G 79 -49.74 -5.02 15.41
C ASP G 79 -49.38 -6.20 14.53
N GLU G 80 -48.90 -5.91 13.32
CA GLU G 80 -48.54 -6.98 12.39
C GLU G 80 -47.26 -7.68 12.81
N VAL G 81 -46.28 -6.90 13.26
CA VAL G 81 -45.01 -7.46 13.67
C VAL G 81 -45.05 -8.10 15.06
N LYS G 82 -45.67 -7.38 16.01
CA LYS G 82 -45.74 -7.83 17.38
C LYS G 82 -44.33 -7.91 17.96
N GLU G 83 -43.80 -9.11 18.16
CA GLU G 83 -42.46 -9.25 18.72
C GLU G 83 -41.52 -10.00 17.79
N GLU G 84 -41.95 -10.23 16.55
CA GLU G 84 -41.16 -10.95 15.56
C GLU G 84 -39.80 -10.32 15.28
N ILE G 85 -39.82 -9.05 14.89
CA ILE G 85 -38.58 -8.33 14.58
C ILE G 85 -38.50 -6.99 15.31
N LYS G 86 -37.36 -6.33 15.17
CA LYS G 86 -37.13 -5.04 15.81
C LYS G 86 -37.88 -3.92 15.10
N LEU G 87 -38.19 -2.86 15.83
CA LEU G 87 -38.90 -1.74 15.26
C LEU G 87 -38.36 -0.39 15.74
N ILE G 88 -38.07 0.47 14.77
CA ILE G 88 -37.58 1.82 15.05
C ILE G 88 -38.60 2.79 14.43
N ALA G 89 -39.07 3.74 15.23
CA ALA G 89 -40.05 4.71 14.74
C ALA G 89 -39.40 6.06 14.45
N GLN G 90 -39.48 6.50 13.20
CA GLN G 90 -38.93 7.80 12.82
C GLN G 90 -40.06 8.77 13.16
N VAL G 91 -39.83 9.61 14.15
CA VAL G 91 -40.87 10.56 14.58
C VAL G 91 -40.49 12.01 14.32
N GLY G 92 -39.35 12.20 13.65
CA GLY G 92 -38.87 13.54 13.36
C GLY G 92 -39.82 14.38 12.52
N SER G 93 -39.73 15.69 12.70
CA SER G 93 -40.60 16.62 11.99
C SER G 93 -40.18 18.07 12.24
N VAL G 94 -40.62 18.96 11.36
CA VAL G 94 -40.33 20.38 11.50
C VAL G 94 -41.16 20.88 12.69
N ASN G 95 -42.22 20.16 13.00
CA ASN G 95 -43.12 20.46 14.11
C ASN G 95 -42.64 19.63 15.30
N LEU G 96 -41.86 20.25 16.18
CA LEU G 96 -41.34 19.56 17.35
C LEU G 96 -42.45 18.99 18.24
N LYS G 97 -43.59 19.68 18.29
CA LYS G 97 -44.70 19.19 19.10
C LYS G 97 -45.21 17.87 18.55
N GLU G 98 -45.24 17.75 17.22
CA GLU G 98 -45.69 16.51 16.61
C GLU G 98 -44.66 15.41 16.88
N ALA G 99 -43.38 15.76 16.81
CA ALA G 99 -42.32 14.77 17.06
C ALA G 99 -42.45 14.21 18.47
N VAL G 100 -42.68 15.10 19.45
CA VAL G 100 -42.84 14.68 20.85
C VAL G 100 -44.09 13.80 20.97
N GLU G 101 -45.18 14.21 20.33
CA GLU G 101 -46.41 13.44 20.36
C GLU G 101 -46.19 12.04 19.79
N LEU G 102 -45.49 11.98 18.66
CA LEU G 102 -45.22 10.69 18.02
C LEU G 102 -44.22 9.87 18.81
N ALA G 103 -43.28 10.53 19.47
CA ALA G 103 -42.29 9.82 20.28
C ALA G 103 -42.99 9.09 21.42
N LYS G 104 -43.93 9.77 22.07
CA LYS G 104 -44.68 9.17 23.18
C LYS G 104 -45.60 8.06 22.66
N PHE G 105 -46.30 8.36 21.56
CA PHE G 105 -47.22 7.39 20.95
C PHE G 105 -46.53 6.07 20.62
N THR G 106 -45.40 6.15 19.93
CA THR G 106 -44.67 4.95 19.54
C THR G 106 -44.01 4.27 20.74
N THR G 107 -43.58 5.05 21.71
CA THR G 107 -42.96 4.47 22.90
C THR G 107 -44.04 3.65 23.61
N ASP G 108 -45.24 4.22 23.70
CA ASP G 108 -46.36 3.53 24.34
C ASP G 108 -46.70 2.25 23.58
N LEU G 109 -46.59 2.29 22.26
CA LEU G 109 -46.88 1.12 21.44
C LEU G 109 -45.87 0.00 21.65
N GLY G 110 -44.68 0.35 22.14
CA GLY G 110 -43.67 -0.66 22.38
C GLY G 110 -42.53 -0.67 21.39
N TYR G 111 -42.38 0.39 20.60
CA TYR G 111 -41.27 0.45 19.65
C TYR G 111 -39.94 0.34 20.37
N ASP G 112 -39.03 -0.45 19.81
CA ASP G 112 -37.72 -0.69 20.41
C ASP G 112 -36.82 0.54 20.50
N ALA G 113 -37.07 1.52 19.64
CA ALA G 113 -36.29 2.74 19.63
C ALA G 113 -36.96 3.74 18.71
N ILE G 114 -36.56 5.00 18.81
CA ILE G 114 -37.10 6.03 17.95
C ILE G 114 -35.95 6.71 17.24
N SER G 115 -36.26 7.40 16.16
CA SER G 115 -35.27 8.10 15.37
C SER G 115 -35.87 9.43 14.97
N ALA G 116 -35.01 10.40 14.69
CA ALA G 116 -35.52 11.72 14.31
C ALA G 116 -34.64 12.40 13.28
N VAL G 117 -35.25 12.76 12.15
CA VAL G 117 -34.52 13.45 11.10
C VAL G 117 -34.21 14.86 11.60
N THR G 118 -33.12 15.42 11.08
CA THR G 118 -32.73 16.77 11.45
C THR G 118 -33.84 17.73 11.03
N PRO G 119 -34.22 18.66 11.91
CA PRO G 119 -35.28 19.61 11.53
C PRO G 119 -34.86 20.38 10.27
N PHE G 120 -35.77 20.46 9.29
CA PHE G 120 -35.48 21.12 8.02
C PHE G 120 -36.36 22.34 7.66
N TYR G 121 -36.24 22.78 6.42
CA TYR G 121 -36.95 23.95 5.89
C TYR G 121 -36.34 25.22 6.46
N TYR G 122 -36.56 25.46 7.75
CA TYR G 122 -35.99 26.63 8.41
C TYR G 122 -34.54 26.30 8.68
N LYS G 123 -33.69 27.34 8.76
CA LYS G 123 -32.26 27.12 9.02
C LYS G 123 -31.97 27.19 10.52
N PHE G 124 -31.90 26.02 11.15
CA PHE G 124 -31.62 25.95 12.59
C PHE G 124 -30.12 25.81 12.84
N ASP G 125 -29.62 26.45 13.90
CA ASP G 125 -28.19 26.32 14.21
C ASP G 125 -28.04 25.08 15.08
N PHE G 126 -26.80 24.67 15.31
CA PHE G 126 -26.57 23.46 16.09
C PHE G 126 -27.21 23.48 17.47
N GLU G 127 -27.11 24.61 18.16
CA GLU G 127 -27.71 24.73 19.48
C GLU G 127 -29.20 24.35 19.43
N GLU G 128 -29.89 24.85 18.42
CA GLU G 128 -31.31 24.57 18.24
C GLU G 128 -31.56 23.11 17.85
N ILE G 129 -30.66 22.54 17.04
CA ILE G 129 -30.81 21.17 16.63
C ILE G 129 -30.61 20.27 17.85
N LYS G 130 -29.69 20.68 18.73
CA LYS G 130 -29.41 19.93 19.94
C LYS G 130 -30.63 20.01 20.87
N HIS G 131 -31.25 21.18 20.93
CA HIS G 131 -32.42 21.35 21.77
C HIS G 131 -33.53 20.44 21.24
N TYR G 132 -33.64 20.40 19.92
CA TYR G 132 -34.62 19.58 19.22
C TYR G 132 -34.51 18.12 19.65
N TYR G 133 -33.31 17.56 19.55
CA TYR G 133 -33.10 16.16 19.91
C TYR G 133 -33.30 15.86 21.39
N ASN G 134 -32.81 16.74 22.26
CA ASN G 134 -32.98 16.52 23.69
C ASN G 134 -34.46 16.58 24.09
N THR G 135 -35.20 17.52 23.53
CA THR G 135 -36.62 17.64 23.86
C THR G 135 -37.36 16.34 23.53
N ILE G 136 -37.04 15.77 22.38
CA ILE G 136 -37.67 14.53 21.96
C ILE G 136 -37.33 13.34 22.87
N ILE G 137 -36.06 12.99 22.97
CA ILE G 137 -35.68 11.84 23.78
C ILE G 137 -35.91 11.99 25.29
N ASN G 138 -35.83 13.21 25.81
CA ASN G 138 -36.04 13.42 27.24
C ASN G 138 -37.52 13.39 27.62
N SER G 139 -38.39 13.29 26.61
CA SER G 139 -39.83 13.25 26.87
C SER G 139 -40.34 11.81 26.97
N VAL G 140 -39.48 10.84 26.70
CA VAL G 140 -39.91 9.45 26.75
C VAL G 140 -38.86 8.51 27.30
N ASP G 141 -39.30 7.34 27.76
CA ASP G 141 -38.38 6.34 28.27
C ASP G 141 -38.08 5.43 27.09
N ASN G 142 -37.13 5.86 26.27
CA ASN G 142 -36.75 5.10 25.10
C ASN G 142 -35.33 5.49 24.71
N ARG G 143 -34.92 5.05 23.52
CA ARG G 143 -33.58 5.34 23.01
C ARG G 143 -33.73 5.96 21.62
N LEU G 144 -32.93 6.97 21.31
CA LEU G 144 -33.03 7.64 20.02
C LEU G 144 -31.82 7.50 19.10
N ILE G 145 -32.13 7.41 17.81
CA ILE G 145 -31.12 7.31 16.76
C ILE G 145 -31.25 8.56 15.89
N ILE G 146 -30.14 9.23 15.62
CA ILE G 146 -30.14 10.43 14.79
C ILE G 146 -30.26 10.07 13.31
N TYR G 147 -31.12 10.80 12.59
CA TYR G 147 -31.31 10.60 11.16
C TYR G 147 -30.78 11.87 10.49
N SER G 148 -29.62 11.75 9.85
CA SER G 148 -28.95 12.90 9.19
C SER G 148 -29.40 13.36 7.80
N ILE G 149 -29.40 12.44 6.83
CA ILE G 149 -29.79 12.71 5.45
C ILE G 149 -29.57 14.15 4.93
N PRO G 150 -28.30 14.52 4.69
CA PRO G 150 -27.95 15.86 4.20
C PRO G 150 -28.48 16.14 2.80
N PHE G 151 -28.51 15.10 1.97
CA PHE G 151 -28.98 15.18 0.59
C PHE G 151 -30.41 15.74 0.43
N LEU G 152 -31.25 15.54 1.44
CA LEU G 152 -32.62 16.03 1.39
C LEU G 152 -32.88 17.21 2.33
N THR G 153 -32.11 17.29 3.42
CA THR G 153 -32.27 18.36 4.41
C THR G 153 -31.31 19.52 4.22
N GLY G 154 -30.14 19.25 3.66
CA GLY G 154 -29.16 20.30 3.48
C GLY G 154 -28.44 20.57 4.78
N VAL G 155 -28.72 19.76 5.79
CA VAL G 155 -28.10 19.90 7.10
C VAL G 155 -26.86 19.02 7.24
N ASP G 156 -25.71 19.66 7.46
CA ASP G 156 -24.45 18.95 7.63
C ASP G 156 -23.86 19.25 9.00
N MET G 157 -23.49 18.20 9.73
CA MET G 157 -22.92 18.36 11.05
C MET G 157 -21.52 17.77 11.14
N SER G 158 -20.66 18.42 11.91
CA SER G 158 -19.28 17.99 12.09
C SER G 158 -19.20 16.85 13.09
N LEU G 159 -17.99 16.33 13.27
CA LEU G 159 -17.74 15.24 14.21
C LEU G 159 -18.02 15.71 15.64
N ASP G 160 -17.53 16.90 15.97
CA ASP G 160 -17.73 17.45 17.32
C ASP G 160 -19.20 17.75 17.63
N GLN G 161 -19.99 18.01 16.61
CA GLN G 161 -21.41 18.30 16.82
C GLN G 161 -22.10 16.99 17.18
N PHE G 162 -21.66 15.89 16.58
CA PHE G 162 -22.24 14.60 16.89
C PHE G 162 -21.82 14.23 18.31
N GLY G 163 -20.62 14.65 18.69
CA GLY G 163 -20.12 14.37 20.02
C GLY G 163 -20.99 14.96 21.11
N GLU G 164 -21.44 16.20 20.91
CA GLU G 164 -22.28 16.86 21.90
C GLU G 164 -23.62 16.15 22.04
N LEU G 165 -24.20 15.76 20.91
CA LEU G 165 -25.48 15.05 20.93
C LEU G 165 -25.31 13.71 21.64
N PHE G 166 -24.24 12.99 21.32
CA PHE G 166 -23.99 11.69 21.93
C PHE G 166 -23.67 11.80 23.41
N GLU G 167 -23.65 13.02 23.92
CA GLU G 167 -23.38 13.23 25.34
C GLU G 167 -24.59 12.75 26.13
N ASN G 168 -25.73 12.66 25.45
CA ASN G 168 -26.97 12.20 26.05
C ASN G 168 -26.94 10.67 25.88
N GLU G 169 -26.91 9.96 27.00
CA GLU G 169 -26.85 8.49 26.95
C GLU G 169 -28.06 7.81 26.31
N LYS G 170 -29.17 8.52 26.13
CA LYS G 170 -30.33 7.89 25.51
C LYS G 170 -30.27 7.94 23.99
N ILE G 171 -29.38 8.79 23.47
CA ILE G 171 -29.16 8.90 22.03
C ILE G 171 -28.07 7.85 21.77
N ILE G 172 -28.51 6.65 21.37
CA ILE G 172 -27.62 5.52 21.15
C ILE G 172 -26.88 5.37 19.82
N GLY G 173 -27.19 6.22 18.84
CA GLY G 173 -26.51 6.08 17.57
C GLY G 173 -26.98 7.01 16.47
N VAL G 174 -26.63 6.68 15.24
CA VAL G 174 -27.01 7.51 14.11
C VAL G 174 -27.15 6.74 12.82
N LYS G 175 -28.07 7.19 11.97
CA LYS G 175 -28.26 6.59 10.66
C LYS G 175 -27.57 7.57 9.74
N PHE G 176 -26.38 7.19 9.27
CA PHE G 176 -25.59 8.03 8.40
C PHE G 176 -25.94 7.81 6.95
N THR G 177 -26.85 8.63 6.42
CA THR G 177 -27.25 8.51 5.03
C THR G 177 -26.57 9.59 4.20
N ALA G 178 -25.25 9.47 4.09
CA ALA G 178 -24.42 10.39 3.35
C ALA G 178 -23.30 9.57 2.71
N ALA G 179 -22.49 10.21 1.87
CA ALA G 179 -21.40 9.53 1.19
C ALA G 179 -20.04 9.95 1.76
N ASP G 180 -20.05 10.64 2.89
CA ASP G 180 -18.83 11.11 3.52
C ASP G 180 -18.21 9.99 4.35
N PHE G 181 -17.41 9.13 3.71
CA PHE G 181 -16.80 8.01 4.41
C PHE G 181 -15.68 8.43 5.36
N TYR G 182 -15.17 9.64 5.21
CA TYR G 182 -14.12 10.14 6.09
C TYR G 182 -14.77 10.40 7.44
N LEU G 183 -15.91 11.11 7.42
CA LEU G 183 -16.63 11.38 8.65
C LEU G 183 -17.14 10.08 9.26
N LEU G 184 -17.53 9.14 8.41
CA LEU G 184 -18.03 7.85 8.87
C LEU G 184 -16.93 7.13 9.67
N GLU G 185 -15.74 7.07 9.09
CA GLU G 185 -14.62 6.42 9.75
C GLU G 185 -14.31 7.10 11.08
N ARG G 186 -14.37 8.43 11.09
CA ARG G 186 -14.11 9.20 12.31
C ARG G 186 -15.13 8.91 13.40
N MET G 187 -16.40 8.76 13.03
CA MET G 187 -17.43 8.48 14.01
C MET G 187 -17.28 7.06 14.58
N ARG G 188 -16.91 6.11 13.74
CA ARG G 188 -16.72 4.73 14.19
C ARG G 188 -15.59 4.65 15.22
N LYS G 189 -14.55 5.45 15.00
CA LYS G 189 -13.39 5.44 15.89
C LYS G 189 -13.63 6.26 17.16
N THR G 190 -14.30 7.40 17.01
CA THR G 190 -14.57 8.27 18.14
C THR G 190 -15.69 7.77 19.05
N PHE G 191 -16.68 7.10 18.48
CA PHE G 191 -17.80 6.60 19.27
C PHE G 191 -17.95 5.08 19.17
N PRO G 192 -17.01 4.34 19.74
CA PRO G 192 -17.02 2.87 19.72
C PRO G 192 -18.22 2.23 20.44
N ASN G 193 -18.93 3.01 21.24
CA ASN G 193 -20.09 2.46 21.96
C ASN G 193 -21.43 2.95 21.43
N LYS G 194 -21.42 3.53 20.23
CA LYS G 194 -22.66 4.01 19.64
C LYS G 194 -22.96 3.19 18.40
N LEU G 195 -24.23 3.15 18.02
CA LEU G 195 -24.64 2.41 16.84
C LEU G 195 -24.52 3.31 15.62
N ILE G 196 -23.97 2.76 14.54
CA ILE G 196 -23.83 3.52 13.31
C ILE G 196 -24.49 2.71 12.20
N PHE G 197 -25.49 3.32 11.57
CA PHE G 197 -26.21 2.66 10.50
C PHE G 197 -25.95 3.29 9.13
N ALA G 198 -25.75 2.46 8.13
CA ALA G 198 -25.51 2.92 6.77
C ALA G 198 -26.88 3.17 6.11
N GLY G 199 -27.00 4.31 5.43
CA GLY G 199 -28.25 4.65 4.79
C GLY G 199 -28.23 4.61 3.27
N PHE G 200 -27.08 4.31 2.68
CA PHE G 200 -26.96 4.24 1.21
C PHE G 200 -26.77 2.81 0.68
N ASP G 201 -27.89 2.21 0.29
CA ASP G 201 -27.94 0.85 -0.24
C ASP G 201 -26.86 0.52 -1.27
N GLU G 202 -26.63 1.42 -2.22
CA GLU G 202 -25.64 1.16 -3.25
C GLU G 202 -24.19 1.27 -2.79
N MET G 203 -23.97 1.64 -1.53
CA MET G 203 -22.61 1.76 -1.00
C MET G 203 -22.53 0.93 0.28
N MET G 204 -23.31 -0.14 0.35
CA MET G 204 -23.32 -0.97 1.54
C MET G 204 -21.98 -1.61 1.88
N LEU G 205 -21.31 -2.17 0.87
CA LEU G 205 -20.01 -2.81 1.09
C LEU G 205 -18.99 -1.82 1.65
N PRO G 206 -18.77 -0.70 0.95
CA PRO G 206 -17.78 0.30 1.41
C PRO G 206 -18.06 0.78 2.83
N ALA G 207 -19.34 0.93 3.17
CA ALA G 207 -19.72 1.39 4.50
C ALA G 207 -19.57 0.29 5.55
N THR G 208 -19.80 -0.95 5.14
CA THR G 208 -19.69 -2.07 6.07
C THR G 208 -18.27 -2.33 6.54
N VAL G 209 -17.30 -2.12 5.65
CA VAL G 209 -15.91 -2.34 6.02
C VAL G 209 -15.42 -1.30 7.03
N LEU G 210 -16.22 -0.25 7.24
CA LEU G 210 -15.87 0.78 8.21
C LEU G 210 -16.47 0.50 9.58
N GLY G 211 -17.00 -0.71 9.76
CA GLY G 211 -17.56 -1.10 11.04
C GLY G 211 -18.97 -0.70 11.42
N VAL G 212 -19.83 -0.44 10.44
CA VAL G 212 -21.20 -0.07 10.75
C VAL G 212 -21.88 -1.24 11.46
N ASP G 213 -22.86 -0.91 12.30
CA ASP G 213 -23.58 -1.90 13.07
C ASP G 213 -24.78 -2.46 12.35
N GLY G 214 -24.97 -2.04 11.10
CA GLY G 214 -26.10 -2.51 10.34
C GLY G 214 -26.47 -1.49 9.28
N ALA G 215 -27.63 -1.68 8.66
CA ALA G 215 -28.07 -0.77 7.62
C ALA G 215 -29.57 -0.60 7.62
N ILE G 216 -30.01 0.56 7.13
CA ILE G 216 -31.43 0.89 7.03
C ILE G 216 -31.59 1.34 5.59
N GLY G 217 -32.33 0.58 4.80
CA GLY G 217 -32.48 0.94 3.39
C GLY G 217 -33.85 0.78 2.77
N SER G 218 -34.11 1.60 1.75
CA SER G 218 -35.38 1.59 1.04
C SER G 218 -35.50 0.41 0.08
N THR G 219 -34.41 0.07 -0.62
CA THR G 219 -34.47 -1.02 -1.57
C THR G 219 -34.55 -2.40 -0.90
N PHE G 220 -34.43 -2.45 0.42
CA PHE G 220 -34.51 -3.72 1.14
C PHE G 220 -35.92 -4.29 1.14
N ASN G 221 -36.91 -3.43 0.88
CA ASN G 221 -38.30 -3.86 0.84
C ASN G 221 -38.47 -4.97 -0.19
N VAL G 222 -37.56 -5.04 -1.16
CA VAL G 222 -37.61 -6.09 -2.18
C VAL G 222 -36.28 -6.85 -2.32
N ASN G 223 -35.17 -6.19 -1.99
CA ASN G 223 -33.85 -6.80 -2.12
C ASN G 223 -33.15 -7.09 -0.78
N GLY G 224 -33.94 -7.32 0.26
CA GLY G 224 -33.39 -7.59 1.59
C GLY G 224 -32.43 -8.78 1.69
N VAL G 225 -32.66 -9.82 0.91
CA VAL G 225 -31.79 -10.99 0.96
C VAL G 225 -30.38 -10.63 0.49
N ARG G 226 -30.25 -10.08 -0.71
CA ARG G 226 -28.95 -9.71 -1.22
C ARG G 226 -28.25 -8.74 -0.28
N ALA G 227 -29.04 -7.87 0.36
CA ALA G 227 -28.50 -6.89 1.30
C ALA G 227 -27.86 -7.59 2.50
N ARG G 228 -28.54 -8.62 3.02
CA ARG G 228 -28.00 -9.37 4.15
C ARG G 228 -26.74 -10.10 3.67
N GLN G 229 -26.77 -10.59 2.44
CA GLN G 229 -25.62 -11.29 1.87
C GLN G 229 -24.39 -10.38 1.83
N ILE G 230 -24.58 -9.16 1.33
CA ILE G 230 -23.48 -8.21 1.26
C ILE G 230 -22.95 -7.94 2.66
N PHE G 231 -23.87 -7.66 3.58
CA PHE G 231 -23.51 -7.36 4.97
C PHE G 231 -22.79 -8.53 5.66
N GLU G 232 -23.40 -9.70 5.59
CA GLU G 232 -22.85 -10.90 6.21
C GLU G 232 -21.50 -11.32 5.60
N LEU G 233 -21.43 -11.39 4.28
CA LEU G 233 -20.19 -11.76 3.61
C LEU G 233 -19.05 -10.83 3.99
N THR G 234 -19.33 -9.53 4.01
CA THR G 234 -18.31 -8.55 4.35
C THR G 234 -17.80 -8.77 5.78
N LYS G 235 -18.71 -9.04 6.70
CA LYS G 235 -18.32 -9.26 8.09
C LYS G 235 -17.42 -10.49 8.22
N ASN G 236 -17.56 -11.43 7.29
CA ASN G 236 -16.75 -12.64 7.33
C ASN G 236 -15.50 -12.47 6.47
N GLU G 237 -15.33 -11.25 5.96
CA GLU G 237 -14.19 -10.86 5.11
C GLU G 237 -14.11 -11.54 3.75
N LYS G 238 -15.29 -11.80 3.18
CA LYS G 238 -15.39 -12.39 1.86
C LYS G 238 -15.77 -11.22 0.96
N ILE G 239 -14.84 -10.27 0.83
CA ILE G 239 -15.05 -9.06 0.04
C ILE G 239 -15.30 -9.32 -1.44
N SER G 240 -14.58 -10.27 -2.02
CA SER G 240 -14.74 -10.61 -3.43
C SER G 240 -16.16 -11.10 -3.70
N GLU G 241 -16.66 -11.97 -2.83
CA GLU G 241 -18.01 -12.49 -2.99
C GLU G 241 -19.01 -11.37 -2.70
N ALA G 242 -18.72 -10.57 -1.68
CA ALA G 242 -19.61 -9.46 -1.31
C ALA G 242 -19.74 -8.47 -2.45
N LEU G 243 -18.61 -8.13 -3.08
CA LEU G 243 -18.60 -7.18 -4.18
C LEU G 243 -19.45 -7.68 -5.36
N GLU G 244 -19.42 -8.99 -5.60
CA GLU G 244 -20.20 -9.55 -6.69
C GLU G 244 -21.68 -9.30 -6.44
N VAL G 245 -22.09 -9.44 -5.18
CA VAL G 245 -23.49 -9.22 -4.80
C VAL G 245 -23.81 -7.73 -4.88
N GLN G 246 -22.82 -6.89 -4.58
CA GLN G 246 -23.03 -5.44 -4.64
C GLN G 246 -23.21 -5.03 -6.10
N HIS G 247 -22.51 -5.71 -7.01
CA HIS G 247 -22.62 -5.41 -8.45
C HIS G 247 -24.03 -5.71 -8.94
N VAL G 248 -24.54 -6.88 -8.58
CA VAL G 248 -25.88 -7.28 -8.99
C VAL G 248 -26.90 -6.33 -8.36
N THR G 249 -26.70 -6.04 -7.08
CA THR G 249 -27.59 -5.15 -6.37
C THR G 249 -27.63 -3.76 -7.02
N ASN G 250 -26.47 -3.25 -7.42
CA ASN G 250 -26.41 -1.93 -8.05
C ASN G 250 -26.94 -1.92 -9.47
N ASP G 251 -26.96 -3.09 -10.12
CA ASP G 251 -27.54 -3.14 -11.45
C ASP G 251 -29.03 -2.91 -11.20
N LEU G 252 -29.59 -3.64 -10.24
CA LEU G 252 -31.00 -3.54 -9.89
C LEU G 252 -31.37 -2.12 -9.49
N ILE G 253 -30.60 -1.54 -8.59
CA ILE G 253 -30.85 -0.18 -8.12
C ILE G 253 -30.78 0.83 -9.26
N THR G 254 -29.81 0.65 -10.14
CA THR G 254 -29.65 1.53 -11.29
C THR G 254 -30.93 1.49 -12.14
N ASP G 255 -31.45 0.29 -12.40
CA ASP G 255 -32.67 0.16 -13.21
C ASP G 255 -33.87 0.75 -12.47
N ILE G 256 -33.94 0.51 -11.17
CA ILE G 256 -35.03 1.03 -10.36
C ILE G 256 -35.01 2.56 -10.39
N LEU G 257 -33.83 3.15 -10.20
CA LEU G 257 -33.69 4.60 -10.22
C LEU G 257 -34.11 5.18 -11.57
N GLY G 258 -33.65 4.55 -12.65
CA GLY G 258 -34.01 5.02 -13.97
C GLY G 258 -35.49 4.93 -14.30
N ASN G 259 -36.20 3.98 -13.69
CA ASN G 259 -37.62 3.80 -13.97
C ASN G 259 -38.55 4.54 -12.98
N GLY G 260 -37.97 5.11 -11.93
CA GLY G 260 -38.77 5.80 -10.93
C GLY G 260 -38.73 4.97 -9.66
N LEU G 261 -37.88 5.40 -8.73
CA LEU G 261 -37.64 4.70 -7.47
C LEU G 261 -38.82 4.09 -6.72
N TYR G 262 -39.66 4.91 -6.11
CA TYR G 262 -40.78 4.38 -5.33
C TYR G 262 -41.80 3.58 -6.12
N GLN G 263 -42.19 4.07 -7.29
CA GLN G 263 -43.17 3.36 -8.11
C GLN G 263 -42.66 1.98 -8.54
N THR G 264 -41.39 1.89 -8.90
CA THR G 264 -40.83 0.62 -9.35
C THR G 264 -40.75 -0.40 -8.22
N ILE G 265 -40.32 0.01 -7.04
CA ILE G 265 -40.24 -0.94 -5.93
C ILE G 265 -41.64 -1.48 -5.68
N LYS G 266 -42.64 -0.62 -5.72
CA LYS G 266 -44.01 -1.05 -5.48
C LYS G 266 -44.50 -1.96 -6.59
N LEU G 267 -44.12 -1.66 -7.83
CA LEU G 267 -44.54 -2.50 -8.94
C LEU G 267 -43.88 -3.86 -8.84
N LEU G 268 -42.64 -3.89 -8.33
CA LEU G 268 -41.92 -5.14 -8.17
C LEU G 268 -42.58 -5.99 -7.09
N LEU G 269 -43.16 -5.34 -6.09
CA LEU G 269 -43.87 -6.05 -5.03
C LEU G 269 -45.20 -6.57 -5.56
N GLU G 270 -45.88 -5.78 -6.39
CA GLU G 270 -47.16 -6.22 -6.95
C GLU G 270 -46.94 -7.49 -7.79
N GLU G 271 -45.80 -7.56 -8.47
CA GLU G 271 -45.50 -8.74 -9.28
C GLU G 271 -45.53 -9.99 -8.40
N GLN G 272 -45.24 -9.80 -7.11
CA GLN G 272 -45.21 -10.91 -6.17
C GLN G 272 -46.51 -11.08 -5.38
N GLY G 273 -47.55 -10.36 -5.79
CA GLY G 273 -48.82 -10.46 -5.10
C GLY G 273 -48.95 -9.55 -3.89
N VAL G 274 -47.96 -8.71 -3.63
CA VAL G 274 -48.02 -7.78 -2.51
C VAL G 274 -48.69 -6.51 -3.04
N GLU G 275 -49.82 -6.13 -2.44
CA GLU G 275 -50.54 -4.94 -2.88
C GLU G 275 -49.82 -3.67 -2.44
N ALA G 276 -48.63 -3.44 -2.98
CA ALA G 276 -47.85 -2.27 -2.59
C ALA G 276 -48.54 -0.99 -3.07
N GLY G 277 -49.35 -1.11 -4.12
CA GLY G 277 -50.13 0.00 -4.63
C GLY G 277 -49.46 1.20 -5.28
N TYR G 278 -50.12 2.35 -5.15
CA TYR G 278 -49.66 3.62 -5.73
C TYR G 278 -48.83 4.45 -4.78
N CYS G 279 -48.24 5.50 -5.33
CA CYS G 279 -47.47 6.44 -4.55
C CYS G 279 -48.42 7.58 -4.22
N ARG G 280 -48.08 8.33 -3.19
CA ARG G 280 -48.90 9.46 -2.74
C ARG G 280 -48.70 10.66 -3.68
N GLN G 281 -49.79 11.21 -4.21
CA GLN G 281 -49.66 12.40 -5.08
C GLN G 281 -48.98 13.48 -4.25
N PRO G 282 -48.25 14.41 -4.89
CA PRO G 282 -48.00 14.53 -6.33
C PRO G 282 -46.97 13.61 -6.99
N MET G 283 -46.53 12.55 -6.31
CA MET G 283 -45.60 11.65 -6.99
C MET G 283 -46.45 11.04 -8.10
N LYS G 284 -45.91 10.97 -9.30
CA LYS G 284 -46.68 10.47 -10.43
C LYS G 284 -47.08 8.99 -10.39
N GLU G 285 -48.15 8.70 -11.11
CA GLU G 285 -48.67 7.35 -11.21
C GLU G 285 -47.78 6.71 -12.27
N ALA G 286 -47.47 5.43 -12.13
CA ALA G 286 -46.61 4.77 -13.10
C ALA G 286 -47.30 4.71 -14.47
N THR G 287 -46.52 4.96 -15.52
CA THR G 287 -47.04 4.91 -16.89
C THR G 287 -46.97 3.47 -17.37
N ASP G 288 -47.56 3.19 -18.53
CA ASP G 288 -47.51 1.84 -19.08
C ASP G 288 -46.07 1.46 -19.42
N GLU G 289 -45.28 2.45 -19.80
CA GLU G 289 -43.88 2.21 -20.13
C GLU G 289 -43.15 1.81 -18.83
N MET G 290 -43.49 2.47 -17.73
CA MET G 290 -42.90 2.18 -16.43
C MET G 290 -43.33 0.80 -15.95
N LYS G 291 -44.61 0.48 -16.16
CA LYS G 291 -45.14 -0.81 -15.75
C LYS G 291 -44.47 -1.93 -16.56
N SER G 292 -44.33 -1.72 -17.86
CA SER G 292 -43.70 -2.70 -18.73
C SER G 292 -42.26 -2.92 -18.33
N ARG G 293 -41.54 -1.82 -18.11
CA ARG G 293 -40.14 -1.87 -17.71
C ARG G 293 -39.95 -2.57 -16.35
N ALA G 294 -40.91 -2.37 -15.43
CA ALA G 294 -40.84 -3.00 -14.12
C ALA G 294 -40.94 -4.51 -14.26
N LYS G 295 -41.68 -4.96 -15.26
CA LYS G 295 -41.87 -6.38 -15.54
C LYS G 295 -40.52 -6.97 -15.95
N GLU G 296 -39.80 -6.22 -16.80
CA GLU G 296 -38.49 -6.64 -17.28
C GLU G 296 -37.49 -6.70 -16.13
N ILE G 297 -37.56 -5.73 -15.23
CA ILE G 297 -36.65 -5.69 -14.08
C ILE G 297 -36.89 -6.91 -13.21
N TYR G 298 -38.16 -7.25 -13.00
CA TYR G 298 -38.51 -8.40 -12.17
C TYR G 298 -37.92 -9.70 -12.74
N ARG G 299 -38.11 -9.91 -14.04
CA ARG G 299 -37.60 -11.11 -14.69
C ARG G 299 -36.08 -11.19 -14.69
N LYS G 300 -35.42 -10.03 -14.66
CA LYS G 300 -33.97 -10.01 -14.67
C LYS G 300 -33.28 -10.25 -13.33
N TYR G 301 -33.89 -9.80 -12.24
CA TYR G 301 -33.26 -9.94 -10.92
C TYR G 301 -33.98 -10.83 -9.93
N PHE G 302 -35.14 -11.36 -10.31
CA PHE G 302 -35.88 -12.21 -9.38
C PHE G 302 -36.31 -13.55 -9.99
N THR H 13 -61.07 41.06 -6.55
CA THR H 13 -60.29 42.01 -5.71
C THR H 13 -58.88 42.20 -6.27
N ASP H 14 -58.50 43.45 -6.55
CA ASP H 14 -57.16 43.76 -7.07
C ASP H 14 -56.16 43.48 -5.96
N MET H 15 -55.25 42.55 -6.22
CA MET H 15 -54.28 42.15 -5.22
C MET H 15 -52.94 42.88 -5.12
N LYS H 16 -52.74 43.92 -5.94
CA LYS H 16 -51.48 44.64 -5.88
C LYS H 16 -51.32 45.39 -4.55
N GLY H 17 -50.09 45.56 -4.11
CA GLY H 17 -49.86 46.28 -2.86
C GLY H 17 -48.81 45.67 -1.96
N ILE H 18 -48.67 46.25 -0.78
CA ILE H 18 -47.70 45.79 0.21
C ILE H 18 -48.36 44.92 1.27
N TYR H 19 -47.87 43.68 1.40
CA TYR H 19 -48.40 42.73 2.36
C TYR H 19 -47.34 42.32 3.37
N SER H 20 -47.71 42.26 4.64
CA SER H 20 -46.76 41.80 5.64
C SER H 20 -46.99 40.30 5.76
N ALA H 21 -45.92 39.52 5.80
CA ALA H 21 -46.05 38.08 5.97
C ALA H 21 -46.31 37.98 7.47
N LEU H 22 -47.57 37.80 7.83
CA LEU H 22 -47.99 37.76 9.23
C LEU H 22 -47.24 36.85 10.20
N LEU H 23 -46.76 37.47 11.28
CA LEU H 23 -46.06 36.74 12.33
C LEU H 23 -47.14 36.23 13.27
N VAL H 24 -46.83 35.17 14.02
CA VAL H 24 -47.80 34.61 14.95
C VAL H 24 -47.24 34.70 16.35
N SER H 25 -48.11 34.98 17.33
CA SER H 25 -47.68 35.08 18.72
C SER H 25 -47.83 33.75 19.43
N PHE H 26 -46.79 33.29 20.10
CA PHE H 26 -46.81 32.05 20.87
C PHE H 26 -46.33 32.33 22.30
N ASP H 27 -46.75 31.52 23.25
CA ASP H 27 -46.27 31.72 24.62
C ASP H 27 -45.01 30.87 24.74
N LYS H 28 -44.43 30.86 25.94
CA LYS H 28 -43.20 30.11 26.19
C LYS H 28 -43.35 28.61 25.93
N GLU H 29 -44.56 28.10 26.15
CA GLU H 29 -44.84 26.68 25.95
C GLU H 29 -45.05 26.39 24.47
N GLY H 30 -45.34 27.42 23.68
CA GLY H 30 -45.57 27.23 22.27
C GLY H 30 -47.04 27.32 21.88
N ASN H 31 -47.89 27.65 22.83
CA ASN H 31 -49.32 27.76 22.53
C ASN H 31 -49.55 29.06 21.79
N ILE H 32 -50.51 29.05 20.88
CA ILE H 32 -50.87 30.25 20.13
C ILE H 32 -51.47 31.25 21.12
N ASN H 33 -51.01 32.50 21.05
CA ASN H 33 -51.53 33.55 21.91
C ASN H 33 -52.50 34.33 21.04
N GLU H 34 -53.79 34.04 21.13
CA GLU H 34 -54.76 34.74 20.29
C GLU H 34 -54.79 36.25 20.47
N LYS H 35 -54.75 36.71 21.72
CA LYS H 35 -54.77 38.15 21.95
C LYS H 35 -53.54 38.79 21.30
N GLY H 36 -52.39 38.15 21.47
CA GLY H 36 -51.16 38.65 20.88
C GLY H 36 -51.21 38.67 19.37
N LEU H 37 -51.75 37.61 18.79
CA LEU H 37 -51.86 37.52 17.33
C LEU H 37 -52.74 38.66 16.82
N ARG H 38 -53.84 38.92 17.52
CA ARG H 38 -54.74 40.00 17.12
C ARG H 38 -54.05 41.37 17.26
N GLN H 39 -53.12 41.48 18.20
CA GLN H 39 -52.39 42.74 18.40
C GLN H 39 -51.39 42.94 17.25
N ILE H 40 -50.77 41.85 16.80
CA ILE H 40 -49.82 41.92 15.70
C ILE H 40 -50.58 42.35 14.45
N ILE H 41 -51.78 41.80 14.29
CA ILE H 41 -52.63 42.13 13.15
C ILE H 41 -53.02 43.62 13.16
N ARG H 42 -53.51 44.10 14.30
CA ARG H 42 -53.92 45.49 14.41
C ARG H 42 -52.75 46.43 14.14
N HIS H 43 -51.58 46.07 14.66
CA HIS H 43 -50.39 46.87 14.47
C HIS H 43 -50.09 47.03 12.98
N ASN H 44 -50.13 45.91 12.25
CA ASN H 44 -49.88 45.92 10.81
C ASN H 44 -50.83 46.85 10.08
N ILE H 45 -52.10 46.79 10.44
CA ILE H 45 -53.12 47.60 9.79
C ILE H 45 -53.10 49.08 10.21
N ASP H 46 -53.00 49.33 11.51
CA ASP H 46 -53.03 50.69 12.03
C ASP H 46 -51.73 51.48 12.03
N VAL H 47 -50.62 50.84 12.38
CA VAL H 47 -49.33 51.53 12.42
C VAL H 47 -48.51 51.34 11.14
N CYS H 48 -48.31 50.09 10.73
CA CYS H 48 -47.53 49.81 9.53
C CYS H 48 -48.29 50.14 8.27
N LYS H 49 -49.61 50.24 8.40
CA LYS H 49 -50.51 50.56 7.28
C LYS H 49 -50.21 49.84 5.98
N VAL H 50 -50.32 48.51 6.00
CA VAL H 50 -50.08 47.70 4.82
C VAL H 50 -51.39 47.50 4.06
N ASP H 51 -51.29 47.09 2.81
CA ASP H 51 -52.48 46.86 1.98
C ASP H 51 -53.11 45.49 2.24
N GLY H 52 -52.37 44.60 2.89
CA GLY H 52 -52.91 43.28 3.17
C GLY H 52 -51.97 42.42 3.99
N LEU H 53 -52.43 41.21 4.33
CA LEU H 53 -51.64 40.27 5.10
C LEU H 53 -51.49 38.94 4.35
N TYR H 54 -50.29 38.37 4.45
CA TYR H 54 -49.99 37.10 3.82
C TYR H 54 -49.99 36.15 5.00
N VAL H 55 -51.03 35.34 5.12
CA VAL H 55 -51.17 34.44 6.26
C VAL H 55 -50.79 32.99 5.99
N GLY H 56 -50.07 32.39 6.95
CA GLY H 56 -49.66 31.01 6.82
C GLY H 56 -48.35 30.79 6.07
N GLY H 57 -47.52 31.84 5.98
CA GLY H 57 -46.26 31.72 5.29
C GLY H 57 -45.13 31.28 6.20
N SER H 58 -43.92 31.20 5.66
CA SER H 58 -42.75 30.80 6.44
C SER H 58 -42.63 31.69 7.69
N THR H 59 -42.85 32.99 7.50
CA THR H 59 -42.76 33.97 8.58
C THR H 59 -43.72 33.65 9.72
N GLY H 60 -44.88 33.10 9.39
CA GLY H 60 -45.84 32.73 10.42
C GLY H 60 -45.51 31.40 11.07
N GLU H 61 -44.29 30.92 10.85
CA GLU H 61 -43.83 29.63 11.40
C GLU H 61 -44.83 28.53 11.05
N ASN H 62 -45.48 28.70 9.90
CA ASN H 62 -46.49 27.78 9.41
C ASN H 62 -46.13 26.29 9.43
N PHE H 63 -44.95 25.95 8.94
CA PHE H 63 -44.54 24.56 8.87
C PHE H 63 -44.14 23.88 10.17
N MET H 64 -44.28 24.61 11.28
CA MET H 64 -44.00 24.07 12.61
C MET H 64 -45.34 23.88 13.33
N LEU H 65 -46.43 24.06 12.60
CA LEU H 65 -47.77 23.96 13.16
C LEU H 65 -48.62 22.79 12.67
N SER H 66 -49.59 22.39 13.50
CA SER H 66 -50.52 21.32 13.14
C SER H 66 -51.56 21.93 12.20
N THR H 67 -52.27 21.09 11.45
CA THR H 67 -53.28 21.57 10.53
C THR H 67 -54.36 22.35 11.29
N ASP H 68 -54.74 21.86 12.46
CA ASP H 68 -55.76 22.53 13.25
C ASP H 68 -55.28 23.90 13.76
N GLU H 69 -54.00 24.02 14.04
CA GLU H 69 -53.48 25.31 14.49
C GLU H 69 -53.50 26.26 13.30
N LYS H 70 -53.16 25.77 12.11
CA LYS H 70 -53.17 26.60 10.91
C LYS H 70 -54.58 27.15 10.66
N LYS H 71 -55.59 26.31 10.84
CA LYS H 71 -56.97 26.72 10.63
C LYS H 71 -57.39 27.78 11.63
N ARG H 72 -56.93 27.63 12.87
CA ARG H 72 -57.27 28.60 13.90
C ARG H 72 -56.71 29.97 13.56
N ILE H 73 -55.47 29.99 13.07
CA ILE H 73 -54.81 31.24 12.70
C ILE H 73 -55.54 31.93 11.54
N PHE H 74 -55.97 31.16 10.55
CA PHE H 74 -56.67 31.71 9.40
C PHE H 74 -58.00 32.32 9.88
N GLU H 75 -58.64 31.63 10.81
CA GLU H 75 -59.91 32.10 11.36
C GLU H 75 -59.73 33.41 12.12
N ILE H 76 -58.72 33.46 12.98
CA ILE H 76 -58.44 34.65 13.77
C ILE H 76 -58.11 35.84 12.87
N ALA H 77 -57.19 35.64 11.94
CA ALA H 77 -56.80 36.70 11.03
C ALA H 77 -57.98 37.28 10.27
N LYS H 78 -58.82 36.41 9.71
CA LYS H 78 -59.97 36.86 8.95
C LYS H 78 -61.00 37.55 9.85
N ASP H 79 -61.10 37.11 11.10
CA ASP H 79 -62.05 37.68 12.02
C ASP H 79 -61.63 39.08 12.46
N GLU H 80 -60.34 39.24 12.75
CA GLU H 80 -59.80 40.51 13.19
C GLU H 80 -59.74 41.56 12.10
N VAL H 81 -59.41 41.13 10.88
CA VAL H 81 -59.29 42.04 9.74
C VAL H 81 -60.64 42.39 9.10
N LYS H 82 -61.54 41.41 9.05
CA LYS H 82 -62.85 41.63 8.43
C LYS H 82 -62.61 41.90 6.95
N GLU H 83 -63.00 43.08 6.50
CA GLU H 83 -62.83 43.47 5.10
C GLU H 83 -62.01 44.77 5.04
N GLU H 84 -61.26 45.05 6.09
CA GLU H 84 -60.45 46.27 6.15
C GLU H 84 -59.30 46.27 5.14
N ILE H 85 -58.56 45.18 5.08
CA ILE H 85 -57.45 45.07 4.13
C ILE H 85 -57.53 43.72 3.43
N LYS H 86 -56.67 43.51 2.43
CA LYS H 86 -56.68 42.26 1.68
C LYS H 86 -56.01 41.09 2.40
N LEU H 87 -56.40 39.88 2.02
CA LEU H 87 -55.85 38.68 2.65
C LEU H 87 -55.49 37.57 1.67
N ILE H 88 -54.29 37.04 1.81
CA ILE H 88 -53.82 35.94 0.98
C ILE H 88 -53.51 34.81 1.94
N ALA H 89 -53.96 33.60 1.63
CA ALA H 89 -53.69 32.48 2.51
C ALA H 89 -52.70 31.51 1.89
N GLN H 90 -51.59 31.27 2.58
CA GLN H 90 -50.59 30.33 2.09
C GLN H 90 -51.10 28.98 2.58
N VAL H 91 -51.44 28.11 1.64
CA VAL H 91 -51.98 26.79 1.97
C VAL H 91 -51.10 25.63 1.51
N GLY H 92 -49.95 25.96 0.92
CA GLY H 92 -49.03 24.96 0.43
C GLY H 92 -48.47 24.03 1.50
N SER H 93 -48.10 22.83 1.08
CA SER H 93 -47.58 21.82 1.99
C SER H 93 -47.08 20.59 1.23
N VAL H 94 -46.14 19.86 1.83
CA VAL H 94 -45.63 18.64 1.22
C VAL H 94 -46.80 17.65 1.13
N ASN H 95 -47.83 17.88 1.95
CA ASN H 95 -49.02 17.04 1.98
C ASN H 95 -50.10 17.73 1.13
N LEU H 96 -50.26 17.28 -0.12
CA LEU H 96 -51.24 17.86 -1.05
C LEU H 96 -52.67 17.81 -0.51
N LYS H 97 -53.01 16.73 0.19
CA LYS H 97 -54.35 16.61 0.75
C LYS H 97 -54.60 17.71 1.77
N GLU H 98 -53.58 18.03 2.58
CA GLU H 98 -53.76 19.10 3.55
C GLU H 98 -53.84 20.44 2.80
N ALA H 99 -53.07 20.58 1.72
CA ALA H 99 -53.09 21.82 0.95
C ALA H 99 -54.48 22.06 0.35
N VAL H 100 -55.08 21.01 -0.22
CA VAL H 100 -56.41 21.12 -0.78
C VAL H 100 -57.43 21.46 0.30
N GLU H 101 -57.30 20.82 1.46
CA GLU H 101 -58.22 21.08 2.57
C GLU H 101 -58.15 22.55 2.99
N LEU H 102 -56.92 23.05 3.17
CA LEU H 102 -56.73 24.44 3.58
C LEU H 102 -57.20 25.44 2.52
N ALA H 103 -57.10 25.07 1.25
CA ALA H 103 -57.55 25.95 0.17
C ALA H 103 -59.07 26.14 0.25
N LYS H 104 -59.78 25.06 0.54
CA LYS H 104 -61.24 25.10 0.64
C LYS H 104 -61.64 25.88 1.89
N PHE H 105 -60.98 25.57 3.00
CA PHE H 105 -61.25 26.25 4.27
C PHE H 105 -61.09 27.78 4.16
N THR H 106 -59.94 28.23 3.69
CA THR H 106 -59.68 29.66 3.57
C THR H 106 -60.55 30.32 2.49
N THR H 107 -60.95 29.56 1.48
CA THR H 107 -61.81 30.12 0.46
C THR H 107 -63.18 30.33 1.12
N ASP H 108 -63.58 29.37 1.94
CA ASP H 108 -64.86 29.46 2.66
C ASP H 108 -64.84 30.68 3.58
N LEU H 109 -63.69 30.95 4.17
CA LEU H 109 -63.54 32.09 5.08
C LEU H 109 -63.54 33.45 4.37
N GLY H 110 -63.41 33.42 3.05
CA GLY H 110 -63.41 34.65 2.29
C GLY H 110 -62.04 35.25 1.99
N TYR H 111 -60.98 34.43 2.03
CA TYR H 111 -59.66 34.97 1.73
C TYR H 111 -59.66 35.38 0.26
N ASP H 112 -59.16 36.59 -0.01
CA ASP H 112 -59.13 37.14 -1.36
C ASP H 112 -58.34 36.33 -2.38
N ALA H 113 -57.45 35.47 -1.90
CA ALA H 113 -56.66 34.62 -2.80
C ALA H 113 -55.84 33.65 -1.97
N ILE H 114 -55.36 32.60 -2.61
CA ILE H 114 -54.52 31.64 -1.91
C ILE H 114 -53.16 31.59 -2.57
N SER H 115 -52.21 30.95 -1.90
CA SER H 115 -50.84 30.84 -2.39
C SER H 115 -50.31 29.48 -1.95
N ALA H 116 -49.38 28.92 -2.72
CA ALA H 116 -48.83 27.62 -2.35
C ALA H 116 -47.35 27.47 -2.70
N VAL H 117 -46.54 27.20 -1.68
CA VAL H 117 -45.12 26.99 -1.88
C VAL H 117 -44.97 25.74 -2.73
N THR H 118 -43.86 25.63 -3.45
CA THR H 118 -43.63 24.44 -4.26
C THR H 118 -43.36 23.29 -3.28
N PRO H 119 -43.88 22.10 -3.58
CA PRO H 119 -43.66 20.97 -2.66
C PRO H 119 -42.15 20.71 -2.46
N PHE H 120 -41.76 20.45 -1.22
CA PHE H 120 -40.35 20.23 -0.92
C PHE H 120 -39.99 18.90 -0.25
N TYR H 121 -38.78 18.85 0.29
CA TYR H 121 -38.22 17.66 0.93
C TYR H 121 -37.96 16.59 -0.12
N TYR H 122 -39.04 16.06 -0.70
CA TYR H 122 -38.89 15.06 -1.75
C TYR H 122 -38.54 15.79 -3.03
N LYS H 123 -37.89 15.10 -3.96
CA LYS H 123 -37.50 15.72 -5.22
C LYS H 123 -38.52 15.46 -6.33
N PHE H 124 -39.49 16.35 -6.44
CA PHE H 124 -40.56 16.25 -7.44
C PHE H 124 -40.11 16.83 -8.78
N ASP H 125 -40.52 16.22 -9.89
CA ASP H 125 -40.15 16.78 -11.19
C ASP H 125 -41.20 17.81 -11.56
N PHE H 126 -41.00 18.54 -12.65
CA PHE H 126 -41.97 19.57 -13.01
C PHE H 126 -43.39 19.04 -13.23
N GLU H 127 -43.51 17.92 -13.95
CA GLU H 127 -44.81 17.33 -14.20
C GLU H 127 -45.59 17.12 -12.90
N GLU H 128 -44.86 16.77 -11.84
CA GLU H 128 -45.49 16.53 -10.55
C GLU H 128 -45.81 17.84 -9.82
N ILE H 129 -44.98 18.85 -10.02
CA ILE H 129 -45.20 20.15 -9.39
C ILE H 129 -46.44 20.78 -10.02
N LYS H 130 -46.57 20.64 -11.34
CA LYS H 130 -47.72 21.18 -12.07
C LYS H 130 -48.99 20.48 -11.59
N HIS H 131 -48.92 19.17 -11.41
CA HIS H 131 -50.06 18.41 -10.92
C HIS H 131 -50.45 18.96 -9.55
N TYR H 132 -49.45 19.18 -8.71
CA TYR H 132 -49.64 19.72 -7.37
C TYR H 132 -50.43 21.04 -7.45
N TYR H 133 -49.89 22.01 -8.18
CA TYR H 133 -50.55 23.30 -8.31
C TYR H 133 -51.95 23.23 -8.89
N ASN H 134 -52.15 22.43 -9.93
CA ASN H 134 -53.47 22.34 -10.55
C ASN H 134 -54.52 21.67 -9.66
N THR H 135 -54.10 20.66 -8.91
CA THR H 135 -55.01 19.97 -8.00
C THR H 135 -55.55 20.93 -6.95
N ILE H 136 -54.70 21.85 -6.52
CA ILE H 136 -55.10 22.81 -5.50
C ILE H 136 -56.07 23.87 -6.04
N ILE H 137 -55.68 24.57 -7.10
CA ILE H 137 -56.55 25.61 -7.63
C ILE H 137 -57.84 25.09 -8.26
N ASN H 138 -57.79 23.93 -8.90
CA ASN H 138 -58.98 23.38 -9.52
C ASN H 138 -60.01 22.92 -8.50
N SER H 139 -59.60 22.81 -7.24
CA SER H 139 -60.49 22.36 -6.18
C SER H 139 -61.32 23.46 -5.54
N VAL H 140 -60.98 24.71 -5.80
CA VAL H 140 -61.71 25.82 -5.19
C VAL H 140 -62.04 26.96 -6.14
N ASP H 141 -62.98 27.80 -5.71
CA ASP H 141 -63.37 28.96 -6.49
C ASP H 141 -62.55 30.11 -5.92
N ASN H 142 -61.30 30.19 -6.38
CA ASN H 142 -60.42 31.24 -5.91
C ASN H 142 -59.30 31.43 -6.92
N ARG H 143 -58.32 32.24 -6.55
CA ARG H 143 -57.16 32.53 -7.39
C ARG H 143 -55.90 32.11 -6.65
N LEU H 144 -54.95 31.54 -7.38
CA LEU H 144 -53.71 31.04 -6.79
C LEU H 144 -52.43 31.80 -7.15
N ILE H 145 -51.61 32.05 -6.14
CA ILE H 145 -50.33 32.71 -6.33
C ILE H 145 -49.23 31.70 -6.02
N ILE H 146 -48.29 31.54 -6.96
CA ILE H 146 -47.18 30.61 -6.79
C ILE H 146 -46.12 31.16 -5.84
N TYR H 147 -45.68 30.33 -4.90
CA TYR H 147 -44.66 30.73 -3.93
C TYR H 147 -43.42 29.86 -4.19
N SER H 148 -42.33 30.49 -4.65
CA SER H 148 -41.09 29.77 -4.97
C SER H 148 -40.12 29.52 -3.82
N ILE H 149 -39.57 30.61 -3.26
CA ILE H 149 -38.61 30.55 -2.16
C ILE H 149 -37.55 29.44 -2.32
N PRO H 150 -36.78 29.48 -3.42
CA PRO H 150 -35.73 28.49 -3.68
C PRO H 150 -34.71 28.38 -2.54
N PHE H 151 -34.53 29.49 -1.83
CA PHE H 151 -33.61 29.57 -0.70
C PHE H 151 -33.82 28.48 0.36
N LEU H 152 -35.08 28.14 0.63
CA LEU H 152 -35.41 27.13 1.63
C LEU H 152 -35.81 25.79 1.03
N THR H 153 -36.53 25.83 -0.09
CA THR H 153 -37.00 24.61 -0.75
C THR H 153 -35.93 23.91 -1.59
N GLY H 154 -35.11 24.69 -2.29
CA GLY H 154 -34.09 24.13 -3.13
C GLY H 154 -34.67 23.81 -4.50
N VAL H 155 -35.91 24.24 -4.71
CA VAL H 155 -36.61 24.02 -5.98
C VAL H 155 -36.42 25.22 -6.93
N ASP H 156 -35.71 24.98 -8.03
CA ASP H 156 -35.45 26.01 -9.03
C ASP H 156 -36.26 25.74 -10.29
N MET H 157 -37.10 26.69 -10.68
CA MET H 157 -37.93 26.55 -11.87
C MET H 157 -37.61 27.57 -12.97
N SER H 158 -37.64 27.10 -14.21
CA SER H 158 -37.34 27.94 -15.38
C SER H 158 -38.54 28.72 -15.88
N LEU H 159 -38.27 29.71 -16.73
CA LEU H 159 -39.31 30.55 -17.33
C LEU H 159 -40.38 29.69 -18.00
N ASP H 160 -39.95 28.73 -18.81
CA ASP H 160 -40.88 27.85 -19.51
C ASP H 160 -41.74 27.03 -18.55
N GLN H 161 -41.18 26.70 -17.40
CA GLN H 161 -41.93 25.93 -16.41
C GLN H 161 -43.01 26.83 -15.80
N PHE H 162 -42.63 28.06 -15.45
CA PHE H 162 -43.57 29.01 -14.90
C PHE H 162 -44.62 29.27 -15.99
N GLY H 163 -44.19 29.24 -17.24
CA GLY H 163 -45.09 29.48 -18.35
C GLY H 163 -46.21 28.45 -18.39
N GLU H 164 -45.85 27.18 -18.19
CA GLU H 164 -46.84 26.11 -18.21
C GLU H 164 -47.83 26.31 -17.06
N LEU H 165 -47.31 26.54 -15.86
CA LEU H 165 -48.20 26.75 -14.73
C LEU H 165 -49.20 27.87 -15.06
N PHE H 166 -48.68 29.01 -15.53
CA PHE H 166 -49.53 30.16 -15.87
C PHE H 166 -50.57 29.94 -16.95
N GLU H 167 -50.55 28.77 -17.58
CA GLU H 167 -51.52 28.48 -18.61
C GLU H 167 -52.91 28.42 -17.95
N ASN H 168 -52.92 28.17 -16.65
CA ASN H 168 -54.17 28.10 -15.88
C ASN H 168 -54.58 29.50 -15.45
N GLU H 169 -55.67 29.99 -16.02
CA GLU H 169 -56.20 31.32 -15.74
C GLU H 169 -56.47 31.65 -14.27
N LYS H 170 -56.67 30.63 -13.43
CA LYS H 170 -56.94 30.88 -12.02
C LYS H 170 -55.63 31.09 -11.25
N ILE H 171 -54.52 30.82 -11.92
CA ILE H 171 -53.21 31.03 -11.34
C ILE H 171 -52.83 32.43 -11.83
N ILE H 172 -53.04 33.42 -10.96
CA ILE H 172 -52.82 34.82 -11.29
C ILE H 172 -51.43 35.43 -11.11
N GLY H 173 -50.57 34.77 -10.35
CA GLY H 173 -49.24 35.36 -10.17
C GLY H 173 -48.24 34.51 -9.43
N VAL H 174 -47.12 35.13 -9.08
CA VAL H 174 -46.06 34.45 -8.37
C VAL H 174 -45.37 35.34 -7.35
N LYS H 175 -44.98 34.72 -6.24
CA LYS H 175 -44.27 35.40 -5.17
C LYS H 175 -42.84 34.90 -5.35
N PHE H 176 -42.01 35.78 -5.92
CA PHE H 176 -40.62 35.48 -6.24
C PHE H 176 -39.63 35.82 -5.11
N THR H 177 -39.33 34.84 -4.27
CA THR H 177 -38.39 35.05 -3.17
C THR H 177 -37.04 34.44 -3.57
N ALA H 178 -36.33 35.16 -4.44
CA ALA H 178 -35.02 34.73 -4.93
C ALA H 178 -34.27 35.95 -5.45
N ALA H 179 -32.94 35.81 -5.58
CA ALA H 179 -32.12 36.93 -6.06
C ALA H 179 -31.85 36.87 -7.55
N ASP H 180 -32.59 36.04 -8.28
CA ASP H 180 -32.40 35.93 -9.72
C ASP H 180 -33.20 37.03 -10.43
N PHE H 181 -32.60 38.20 -10.56
CA PHE H 181 -33.27 39.31 -11.23
C PHE H 181 -33.37 39.11 -12.73
N TYR H 182 -32.58 38.18 -13.27
CA TYR H 182 -32.60 37.90 -14.70
C TYR H 182 -33.95 37.21 -14.96
N LEU H 183 -34.23 36.17 -14.18
CA LEU H 183 -35.49 35.44 -14.33
C LEU H 183 -36.66 36.38 -14.02
N LEU H 184 -36.51 37.24 -13.02
CA LEU H 184 -37.57 38.18 -12.67
C LEU H 184 -37.91 39.07 -13.87
N GLU H 185 -36.88 39.66 -14.47
CA GLU H 185 -37.07 40.54 -15.63
C GLU H 185 -37.76 39.78 -16.76
N ARG H 186 -37.39 38.51 -16.92
CA ARG H 186 -37.98 37.67 -17.96
C ARG H 186 -39.47 37.40 -17.71
N MET H 187 -39.82 37.11 -16.47
CA MET H 187 -41.22 36.84 -16.18
C MET H 187 -42.06 38.11 -16.31
N ARG H 188 -41.50 39.23 -15.87
CA ARG H 188 -42.22 40.50 -15.96
C ARG H 188 -42.57 40.78 -17.42
N LYS H 189 -41.62 40.50 -18.31
CA LYS H 189 -41.82 40.72 -19.74
C LYS H 189 -42.72 39.69 -20.40
N THR H 190 -42.50 38.43 -20.06
CA THR H 190 -43.28 37.32 -20.63
C THR H 190 -44.70 37.20 -20.13
N PHE H 191 -44.96 37.62 -18.90
CA PHE H 191 -46.31 37.53 -18.34
C PHE H 191 -46.78 38.89 -17.85
N PRO H 192 -47.04 39.81 -18.79
CA PRO H 192 -47.49 41.16 -18.46
C PRO H 192 -48.82 41.22 -17.72
N ASN H 193 -49.64 40.20 -17.85
CA ASN H 193 -50.93 40.19 -17.16
C ASN H 193 -51.02 39.29 -15.93
N LYS H 194 -49.85 38.97 -15.38
CA LYS H 194 -49.78 38.14 -14.18
C LYS H 194 -49.13 38.97 -13.07
N LEU H 195 -49.52 38.69 -11.83
CA LEU H 195 -48.97 39.42 -10.69
C LEU H 195 -47.61 38.87 -10.28
N ILE H 196 -46.70 39.77 -9.92
CA ILE H 196 -45.36 39.37 -9.46
C ILE H 196 -45.04 40.12 -8.17
N PHE H 197 -44.84 39.36 -7.10
CA PHE H 197 -44.50 39.94 -5.80
C PHE H 197 -43.05 39.67 -5.43
N ALA H 198 -42.38 40.71 -4.96
CA ALA H 198 -41.00 40.59 -4.52
C ALA H 198 -41.03 39.97 -3.12
N GLY H 199 -40.13 39.02 -2.88
CA GLY H 199 -40.09 38.37 -1.59
C GLY H 199 -38.90 38.74 -0.73
N PHE H 200 -37.96 39.50 -1.28
CA PHE H 200 -36.77 39.89 -0.52
C PHE H 200 -36.77 41.37 -0.13
N ASP H 201 -37.11 41.59 1.13
CA ASP H 201 -37.20 42.92 1.73
C ASP H 201 -35.98 43.79 1.47
N GLU H 202 -34.80 43.21 1.65
CA GLU H 202 -33.54 43.92 1.46
C GLU H 202 -33.19 44.22 0.00
N MET H 203 -34.03 43.78 -0.93
CA MET H 203 -33.81 44.00 -2.36
C MET H 203 -35.06 44.60 -2.99
N MET H 204 -35.86 45.26 -2.16
CA MET H 204 -37.10 45.85 -2.64
C MET H 204 -36.90 46.85 -3.78
N LEU H 205 -35.92 47.75 -3.64
CA LEU H 205 -35.68 48.76 -4.67
C LEU H 205 -35.32 48.14 -6.05
N PRO H 206 -34.31 47.26 -6.10
CA PRO H 206 -34.01 46.69 -7.42
C PRO H 206 -35.14 45.86 -8.02
N ALA H 207 -35.98 45.27 -7.17
CA ALA H 207 -37.10 44.47 -7.65
C ALA H 207 -38.20 45.39 -8.17
N THR H 208 -38.43 46.49 -7.47
CA THR H 208 -39.47 47.43 -7.87
C THR H 208 -39.22 48.03 -9.25
N VAL H 209 -37.96 48.31 -9.56
CA VAL H 209 -37.61 48.90 -10.85
C VAL H 209 -37.85 47.94 -11.99
N LEU H 210 -38.01 46.65 -11.66
CA LEU H 210 -38.24 45.65 -12.68
C LEU H 210 -39.74 45.42 -12.91
N GLY H 211 -40.56 46.21 -12.22
CA GLY H 211 -42.00 46.10 -12.40
C GLY H 211 -42.84 45.19 -11.51
N VAL H 212 -42.38 44.86 -10.31
CA VAL H 212 -43.20 44.00 -9.45
C VAL H 212 -44.50 44.72 -9.10
N ASP H 213 -45.55 43.94 -8.85
CA ASP H 213 -46.87 44.47 -8.54
C ASP H 213 -47.11 44.69 -7.06
N GLY H 214 -46.09 44.45 -6.26
CA GLY H 214 -46.22 44.64 -4.83
C GLY H 214 -45.15 43.85 -4.13
N ALA H 215 -45.25 43.78 -2.81
CA ALA H 215 -44.25 43.06 -2.03
C ALA H 215 -44.89 42.36 -0.85
N ILE H 216 -44.31 41.21 -0.50
CA ILE H 216 -44.75 40.41 0.63
C ILE H 216 -43.47 40.20 1.46
N GLY H 217 -43.42 40.78 2.65
CA GLY H 217 -42.24 40.64 3.47
C GLY H 217 -42.46 40.46 4.96
N SER H 218 -41.48 39.82 5.59
CA SER H 218 -41.53 39.57 7.02
C SER H 218 -41.21 40.81 7.85
N THR H 219 -40.31 41.65 7.34
CA THR H 219 -39.91 42.84 8.08
C THR H 219 -40.97 43.93 8.08
N PHE H 220 -41.93 43.84 7.15
CA PHE H 220 -43.00 44.83 7.07
C PHE H 220 -43.84 44.86 8.35
N ASN H 221 -43.75 43.80 9.15
CA ASN H 221 -44.50 43.73 10.40
C ASN H 221 -44.10 44.89 11.31
N VAL H 222 -42.86 45.36 11.16
CA VAL H 222 -42.39 46.48 11.98
C VAL H 222 -41.92 47.67 11.14
N ASN H 223 -41.47 47.39 9.92
CA ASN H 223 -40.95 48.44 9.04
C ASN H 223 -41.85 48.75 7.83
N GLY H 224 -43.14 48.45 7.96
CA GLY H 224 -44.07 48.69 6.87
C GLY H 224 -44.10 50.09 6.28
N VAL H 225 -43.83 51.10 7.08
CA VAL H 225 -43.84 52.48 6.60
C VAL H 225 -42.69 52.74 5.63
N ARG H 226 -41.47 52.46 6.04
CA ARG H 226 -40.32 52.66 5.16
C ARG H 226 -40.49 51.83 3.89
N ALA H 227 -40.95 50.60 4.04
CA ALA H 227 -41.15 49.72 2.89
C ALA H 227 -42.07 50.34 1.85
N ARG H 228 -43.13 51.00 2.31
CA ARG H 228 -44.05 51.64 1.38
C ARG H 228 -43.37 52.87 0.76
N GLN H 229 -42.50 53.53 1.52
CA GLN H 229 -41.79 54.71 1.01
C GLN H 229 -40.88 54.28 -0.15
N ILE H 230 -40.09 53.23 0.07
CA ILE H 230 -39.20 52.73 -0.97
C ILE H 230 -40.02 52.47 -2.24
N PHE H 231 -41.02 51.62 -2.11
CA PHE H 231 -41.89 51.24 -3.21
C PHE H 231 -42.47 52.47 -3.93
N GLU H 232 -43.07 53.38 -3.17
CA GLU H 232 -43.66 54.59 -3.73
C GLU H 232 -42.63 55.56 -4.29
N LEU H 233 -41.52 55.76 -3.59
CA LEU H 233 -40.47 56.65 -4.07
C LEU H 233 -39.93 56.13 -5.39
N THR H 234 -39.82 54.81 -5.52
CA THR H 234 -39.33 54.20 -6.75
C THR H 234 -40.33 54.44 -7.86
N LYS H 235 -41.61 54.39 -7.51
CA LYS H 235 -42.68 54.62 -8.46
C LYS H 235 -42.64 56.08 -8.92
N ASN H 236 -42.21 56.97 -8.02
CA ASN H 236 -42.11 58.38 -8.34
C ASN H 236 -40.72 58.73 -8.87
N GLU H 237 -39.92 57.69 -9.05
CA GLU H 237 -38.56 57.81 -9.56
C GLU H 237 -37.62 58.68 -8.76
N LYS H 238 -37.84 58.73 -7.45
CA LYS H 238 -36.97 59.47 -6.56
C LYS H 238 -35.98 58.39 -6.08
N ILE H 239 -35.32 57.77 -7.06
CA ILE H 239 -34.37 56.69 -6.81
C ILE H 239 -33.33 57.03 -5.75
N SER H 240 -32.82 58.26 -5.78
CA SER H 240 -31.84 58.69 -4.81
C SER H 240 -32.44 58.62 -3.40
N GLU H 241 -33.68 59.04 -3.27
CA GLU H 241 -34.35 58.99 -1.98
C GLU H 241 -34.67 57.55 -1.61
N ALA H 242 -35.21 56.81 -2.57
CA ALA H 242 -35.55 55.41 -2.37
C ALA H 242 -34.35 54.63 -1.87
N LEU H 243 -33.19 54.89 -2.48
CA LEU H 243 -31.97 54.20 -2.09
C LEU H 243 -31.59 54.49 -0.65
N GLU H 244 -31.75 55.74 -0.23
CA GLU H 244 -31.41 56.14 1.13
C GLU H 244 -32.29 55.40 2.14
N VAL H 245 -33.57 55.24 1.82
CA VAL H 245 -34.48 54.54 2.70
C VAL H 245 -34.16 53.04 2.67
N GLN H 246 -33.76 52.54 1.51
CA GLN H 246 -33.41 51.13 1.38
C GLN H 246 -32.15 50.90 2.20
N HIS H 247 -31.32 51.93 2.30
CA HIS H 247 -30.09 51.85 3.08
C HIS H 247 -30.37 51.73 4.57
N VAL H 248 -31.26 52.58 5.08
CA VAL H 248 -31.63 52.54 6.49
C VAL H 248 -32.35 51.23 6.78
N THR H 249 -33.22 50.83 5.87
CA THR H 249 -33.96 49.58 6.01
C THR H 249 -33.00 48.39 6.12
N ASN H 250 -31.95 48.40 5.31
CA ASN H 250 -30.98 47.31 5.32
C ASN H 250 -30.04 47.35 6.51
N ASP H 251 -29.90 48.52 7.14
CA ASP H 251 -29.06 48.60 8.33
C ASP H 251 -29.87 47.85 9.40
N LEU H 252 -31.18 48.08 9.36
CA LEU H 252 -32.12 47.45 10.29
C LEU H 252 -32.20 45.94 10.04
N ILE H 253 -32.40 45.57 8.77
CA ILE H 253 -32.51 44.16 8.41
C ILE H 253 -31.22 43.45 8.78
N THR H 254 -30.08 44.09 8.53
CA THR H 254 -28.79 43.50 8.88
C THR H 254 -28.70 43.22 10.38
N ASP H 255 -29.10 44.18 11.20
CA ASP H 255 -29.06 44.00 12.66
C ASP H 255 -30.01 42.89 13.12
N ILE H 256 -31.19 42.84 12.51
CA ILE H 256 -32.18 41.83 12.85
C ILE H 256 -31.67 40.42 12.53
N LEU H 257 -31.10 40.25 11.34
CA LEU H 257 -30.59 38.95 10.93
C LEU H 257 -29.44 38.53 11.85
N GLY H 258 -28.64 39.48 12.28
CA GLY H 258 -27.52 39.16 13.15
C GLY H 258 -27.92 38.82 14.58
N ASN H 259 -29.11 39.27 14.97
CA ASN H 259 -29.60 39.02 16.32
C ASN H 259 -30.64 37.88 16.35
N GLY H 260 -31.07 37.42 15.17
CA GLY H 260 -32.07 36.38 15.10
C GLY H 260 -33.35 36.95 14.52
N LEU H 261 -33.56 36.70 13.23
CA LEU H 261 -34.69 37.21 12.48
C LEU H 261 -36.09 37.24 13.12
N TYR H 262 -36.68 36.07 13.34
CA TYR H 262 -38.02 36.04 13.90
C TYR H 262 -38.13 36.49 15.36
N GLN H 263 -37.19 36.07 16.20
CA GLN H 263 -37.23 36.47 17.60
C GLN H 263 -37.08 37.98 17.71
N THR H 264 -36.19 38.56 16.92
CA THR H 264 -35.97 40.00 16.99
C THR H 264 -37.12 40.84 16.48
N ILE H 265 -37.78 40.40 15.41
CA ILE H 265 -38.92 41.17 14.91
C ILE H 265 -40.03 41.13 15.96
N LYS H 266 -40.17 39.99 16.64
CA LYS H 266 -41.18 39.87 17.68
C LYS H 266 -40.83 40.77 18.87
N LEU H 267 -39.55 40.79 19.23
CA LEU H 267 -39.09 41.65 20.32
C LEU H 267 -39.29 43.13 19.98
N LEU H 268 -39.12 43.47 18.70
CA LEU H 268 -39.29 44.85 18.24
C LEU H 268 -40.77 45.22 18.41
N LEU H 269 -41.65 44.24 18.19
CA LEU H 269 -43.07 44.43 18.35
C LEU H 269 -43.40 44.58 19.84
N GLU H 270 -42.75 43.77 20.67
CA GLU H 270 -42.96 43.84 22.12
C GLU H 270 -42.62 45.26 22.58
N GLU H 271 -41.57 45.82 22.01
CA GLU H 271 -41.13 47.18 22.35
C GLU H 271 -42.18 48.24 22.07
N GLN H 272 -43.16 47.90 21.22
CA GLN H 272 -44.22 48.84 20.89
C GLN H 272 -45.56 48.43 21.50
N GLY H 273 -45.50 47.62 22.55
CA GLY H 273 -46.71 47.17 23.22
C GLY H 273 -47.46 46.06 22.53
N VAL H 274 -46.81 45.36 21.60
CA VAL H 274 -47.45 44.25 20.89
C VAL H 274 -46.91 42.96 21.49
N GLU H 275 -47.81 42.11 21.97
CA GLU H 275 -47.40 40.85 22.59
C GLU H 275 -47.16 39.78 21.52
N ALA H 276 -46.05 39.91 20.79
CA ALA H 276 -45.70 38.96 19.74
C ALA H 276 -45.18 37.65 20.33
N GLY H 277 -44.74 37.71 21.59
CA GLY H 277 -44.27 36.53 22.27
C GLY H 277 -43.00 35.84 21.77
N TYR H 278 -42.98 34.52 21.92
CA TYR H 278 -41.84 33.70 21.52
C TYR H 278 -42.06 33.07 20.16
N CYS H 279 -41.02 32.37 19.72
CA CYS H 279 -41.05 31.63 18.49
C CYS H 279 -41.28 30.20 18.97
N ARG H 280 -41.70 29.34 18.07
CA ARG H 280 -41.94 27.95 18.41
C ARG H 280 -40.60 27.21 18.42
N GLN H 281 -40.35 26.43 19.47
CA GLN H 281 -39.10 25.66 19.53
C GLN H 281 -39.16 24.67 18.36
N PRO H 282 -38.00 24.16 17.89
CA PRO H 282 -36.64 24.44 18.35
C PRO H 282 -36.08 25.81 18.03
N MET H 283 -36.92 26.72 17.53
CA MET H 283 -36.40 28.07 17.30
C MET H 283 -36.06 28.62 18.67
N LYS H 284 -34.81 28.99 18.83
CA LYS H 284 -34.23 29.53 20.06
C LYS H 284 -35.05 30.57 20.81
N GLU H 285 -35.11 30.44 22.13
CA GLU H 285 -35.79 31.45 22.93
C GLU H 285 -34.76 32.57 23.00
N ALA H 286 -35.19 33.81 22.85
CA ALA H 286 -34.26 34.93 22.90
C ALA H 286 -33.47 35.00 24.21
N THR H 287 -32.14 35.05 24.11
CA THR H 287 -31.28 35.15 25.29
C THR H 287 -31.32 36.59 25.80
N ASP H 288 -30.78 36.82 26.99
CA ASP H 288 -30.75 38.17 27.54
C ASP H 288 -30.01 39.07 26.57
N GLU H 289 -28.89 38.58 26.06
CA GLU H 289 -28.08 39.33 25.10
C GLU H 289 -28.92 39.71 23.89
N MET H 290 -29.75 38.79 23.41
CA MET H 290 -30.61 39.05 22.25
C MET H 290 -31.68 40.08 22.58
N LYS H 291 -32.25 39.99 23.77
CA LYS H 291 -33.28 40.95 24.17
C LYS H 291 -32.63 42.32 24.30
N SER H 292 -31.43 42.35 24.85
CA SER H 292 -30.72 43.61 25.02
C SER H 292 -30.48 44.27 23.66
N ARG H 293 -29.93 43.49 22.73
CA ARG H 293 -29.64 43.99 21.39
C ARG H 293 -30.91 44.46 20.69
N ALA H 294 -32.01 43.74 20.91
CA ALA H 294 -33.28 44.11 20.28
C ALA H 294 -33.75 45.48 20.76
N LYS H 295 -33.57 45.74 22.05
CA LYS H 295 -33.98 47.03 22.61
C LYS H 295 -33.13 48.15 22.04
N GLU H 296 -31.82 47.92 21.91
CA GLU H 296 -30.95 48.94 21.34
C GLU H 296 -31.29 49.14 19.86
N ILE H 297 -31.63 48.05 19.18
CA ILE H 297 -32.01 48.14 17.76
C ILE H 297 -33.27 48.98 17.60
N TYR H 298 -34.20 48.84 18.54
CA TYR H 298 -35.44 49.59 18.49
C TYR H 298 -35.19 51.11 18.59
N ARG H 299 -34.35 51.50 19.54
CA ARG H 299 -34.01 52.90 19.74
C ARG H 299 -33.25 53.45 18.53
N LYS H 300 -32.48 52.57 17.91
CA LYS H 300 -31.68 52.92 16.75
C LYS H 300 -32.48 53.30 15.51
N TYR H 301 -33.54 52.54 15.20
CA TYR H 301 -34.32 52.78 14.00
C TYR H 301 -35.75 53.28 14.18
N PHE H 302 -36.19 53.43 15.42
CA PHE H 302 -37.56 53.86 15.66
C PHE H 302 -37.68 55.09 16.56
#